data_7Q3D
#
_entry.id   7Q3D
#
_cell.length_a   1.00
_cell.length_b   1.00
_cell.length_c   1.00
_cell.angle_alpha   90.00
_cell.angle_beta   90.00
_cell.angle_gamma   90.00
#
_symmetry.space_group_name_H-M   'P 1'
#
loop_
_entity.id
_entity.type
_entity.pdbx_description
1 polymer 'WD repeat-containing and planar cell polarity effector protein fritz homolog'
2 polymer 'Protein inturned'
3 polymer 'Protein fuzzy homolog'
#
loop_
_entity_poly.entity_id
_entity_poly.type
_entity_poly.pdbx_seq_one_letter_code
_entity_poly.pdbx_strand_id
1 'polypeptide(L)'
;MDSAWSHPQFEKGGGSGGGSGGSAWSHPQFEKSAVDLEVLFQGPGRREFCWDAYSKAAGSRASSPLPRQDRDSFCHQMSF
CLTELHLWSLKNTLHIADRDIGIYQYYDKKDPPATEHGNLEKKQKLAESRDYPWTLKNRRPEKLRDSLKELEELMQNSRC
VLSKWKNKYVCQLLFGSGVLVSLSLSGPQLEKVVIDRSLVGKLISDTISDALLTDSFIILSFLAQNKLCFIQFTKKMESS
DVNKRLEKLSALDYKIFYYEIPGPINKTTERHLAINCVHDRVVCWWPLVNDDAWPWAPISSEKDRANLLLLGYAQGRLEV
LSSVRTEWDPLDVRFGTKQPYQVFTVEHSVSVDKEPMADSCIYECIRNKIQCVSVTRIPLKSKAISCCRNVTEDKLILGC
EDSSLILYETHRRVTLLAQTELLPSLISCHPSGAILLVGSNQGELQIFDMALSPINIQLLAEDRLPRETLQFSKLFDASS
SLVQMQWIAPQVVSQKGEGSDIYDLLFLRFERGPLGVLLFKLGVFTRGQLGLIDIIFQYIHCDEIYEAINILSSMNWDTL
GHQCFISMSAIVNHLLRQKLTPEREAQLETSLGTFYAPTRPLLDSTILEYRDQISKYARRFFHHLLRYQRFEKAFLLAVD
VGARDLFMDIHYLALDKGELALAEVARKRASDIDAESITSGVELLGPLDRGDMLNEAFIGLSLAPQGEDSFPDNLPPSCP
THRHILQQRILNGSSNRQIIDRRNELEKDICSGFLMTNTCNAEDGELREDGREQEIRDGGSLKMIHFGLV
;
A
2 'polypeptide(L)'
;MGSSHHHHHHSAVDLEVLFQGPGASVASCDSRPSSDELPGDPSSQEEDEDYDFEDRVSDSGSYSSASSDYDDLEPEWLDS
VQKNGELFYLELSEDEEESLLPETPTVNHVRFSENEIIIEDDYKERKKYEPKLKQFTKILRRKRLLPKRCNKKNSNDNGP
VSILKHQSNQKTGVIVQQRYKDVNVYVNPKKLTVIKAKEQLKLLEVLVGIIHQTKWSWRRTGKQGDGERLVVHGLLPGGS
AMKSGQVLIGDVLVAVNDVDVTTENIERVLSCIPGPMQVKLTFENAYDVKRETSHPRQKKTQSNTSDLVKLLWGEEVEGI
QQSGLNTPHIIMYLTLQLDSETSKEEQEILYHYPMSEASQKLKSVRGIFLTLCDMLENVTGTQVTSSSLLLNGKQIHVAY
WKESDKLLLIGLPAEEVPLPRLRNMIENVIQTLKFMYGSLDSAFCQIENVPRLDHFFNLFFQRALQPAKLHSSASPSAQQ
YDASSAVLLDNLPGVRWLTLPLEIKMELDMALSDLEAADFAELSEDYYDMRRLYTILGSSLFYKGYLICSHLPKDDLIDI
AVYCRHYCLLPLAAKQRIGQLIIWREVFPQHHLRPLADSSTEVFPEPEGRYFLLVVGLKHYMLCVLLEAGGCASKAIGSP
GPDCVYVDQVKTTLHQLDGVDSRIDERLASSPVPCLSCADWFLTGSREKTDSLTTSPILSRLQGTSKVATSPTCRRTLFG
DYSLKTRKPSPSCSSGGSDNGCEGGEDDGFSPHTTPDAVRKQRESQGSDGLEESGTLLKVTKKKSTLPNPFHLGNLKKDL
PEKELEIYNTVKLTSGPENTLFHYVALETVQGIFITPTLEEVAQLSGSIHPQLIKNFHQCCLSIRAVFQQTLVEEKKKGL
NSGDHSDSAKSVSSLNPVKEHGVLFECSPGNWTDQKKAPPVMAYWVVGRLFLHPKPQELYVCFHDSVTEIAIEIAFKLFF
GLTL
;
B
3 'polypeptide(L)'
;MGEEGTGGTVHLLCLAASSGVPLFCRSSRGGAPARQQLPFSVIGSLNGVHMFGQNLEVQLSSARTENTTVVWKSFHDSIT
LIVLSSEVGISELRLERLLQMVFGAMVLLVGLEELTNIRNVERLKKDLRASYCLIDSFLGDSELIGDLTQCVDCVIPPEG
SLLQEALSGFAEAAGTTFVSLVVSGRVVAATEGWWRLGTPEAVLLPWLVGSLPPQTARDYPVYLPHGSPTVPHRLLTLTL
LPSLELCLLCGPSPPLSQLYPQLLERWWQPLLDPLRACLPLGPRALPSGFPLHTDILGLLLLHLELKRCLFTVEPLGDKE
PSPEQRRRLLRNFYTLVTSTHFPPEPGPPEKTEDEVYQAQLPRACYLVLGTEEPGTGVRLVALQLGLRRLLLLLSPQSPT
HGLRSLATHTLHALTPLL
;
C
#
# COMPACT_ATOMS: atom_id res chain seq x y z
N MET A 78 -11.53 6.13 -10.19
CA MET A 78 -10.93 5.38 -9.10
C MET A 78 -10.62 6.22 -7.84
N SER A 79 -10.59 7.55 -7.96
CA SER A 79 -10.46 8.45 -6.81
C SER A 79 -11.70 8.39 -5.93
N PHE A 80 -11.49 8.42 -4.61
CA PHE A 80 -12.60 8.31 -3.68
C PHE A 80 -12.32 8.98 -2.35
N CYS A 81 -13.38 9.24 -1.61
CA CYS A 81 -13.26 9.68 -0.22
C CYS A 81 -13.56 8.51 0.71
N LEU A 82 -12.81 8.43 1.80
CA LEU A 82 -12.92 7.34 2.75
C LEU A 82 -13.61 7.83 4.01
N THR A 83 -14.68 7.16 4.42
CA THR A 83 -15.48 7.64 5.52
C THR A 83 -15.80 6.57 6.56
N GLU A 84 -16.23 7.02 7.73
CA GLU A 84 -16.64 6.18 8.83
C GLU A 84 -17.93 6.71 9.44
N LEU A 85 -18.88 5.85 9.71
CA LEU A 85 -20.18 6.30 10.21
C LEU A 85 -20.39 5.97 11.68
N HIS A 86 -20.88 6.93 12.43
CA HIS A 86 -21.26 6.69 13.81
C HIS A 86 -22.76 6.82 14.00
N LEU A 87 -23.37 5.70 14.35
CA LEU A 87 -24.81 5.60 14.49
C LEU A 87 -25.15 5.64 15.98
N TRP A 88 -25.92 6.65 16.38
CA TRP A 88 -26.12 6.91 17.79
C TRP A 88 -27.27 6.16 18.42
N SER A 89 -28.09 5.53 17.61
CA SER A 89 -29.25 4.81 18.12
C SER A 89 -28.88 3.48 18.75
N LEU A 90 -29.70 3.04 19.70
CA LEU A 90 -29.48 1.79 20.42
C LEU A 90 -30.33 0.64 19.90
N LYS A 91 -31.06 0.89 18.82
CA LYS A 91 -31.99 -0.10 18.28
C LYS A 91 -31.29 -1.33 17.69
N ASN A 92 -31.90 -2.48 17.87
CA ASN A 92 -31.36 -3.74 17.40
C ASN A 92 -31.85 -4.06 16.00
N THR A 93 -32.53 -3.09 15.40
CA THR A 93 -33.02 -3.17 14.04
C THR A 93 -31.94 -2.63 13.09
N LEU A 94 -30.91 -2.05 13.67
CA LEU A 94 -29.84 -1.41 12.92
C LEU A 94 -28.78 -2.44 12.58
N HIS A 95 -29.09 -3.27 11.60
CA HIS A 95 -28.33 -4.48 11.33
C HIS A 95 -27.06 -4.23 10.56
N ILE A 96 -26.10 -3.64 11.25
CA ILE A 96 -24.78 -3.42 10.71
C ILE A 96 -24.08 -4.78 10.62
N ALA A 97 -23.49 -5.05 9.47
CA ALA A 97 -22.83 -6.33 9.24
C ALA A 97 -21.59 -6.51 10.08
N ASP A 98 -21.30 -7.75 10.44
CA ASP A 98 -20.07 -8.08 11.13
C ASP A 98 -18.88 -7.82 10.24
N ARG A 99 -17.82 -7.28 10.83
CA ARG A 99 -16.62 -6.83 10.11
C ARG A 99 -16.90 -5.61 9.24
N ASP A 100 -18.06 -4.99 9.45
CA ASP A 100 -18.32 -3.74 8.79
C ASP A 100 -17.72 -2.64 9.65
N ILE A 101 -16.41 -2.52 9.59
CA ILE A 101 -15.65 -1.65 10.46
C ILE A 101 -15.90 -0.19 10.13
N GLY A 102 -16.51 0.06 8.98
CA GLY A 102 -16.84 1.42 8.59
C GLY A 102 -18.03 1.99 9.36
N ILE A 103 -18.80 1.14 10.04
CA ILE A 103 -19.94 1.65 10.81
C ILE A 103 -19.88 1.23 12.29
N TYR A 104 -20.04 2.20 13.17
CA TYR A 104 -20.05 1.97 14.60
C TYR A 104 -21.40 2.31 15.21
N GLN A 105 -21.79 1.59 16.25
CA GLN A 105 -23.05 1.83 16.93
C GLN A 105 -22.85 1.86 18.44
N TYR A 106 -23.64 2.67 19.14
CA TYR A 106 -23.65 2.61 20.59
C TYR A 106 -24.40 1.38 21.04
N TYR A 107 -23.94 0.74 22.10
CA TYR A 107 -24.65 -0.41 22.64
C TYR A 107 -25.19 -0.20 24.04
N ASP A 108 -26.35 -0.78 24.28
CA ASP A 108 -26.97 -0.79 25.59
C ASP A 108 -26.34 -1.85 26.48
N LYS A 109 -26.49 -1.67 27.80
CA LYS A 109 -26.07 -2.65 28.80
C LYS A 109 -27.04 -3.82 28.85
N GLU A 116 -20.44 -15.27 14.55
CA GLU A 116 -19.79 -14.04 14.12
C GLU A 116 -19.53 -13.07 15.30
N HIS A 117 -19.76 -13.53 16.54
CA HIS A 117 -19.58 -12.73 17.75
C HIS A 117 -18.12 -12.30 17.92
N GLY A 118 -17.20 -13.16 17.49
CA GLY A 118 -15.80 -12.85 17.61
C GLY A 118 -15.44 -11.64 16.75
N ASN A 119 -16.21 -11.39 15.70
CA ASN A 119 -15.93 -10.25 14.85
C ASN A 119 -16.44 -9.00 15.52
N LEU A 120 -17.50 -9.16 16.30
CA LEU A 120 -18.04 -8.07 17.07
C LEU A 120 -17.05 -7.68 18.15
N GLU A 121 -16.42 -8.67 18.75
CA GLU A 121 -15.42 -8.44 19.77
C GLU A 121 -14.19 -7.78 19.18
N LYS A 122 -13.85 -8.16 17.96
CA LYS A 122 -12.73 -7.54 17.28
C LYS A 122 -13.03 -6.09 16.97
N LYS A 123 -14.29 -5.79 16.65
CA LYS A 123 -14.67 -4.40 16.44
C LYS A 123 -14.67 -3.66 17.76
N GLN A 124 -15.01 -4.36 18.85
CA GLN A 124 -14.94 -3.74 20.17
C GLN A 124 -13.52 -3.38 20.49
N LYS A 125 -12.59 -4.27 20.12
CA LYS A 125 -11.20 -3.98 20.38
C LYS A 125 -10.74 -2.77 19.61
N LEU A 126 -11.20 -2.63 18.37
CA LEU A 126 -10.80 -1.49 17.60
C LEU A 126 -11.40 -0.23 18.20
N ALA A 127 -12.66 -0.32 18.59
CA ALA A 127 -13.38 0.83 19.12
C ALA A 127 -12.81 1.28 20.45
N GLU A 128 -12.32 0.31 21.22
CA GLU A 128 -11.78 0.57 22.54
C GLU A 128 -10.28 0.90 22.52
N SER A 129 -9.58 0.46 21.47
CA SER A 129 -8.22 0.91 21.26
C SER A 129 -8.28 2.36 20.84
N ARG A 130 -9.35 2.66 20.12
CA ARG A 130 -9.80 3.99 19.79
C ARG A 130 -10.54 4.58 20.96
N ASP A 131 -10.90 5.84 20.84
CA ASP A 131 -11.53 6.60 21.89
C ASP A 131 -13.04 6.67 21.69
N TYR A 132 -13.58 5.70 20.96
CA TYR A 132 -14.99 5.68 20.59
C TYR A 132 -15.67 4.48 21.21
N PRO A 133 -16.17 4.62 22.44
CA PRO A 133 -16.57 3.56 23.35
C PRO A 133 -17.72 2.75 22.78
N TRP A 134 -17.68 1.45 23.05
CA TRP A 134 -18.73 0.55 22.61
C TRP A 134 -20.07 0.85 23.26
N THR A 135 -20.03 1.30 24.51
CA THR A 135 -21.25 1.54 25.27
C THR A 135 -21.21 2.88 25.98
N LEU A 136 -22.37 3.36 26.39
CA LEU A 136 -22.48 4.65 27.05
C LEU A 136 -22.56 4.52 28.56
N LYS A 137 -22.07 5.54 29.26
CA LYS A 137 -22.16 5.59 30.71
C LYS A 137 -23.62 5.64 31.16
N ASN A 138 -23.99 4.77 32.11
CA ASN A 138 -25.32 4.80 32.69
C ASN A 138 -25.26 5.41 34.08
N ARG A 139 -24.07 5.87 34.45
CA ARG A 139 -23.82 6.40 35.77
C ARG A 139 -24.16 7.89 35.90
N ARG A 140 -24.48 8.28 37.12
CA ARG A 140 -24.78 9.66 37.49
C ARG A 140 -23.52 10.53 37.45
N PRO A 141 -23.71 11.85 37.35
CA PRO A 141 -24.92 12.60 37.09
C PRO A 141 -25.45 12.54 35.67
N GLU A 142 -24.61 12.14 34.71
CA GLU A 142 -25.01 12.29 33.32
C GLU A 142 -26.13 11.33 32.93
N LYS A 143 -26.05 10.09 33.40
CA LYS A 143 -27.09 9.12 33.07
C LYS A 143 -27.29 9.11 31.56
N LEU A 144 -26.20 9.06 30.81
CA LEU A 144 -26.28 9.28 29.38
C LEU A 144 -27.11 8.22 28.68
N ARG A 145 -27.02 6.98 29.14
CA ARG A 145 -27.76 5.92 28.48
C ARG A 145 -29.26 6.17 28.59
N ASP A 146 -29.70 6.66 29.74
CA ASP A 146 -31.12 6.83 29.96
C ASP A 146 -31.64 8.08 29.30
N SER A 147 -30.83 9.13 29.29
CA SER A 147 -31.26 10.38 28.67
C SER A 147 -31.34 10.23 27.17
N LEU A 148 -30.42 9.44 26.61
CA LEU A 148 -30.45 9.18 25.19
C LEU A 148 -31.63 8.29 24.83
N LYS A 149 -31.94 7.34 25.70
CA LYS A 149 -33.02 6.42 25.38
C LYS A 149 -34.33 7.18 25.30
N GLU A 150 -34.49 8.19 26.16
CA GLU A 150 -35.69 9.02 26.11
C GLU A 150 -35.74 9.85 24.85
N LEU A 151 -34.58 10.30 24.37
CA LEU A 151 -34.51 11.04 23.12
C LEU A 151 -34.91 10.12 21.97
N GLU A 152 -34.45 8.89 22.01
CA GLU A 152 -34.79 7.93 20.96
C GLU A 152 -36.29 7.67 20.92
N GLU A 153 -36.92 7.62 22.09
CA GLU A 153 -38.37 7.44 22.15
C GLU A 153 -39.07 8.65 21.57
N LEU A 154 -38.50 9.82 21.82
CA LEU A 154 -39.06 11.07 21.33
C LEU A 154 -38.94 11.18 19.82
N MET A 155 -37.81 10.71 19.27
CA MET A 155 -37.61 10.69 17.83
C MET A 155 -38.58 9.76 17.12
N GLN A 156 -38.87 8.61 17.72
CA GLN A 156 -39.73 7.65 17.06
C GLN A 156 -41.21 7.99 17.18
N ASN A 157 -41.59 8.62 18.30
CA ASN A 157 -43.01 8.88 18.53
C ASN A 157 -43.46 10.30 18.18
N SER A 158 -42.54 11.15 17.73
CA SER A 158 -42.93 12.52 17.42
C SER A 158 -42.16 13.07 16.23
N ARG A 159 -42.82 13.93 15.45
CA ARG A 159 -42.17 14.62 14.34
C ARG A 159 -41.22 15.68 14.86
N CYS A 160 -40.05 15.80 14.24
CA CYS A 160 -39.11 16.85 14.63
C CYS A 160 -39.25 18.04 13.69
N VAL A 161 -39.43 19.22 14.27
CA VAL A 161 -39.65 20.40 13.44
C VAL A 161 -38.38 21.18 13.18
N LEU A 162 -37.40 21.02 14.06
CA LEU A 162 -36.15 21.74 13.94
C LEU A 162 -34.95 20.95 14.43
N SER A 163 -33.85 21.01 13.69
CA SER A 163 -32.58 20.62 14.27
C SER A 163 -31.52 21.65 13.87
N LYS A 164 -30.68 22.00 14.83
CA LYS A 164 -29.68 23.04 14.61
C LYS A 164 -28.41 22.78 15.39
N TRP A 165 -27.32 23.37 14.93
CA TRP A 165 -26.06 23.27 15.65
C TRP A 165 -25.54 24.65 16.00
N LYS A 166 -24.94 24.76 17.17
CA LYS A 166 -24.30 26.00 17.56
C LYS A 166 -22.82 25.93 17.26
N ASN A 167 -22.27 24.74 17.42
CA ASN A 167 -20.87 24.47 17.15
C ASN A 167 -20.71 23.00 16.88
N LYS A 168 -19.48 22.57 16.62
CA LYS A 168 -19.29 21.18 16.22
C LYS A 168 -19.74 20.17 17.28
N TYR A 169 -19.72 20.57 18.55
CA TYR A 169 -20.13 19.65 19.60
C TYR A 169 -21.46 19.99 20.23
N VAL A 170 -22.15 21.00 19.72
CA VAL A 170 -23.40 21.39 20.36
C VAL A 170 -24.58 21.40 19.40
N CYS A 171 -25.62 20.65 19.77
CA CYS A 171 -26.82 20.53 18.96
C CYS A 171 -28.10 20.69 19.77
N GLN A 172 -29.12 21.27 19.15
CA GLN A 172 -30.46 21.22 19.72
C GLN A 172 -31.45 20.72 18.68
N LEU A 173 -32.45 19.98 19.11
CA LEU A 173 -33.54 19.62 18.23
C LEU A 173 -34.89 19.74 18.92
N LEU A 174 -35.90 20.16 18.17
CA LEU A 174 -37.22 20.42 18.73
C LEU A 174 -38.28 19.59 18.05
N PHE A 175 -39.26 19.19 18.84
CA PHE A 175 -40.33 18.32 18.37
C PHE A 175 -41.68 19.00 18.44
N GLY A 176 -42.61 18.47 17.66
CA GLY A 176 -43.98 18.97 17.62
C GLY A 176 -44.69 18.68 18.94
N SER A 177 -44.09 17.80 19.74
CA SER A 177 -44.59 17.46 21.05
C SER A 177 -44.36 18.62 22.01
N GLY A 178 -43.48 19.55 21.63
CA GLY A 178 -43.10 20.68 22.45
C GLY A 178 -41.86 20.40 23.29
N VAL A 179 -41.32 19.20 23.19
CA VAL A 179 -40.12 18.86 23.94
C VAL A 179 -38.87 19.38 23.24
N LEU A 180 -38.03 20.09 23.99
CA LEU A 180 -36.77 20.62 23.48
C LEU A 180 -35.60 19.81 24.02
N VAL A 181 -34.75 19.35 23.11
CA VAL A 181 -33.63 18.52 23.50
C VAL A 181 -32.30 19.11 23.06
N SER A 182 -31.33 19.12 23.96
CA SER A 182 -29.98 19.54 23.59
C SER A 182 -28.98 18.45 23.92
N LEU A 183 -28.01 18.26 23.05
CA LEU A 183 -27.00 17.24 23.22
C LEU A 183 -25.60 17.78 22.94
N SER A 184 -24.62 17.14 23.55
CA SER A 184 -23.24 17.56 23.32
C SER A 184 -22.34 16.38 23.02
N LEU A 185 -21.36 16.62 22.16
CA LEU A 185 -20.48 15.61 21.61
C LEU A 185 -19.03 15.75 22.03
N SER A 186 -18.32 14.63 21.94
CA SER A 186 -16.87 14.62 21.92
C SER A 186 -16.44 13.76 20.74
N GLY A 187 -15.63 14.32 19.85
CA GLY A 187 -15.35 13.64 18.60
C GLY A 187 -16.68 13.37 17.89
N PRO A 188 -16.86 12.19 17.30
CA PRO A 188 -18.05 11.71 16.65
C PRO A 188 -19.00 11.03 17.62
N GLN A 189 -18.69 11.11 18.91
CA GLN A 189 -19.41 10.34 19.91
C GLN A 189 -20.21 11.23 20.86
N LEU A 190 -21.28 10.68 21.38
CA LEU A 190 -22.17 11.39 22.29
C LEU A 190 -21.61 11.49 23.70
N GLU A 191 -21.65 12.69 24.29
CA GLU A 191 -21.26 12.84 25.69
C GLU A 191 -22.42 13.19 26.62
N LYS A 192 -23.34 14.04 26.16
CA LYS A 192 -24.41 14.51 27.03
C LYS A 192 -25.75 14.59 26.30
N VAL A 193 -26.84 14.22 27.00
CA VAL A 193 -28.19 14.48 26.51
C VAL A 193 -29.02 15.17 27.58
N VAL A 194 -29.69 16.26 27.20
CA VAL A 194 -30.60 16.95 28.11
C VAL A 194 -32.00 17.06 27.52
N ILE A 195 -32.99 16.56 28.24
CA ILE A 195 -34.36 16.69 27.75
C ILE A 195 -35.20 17.60 28.63
N ASP A 196 -35.73 18.68 28.05
CA ASP A 196 -36.60 19.60 28.77
C ASP A 196 -38.03 19.53 28.26
N ARG A 197 -38.91 18.92 29.04
CA ARG A 197 -40.29 18.70 28.62
C ARG A 197 -41.23 19.75 29.21
N SER A 198 -40.68 20.72 29.92
CA SER A 198 -41.51 21.69 30.65
C SER A 198 -42.27 22.63 29.73
N LEU A 199 -41.81 22.77 28.49
CA LEU A 199 -42.44 23.67 27.55
C LEU A 199 -43.73 23.06 27.02
N VAL A 200 -43.88 21.76 27.17
CA VAL A 200 -44.98 21.03 26.55
C VAL A 200 -46.31 21.46 27.11
N GLY A 201 -46.38 21.72 28.40
CA GLY A 201 -47.63 22.09 29.03
C GLY A 201 -47.86 23.60 29.05
N LYS A 202 -46.91 24.37 28.52
CA LYS A 202 -47.03 25.82 28.55
C LYS A 202 -47.38 26.43 27.20
N LEU A 203 -47.01 25.75 26.13
CA LEU A 203 -47.25 26.27 24.79
C LEU A 203 -48.52 25.69 24.16
N ILE A 204 -49.57 26.51 24.08
CA ILE A 204 -50.78 26.05 23.41
C ILE A 204 -50.54 26.09 21.92
N SER A 205 -50.84 24.99 21.24
CA SER A 205 -50.55 24.92 19.83
C SER A 205 -51.38 23.90 19.08
N ASP A 206 -51.41 24.07 17.77
CA ASP A 206 -51.94 23.07 16.86
C ASP A 206 -50.91 22.75 15.79
N THR A 207 -50.32 21.56 15.84
CA THR A 207 -49.42 21.11 14.78
C THR A 207 -48.32 22.09 14.41
N ILE A 208 -47.27 22.17 15.24
CA ILE A 208 -46.15 23.04 14.87
C ILE A 208 -45.49 22.45 13.65
N SER A 209 -45.28 23.29 12.63
CA SER A 209 -44.65 22.82 11.41
C SER A 209 -43.18 23.17 11.36
N ASP A 210 -42.81 24.23 12.06
CA ASP A 210 -41.48 24.78 11.96
C ASP A 210 -41.03 25.48 13.23
N ALA A 211 -39.73 25.68 13.35
CA ALA A 211 -39.20 26.48 14.45
C ALA A 211 -37.87 27.12 14.09
N LEU A 212 -37.55 28.22 14.76
CA LEU A 212 -36.21 28.81 14.73
C LEU A 212 -35.66 28.85 16.14
N LEU A 213 -34.39 28.56 16.31
CA LEU A 213 -33.82 28.59 17.64
C LEU A 213 -32.60 29.50 17.77
N THR A 214 -32.62 30.29 18.83
CA THR A 214 -31.50 31.11 19.28
C THR A 214 -31.37 30.90 20.77
N ASP A 215 -30.29 31.38 21.37
CA ASP A 215 -30.14 31.21 22.82
C ASP A 215 -31.12 32.10 23.57
N SER A 216 -31.45 33.26 23.01
CA SER A 216 -32.36 34.17 23.69
C SER A 216 -33.83 33.84 23.42
N PHE A 217 -34.12 33.28 22.25
CA PHE A 217 -35.53 33.05 21.89
C PHE A 217 -35.79 31.93 20.88
N ILE A 218 -37.04 31.47 20.87
CA ILE A 218 -37.54 30.51 19.87
C ILE A 218 -38.75 31.05 19.11
N ILE A 219 -38.75 30.85 17.80
CA ILE A 219 -39.88 31.25 16.95
C ILE A 219 -40.62 30.00 16.48
N LEU A 220 -41.94 29.95 16.67
CA LEU A 220 -42.71 28.77 16.29
C LEU A 220 -43.81 29.07 15.28
N SER A 221 -44.07 28.11 14.40
CA SER A 221 -45.09 28.25 13.37
C SER A 221 -45.92 26.99 13.24
N PHE A 222 -47.18 27.15 12.82
CA PHE A 222 -48.18 26.11 12.90
C PHE A 222 -48.89 25.90 11.57
N LEU A 223 -49.38 24.68 11.33
CA LEU A 223 -50.08 24.39 10.07
C LEU A 223 -51.49 24.94 9.94
N ALA A 224 -52.19 25.10 11.06
CA ALA A 224 -53.60 25.47 10.98
C ALA A 224 -53.93 26.78 11.69
N GLN A 225 -52.91 27.59 11.97
CA GLN A 225 -53.14 28.80 12.74
C GLN A 225 -52.41 30.02 12.20
N ASN A 226 -52.98 31.20 12.44
CA ASN A 226 -52.25 32.45 12.23
C ASN A 226 -51.62 32.92 13.52
N LYS A 227 -51.02 31.99 14.23
CA LYS A 227 -50.30 32.34 15.42
C LYS A 227 -48.82 32.21 15.19
N LEU A 228 -48.10 33.26 15.52
CA LEU A 228 -46.66 33.19 15.55
C LEU A 228 -46.25 33.16 17.01
N CYS A 229 -45.80 32.01 17.48
CA CYS A 229 -45.53 31.91 18.91
C CYS A 229 -44.09 32.26 19.21
N PHE A 230 -43.90 33.13 20.18
CA PHE A 230 -42.59 33.66 20.48
C PHE A 230 -42.20 33.36 21.92
N ILE A 231 -41.05 32.74 22.10
CA ILE A 231 -40.59 32.40 23.42
C ILE A 231 -39.32 33.16 23.75
N GLN A 232 -39.33 33.88 24.87
CA GLN A 232 -38.12 34.56 25.31
C GLN A 232 -37.61 33.97 26.61
N PHE A 233 -36.37 33.53 26.59
CA PHE A 233 -35.76 32.92 27.76
C PHE A 233 -35.20 33.98 28.69
N THR A 234 -35.36 33.76 29.98
CA THR A 234 -34.70 34.61 30.96
C THR A 234 -33.33 34.04 31.25
N LYS A 235 -33.17 32.75 30.95
CA LYS A 235 -31.84 32.14 30.98
C LYS A 235 -31.10 32.49 29.71
N LYS A 236 -29.77 32.62 29.78
CA LYS A 236 -28.91 32.86 28.62
C LYS A 236 -29.40 34.06 27.79
N LEU A 252 -36.25 25.05 31.86
CA LEU A 252 -35.76 26.40 31.59
C LEU A 252 -36.77 27.45 32.08
N ASP A 253 -36.29 28.70 32.23
CA ASP A 253 -37.10 29.83 32.68
C ASP A 253 -37.39 30.76 31.50
N TYR A 254 -38.65 30.80 31.08
CA TYR A 254 -39.06 31.50 29.88
C TYR A 254 -40.47 32.08 29.93
N LYS A 255 -40.70 33.07 29.06
CA LYS A 255 -42.01 33.71 28.90
C LYS A 255 -42.56 33.43 27.51
N ILE A 256 -43.87 33.30 27.41
CA ILE A 256 -44.53 33.00 26.13
C ILE A 256 -45.39 34.14 25.62
N PHE A 257 -45.16 34.54 24.38
CA PHE A 257 -45.89 35.62 23.73
C PHE A 257 -46.47 35.14 22.42
N TYR A 258 -47.58 35.72 21.99
CA TYR A 258 -48.12 35.40 20.67
C TYR A 258 -48.32 36.63 19.80
N TYR A 259 -48.07 36.46 18.50
CA TYR A 259 -48.27 37.49 17.50
C TYR A 259 -49.18 36.97 16.40
N GLU A 260 -49.92 37.87 15.77
CA GLU A 260 -50.86 37.46 14.73
C GLU A 260 -50.20 37.42 13.35
N ILE A 261 -50.37 36.30 12.66
CA ILE A 261 -49.87 36.16 11.30
C ILE A 261 -50.90 36.73 10.31
N PRO A 262 -50.50 37.68 9.46
CA PRO A 262 -51.33 38.39 8.50
C PRO A 262 -51.71 37.57 7.26
N GLY A 263 -51.10 36.39 7.11
CA GLY A 263 -51.28 35.63 5.88
C GLY A 263 -52.66 34.99 5.76
N PRO A 264 -53.04 34.61 4.54
CA PRO A 264 -54.26 33.94 4.12
C PRO A 264 -54.30 32.46 4.46
N ILE A 265 -55.51 31.90 4.48
CA ILE A 265 -55.73 30.44 4.51
C ILE A 265 -54.93 29.82 5.64
N ASN A 266 -55.17 30.31 6.84
CA ASN A 266 -54.39 29.91 7.99
C ASN A 266 -54.66 28.47 8.41
N LYS A 267 -55.84 27.99 8.06
CA LYS A 267 -56.25 26.65 8.41
C LYS A 267 -55.44 25.53 7.76
N THR A 268 -54.91 25.76 6.56
CA THR A 268 -54.16 24.70 5.89
C THR A 268 -52.73 25.05 5.48
N THR A 269 -52.40 26.33 5.40
CA THR A 269 -51.13 26.73 4.80
C THR A 269 -49.92 26.44 5.69
N GLU A 270 -48.88 25.88 5.08
CA GLU A 270 -47.65 25.59 5.81
C GLU A 270 -46.70 26.78 5.80
N ARG A 271 -46.47 27.36 6.98
CA ARG A 271 -45.66 28.55 7.10
C ARG A 271 -44.22 28.24 7.52
N HIS A 272 -43.30 28.38 6.58
CA HIS A 272 -41.88 28.13 6.76
C HIS A 272 -41.17 29.33 7.38
N LEU A 273 -40.11 29.08 8.13
CA LEU A 273 -39.37 30.15 8.80
C LEU A 273 -37.89 30.17 8.42
N ALA A 274 -37.27 31.36 8.47
CA ALA A 274 -35.81 31.46 8.36
C ALA A 274 -35.26 32.64 9.18
N ILE A 275 -34.00 32.51 9.59
CA ILE A 275 -33.36 33.46 10.50
C ILE A 275 -32.03 34.01 9.97
N ASN A 276 -31.83 35.32 10.10
CA ASN A 276 -30.54 35.92 9.81
C ASN A 276 -29.52 35.65 10.91
N CYS A 277 -28.24 35.68 10.54
CA CYS A 277 -27.18 35.60 11.54
C CYS A 277 -27.24 36.85 12.40
N VAL A 278 -27.81 37.91 11.83
CA VAL A 278 -28.21 39.06 12.60
C VAL A 278 -29.62 38.77 13.08
N HIS A 279 -29.80 38.71 14.38
CA HIS A 279 -31.03 38.17 14.96
C HIS A 279 -32.18 39.14 14.88
N ASP A 280 -31.89 40.34 14.41
CA ASP A 280 -32.88 41.39 14.30
C ASP A 280 -33.79 41.18 13.09
N ARG A 281 -33.48 40.20 12.24
CA ARG A 281 -34.32 39.99 11.07
C ARG A 281 -34.68 38.52 10.83
N VAL A 282 -35.96 38.28 10.53
CA VAL A 282 -36.55 36.97 10.30
C VAL A 282 -37.50 37.00 9.10
N VAL A 283 -37.70 35.86 8.44
CA VAL A 283 -38.76 35.77 7.44
C VAL A 283 -39.70 34.60 7.67
N CYS A 284 -40.92 34.75 7.18
CA CYS A 284 -41.87 33.66 7.11
C CYS A 284 -42.44 33.54 5.71
N TRP A 285 -42.59 32.33 5.22
CA TRP A 285 -43.09 32.19 3.85
C TRP A 285 -43.87 30.91 3.64
N TRP A 286 -44.68 30.90 2.60
CA TRP A 286 -45.44 29.71 2.29
C TRP A 286 -45.65 29.54 0.79
N PRO A 287 -45.80 28.29 0.31
CA PRO A 287 -45.97 27.92 -1.08
C PRO A 287 -47.40 28.14 -1.52
N LEU A 288 -47.77 29.41 -1.63
CA LEU A 288 -49.15 29.75 -1.93
C LEU A 288 -49.53 29.42 -3.35
N VAL A 289 -50.64 28.72 -3.49
CA VAL A 289 -51.32 28.56 -4.77
C VAL A 289 -52.74 29.07 -4.63
N ASN A 290 -53.11 30.06 -5.42
CA ASN A 290 -54.43 30.64 -5.31
C ASN A 290 -54.89 31.27 -6.62
N ASP A 291 -56.15 31.72 -6.65
CA ASP A 291 -56.74 32.44 -7.78
C ASP A 291 -57.79 33.42 -7.27
N ASP A 304 -52.61 41.07 1.93
CA ASP A 304 -53.55 39.98 1.66
C ASP A 304 -53.02 39.01 0.60
N ARG A 305 -52.21 39.52 -0.31
CA ARG A 305 -51.73 38.79 -1.49
C ARG A 305 -50.40 38.10 -1.22
N ALA A 306 -49.76 38.49 -0.13
CA ALA A 306 -48.38 38.09 0.11
C ALA A 306 -48.24 36.61 0.39
N ASN A 307 -47.12 36.04 -0.03
CA ASN A 307 -46.77 34.70 0.39
C ASN A 307 -45.41 34.66 1.07
N LEU A 308 -44.87 35.86 1.31
CA LEU A 308 -43.65 36.03 2.09
C LEU A 308 -43.77 37.25 2.99
N LEU A 309 -43.37 37.08 4.25
CA LEU A 309 -43.38 38.17 5.20
C LEU A 309 -41.97 38.52 5.60
N LEU A 310 -41.73 39.81 5.79
CA LEU A 310 -40.49 40.27 6.39
C LEU A 310 -40.74 40.64 7.83
N LEU A 311 -40.04 39.97 8.73
CA LEU A 311 -40.28 40.12 10.14
C LEU A 311 -39.06 40.69 10.83
N GLY A 312 -39.26 41.50 11.84
CA GLY A 312 -38.14 42.02 12.61
C GLY A 312 -38.17 41.51 14.04
N TYR A 313 -37.04 41.63 14.71
CA TYR A 313 -37.00 41.52 16.16
C TYR A 313 -36.25 42.70 16.75
N ALA A 314 -36.83 43.35 17.75
CA ALA A 314 -36.09 44.36 18.49
C ALA A 314 -36.66 44.57 19.88
N GLN A 315 -35.81 44.96 20.80
CA GLN A 315 -36.23 45.45 22.11
C GLN A 315 -37.17 44.50 22.83
N GLY A 316 -36.91 43.20 22.73
CA GLY A 316 -37.70 42.21 23.45
C GLY A 316 -39.03 41.89 22.76
N ARG A 317 -39.22 42.40 21.55
CA ARG A 317 -40.48 42.18 20.85
C ARG A 317 -40.28 41.69 19.42
N LEU A 318 -41.19 40.84 18.98
CA LEU A 318 -41.24 40.41 17.60
C LEU A 318 -42.19 41.34 16.84
N GLU A 319 -41.89 41.64 15.57
CA GLU A 319 -42.76 42.53 14.79
C GLU A 319 -42.83 42.14 13.30
N VAL A 320 -43.89 42.58 12.63
CA VAL A 320 -43.99 42.43 11.18
C VAL A 320 -43.60 43.74 10.51
N LEU A 321 -42.63 43.71 9.60
CA LEU A 321 -42.19 44.94 8.97
C LEU A 321 -42.84 45.20 7.62
N SER A 322 -42.90 44.16 6.79
CA SER A 322 -43.43 44.30 5.42
C SER A 322 -43.76 42.94 4.83
N SER A 323 -44.35 42.93 3.63
CA SER A 323 -44.64 41.65 2.95
C SER A 323 -44.62 41.78 1.43
N VAL A 324 -44.40 40.64 0.74
CA VAL A 324 -44.45 40.60 -0.72
C VAL A 324 -45.23 39.39 -1.23
N ARG A 325 -45.63 39.48 -2.49
CA ARG A 325 -46.06 38.28 -3.21
C ARG A 325 -45.02 37.98 -4.28
N THR A 326 -44.51 36.75 -4.28
CA THR A 326 -43.52 36.38 -5.28
C THR A 326 -44.23 36.03 -6.58
N GLU A 327 -43.50 36.14 -7.68
CA GLU A 327 -44.08 35.86 -9.00
C GLU A 327 -44.32 34.36 -9.23
N TRP A 328 -43.55 33.52 -8.55
CA TRP A 328 -43.74 32.08 -8.59
C TRP A 328 -43.58 31.48 -7.19
N ASP A 329 -44.20 30.33 -6.95
CA ASP A 329 -44.12 29.70 -5.63
C ASP A 329 -42.75 29.03 -5.42
N PRO A 330 -41.99 29.44 -4.41
CA PRO A 330 -40.60 29.10 -4.14
C PRO A 330 -40.34 27.64 -3.84
N LEU A 331 -39.17 27.16 -4.28
CA LEU A 331 -38.60 25.91 -3.85
C LEU A 331 -37.83 26.12 -2.55
N ASP A 332 -37.22 27.29 -2.43
CA ASP A 332 -36.49 27.67 -1.22
C ASP A 332 -36.53 29.17 -0.97
N VAL A 333 -36.39 29.55 0.30
CA VAL A 333 -36.12 30.93 0.70
C VAL A 333 -34.98 30.94 1.69
N ARG A 334 -33.98 31.78 1.45
CA ARG A 334 -32.81 31.78 2.30
C ARG A 334 -32.25 33.19 2.45
N PHE A 335 -31.59 33.45 3.57
CA PHE A 335 -30.88 34.71 3.73
C PHE A 335 -29.48 34.63 3.17
N GLY A 336 -28.99 35.75 2.65
CA GLY A 336 -27.61 35.84 2.19
C GLY A 336 -26.65 35.91 3.36
N THR A 337 -25.38 35.60 3.13
CA THR A 337 -24.38 35.82 4.18
C THR A 337 -23.74 37.19 4.01
N LYS A 338 -23.67 37.68 2.77
CA LYS A 338 -23.30 39.06 2.51
C LYS A 338 -24.55 39.90 2.57
N GLN A 339 -24.43 41.15 3.01
CA GLN A 339 -25.59 42.02 3.06
C GLN A 339 -26.80 41.22 3.54
N PRO A 340 -26.68 40.62 4.72
CA PRO A 340 -27.37 39.42 5.19
C PRO A 340 -28.89 39.57 5.17
N TYR A 341 -29.35 40.80 5.26
CA TYR A 341 -30.78 41.07 5.31
C TYR A 341 -31.46 40.71 4.00
N GLN A 342 -30.67 40.65 2.93
CA GLN A 342 -31.20 40.34 1.61
C GLN A 342 -31.74 38.91 1.57
N VAL A 343 -32.93 38.76 1.02
CA VAL A 343 -33.58 37.45 0.96
C VAL A 343 -33.49 36.84 -0.41
N PHE A 344 -32.74 35.76 -0.52
CA PHE A 344 -32.59 35.03 -1.75
C PHE A 344 -33.68 34.01 -1.88
N THR A 345 -34.16 33.76 -3.08
CA THR A 345 -35.08 32.67 -3.25
C THR A 345 -34.69 31.84 -4.44
N VAL A 346 -35.26 30.66 -4.52
CA VAL A 346 -35.22 29.88 -5.73
C VAL A 346 -36.64 29.50 -6.05
N GLU A 347 -37.16 29.99 -7.16
CA GLU A 347 -38.54 29.73 -7.50
C GLU A 347 -38.65 28.87 -8.74
N HIS A 348 -39.24 27.69 -8.63
CA HIS A 348 -39.47 26.92 -9.82
C HIS A 348 -40.62 27.53 -10.59
N SER A 349 -40.57 27.41 -11.91
CA SER A 349 -41.51 28.11 -12.75
C SER A 349 -41.74 27.39 -14.07
N VAL A 350 -42.82 27.75 -14.75
CA VAL A 350 -43.10 27.21 -16.06
C VAL A 350 -42.96 28.28 -17.15
N SER A 351 -42.14 27.97 -18.13
CA SER A 351 -41.92 28.81 -19.29
C SER A 351 -43.14 28.87 -20.19
N VAL A 352 -43.17 29.88 -21.05
CA VAL A 352 -44.18 30.00 -22.10
C VAL A 352 -44.03 28.84 -23.07
N ASP A 353 -42.85 28.23 -23.01
CA ASP A 353 -42.50 27.03 -23.76
C ASP A 353 -43.19 25.81 -23.15
N LYS A 354 -43.83 26.00 -22.01
CA LYS A 354 -44.41 24.93 -21.21
C LYS A 354 -43.38 23.93 -20.73
N GLU A 355 -42.23 24.45 -20.33
CA GLU A 355 -41.13 23.65 -19.83
C GLU A 355 -40.57 24.33 -18.59
N PRO A 356 -40.01 23.57 -17.64
CA PRO A 356 -39.54 24.03 -16.35
C PRO A 356 -38.33 24.95 -16.43
N MET A 357 -38.30 25.90 -15.50
CA MET A 357 -37.18 26.81 -15.31
C MET A 357 -37.00 27.10 -13.83
N ALA A 358 -35.79 27.50 -13.44
CA ALA A 358 -35.60 28.02 -12.09
C ALA A 358 -35.33 29.52 -12.13
N ASP A 359 -36.11 30.26 -11.34
CA ASP A 359 -35.97 31.71 -11.26
C ASP A 359 -35.37 32.14 -9.92
N SER A 360 -34.12 32.55 -9.96
CA SER A 360 -33.42 32.96 -8.73
C SER A 360 -33.73 34.39 -8.35
N CYS A 361 -34.95 34.63 -7.89
CA CYS A 361 -35.36 35.97 -7.50
C CYS A 361 -34.67 36.39 -6.20
N ILE A 362 -34.41 37.68 -6.06
CA ILE A 362 -33.88 38.24 -4.82
C ILE A 362 -34.71 39.42 -4.37
N TYR A 363 -35.06 39.45 -3.08
CA TYR A 363 -35.90 40.52 -2.55
C TYR A 363 -35.24 41.35 -1.43
N GLU A 364 -35.58 42.65 -1.43
CA GLU A 364 -35.15 43.62 -0.41
C GLU A 364 -36.29 44.37 0.29
N CYS A 365 -37.51 43.80 0.28
CA CYS A 365 -38.70 44.44 0.84
C CYS A 365 -38.51 44.78 2.33
N ILE A 370 -42.11 46.50 -1.16
CA ILE A 370 -41.99 45.36 -2.07
C ILE A 370 -40.87 45.66 -3.08
N GLN A 371 -39.76 44.91 -2.97
CA GLN A 371 -38.59 45.10 -3.83
C GLN A 371 -38.03 43.77 -4.33
N CYS A 372 -38.18 43.48 -5.62
CA CYS A 372 -37.45 42.37 -6.20
C CYS A 372 -36.26 42.96 -6.95
N VAL A 373 -35.08 42.81 -6.38
CA VAL A 373 -33.92 43.51 -6.93
C VAL A 373 -33.31 42.81 -8.11
N SER A 374 -33.42 41.49 -8.14
CA SER A 374 -32.89 40.75 -9.27
C SER A 374 -33.57 39.41 -9.49
N VAL A 375 -33.57 38.95 -10.74
CA VAL A 375 -33.96 37.59 -11.06
C VAL A 375 -33.05 37.02 -12.14
N THR A 376 -32.75 35.74 -12.05
CA THR A 376 -32.04 35.04 -13.10
C THR A 376 -32.80 33.80 -13.51
N ARG A 377 -33.01 33.62 -14.81
CA ARG A 377 -33.73 32.44 -15.27
C ARG A 377 -32.82 31.38 -15.87
N ILE A 378 -32.81 30.22 -15.23
CA ILE A 378 -32.05 29.07 -15.67
C ILE A 378 -32.97 27.98 -16.20
N PRO A 379 -32.85 27.57 -17.46
CA PRO A 379 -33.64 26.54 -18.08
C PRO A 379 -33.31 25.20 -17.45
N LEU A 380 -34.30 24.33 -17.34
CA LEU A 380 -34.07 23.02 -16.74
C LEU A 380 -34.45 21.91 -17.71
N LYS A 381 -33.77 20.77 -17.58
CA LYS A 381 -34.21 19.56 -18.29
C LYS A 381 -35.54 19.08 -17.75
N SER A 382 -35.72 19.23 -16.45
CA SER A 382 -36.92 18.77 -15.77
C SER A 382 -37.12 19.62 -14.52
N LYS A 383 -38.30 19.56 -13.92
CA LYS A 383 -38.60 20.45 -12.80
C LYS A 383 -37.71 20.16 -11.61
N ALA A 384 -37.22 21.24 -10.98
CA ALA A 384 -36.37 21.13 -9.80
C ALA A 384 -37.12 20.57 -8.60
N ILE A 385 -36.44 19.76 -7.80
CA ILE A 385 -37.03 19.19 -6.61
C ILE A 385 -36.31 19.63 -5.34
N SER A 386 -35.10 20.15 -5.51
CA SER A 386 -34.31 20.60 -4.37
C SER A 386 -33.29 21.60 -4.81
N CYS A 387 -32.75 22.35 -3.88
CA CYS A 387 -31.63 23.20 -4.21
C CYS A 387 -30.79 23.52 -2.99
N CYS A 388 -29.58 23.99 -3.24
CA CYS A 388 -28.77 24.60 -2.21
C CYS A 388 -27.81 25.59 -2.81
N ARG A 389 -27.30 26.48 -1.99
CA ARG A 389 -26.27 27.40 -2.43
C ARG A 389 -24.91 27.04 -1.89
N ASN A 390 -23.91 27.22 -2.72
CA ASN A 390 -22.52 27.07 -2.34
C ASN A 390 -22.12 28.18 -1.38
N VAL A 391 -21.17 27.90 -0.51
CA VAL A 391 -20.79 28.85 0.52
C VAL A 391 -20.25 30.15 -0.05
N THR A 392 -19.60 30.11 -1.22
CA THR A 392 -19.10 31.33 -1.91
C THR A 392 -20.32 32.04 -2.49
N GLU A 393 -21.54 31.41 -2.54
CA GLU A 393 -22.77 31.90 -3.11
C GLU A 393 -22.66 32.15 -4.61
N ASP A 394 -21.57 31.72 -5.22
CA ASP A 394 -21.39 31.93 -6.65
C ASP A 394 -21.91 30.75 -7.45
N LYS A 395 -22.28 29.70 -6.74
CA LYS A 395 -22.80 28.51 -7.40
C LYS A 395 -24.15 28.12 -6.83
N LEU A 396 -25.15 28.04 -7.69
CA LEU A 396 -26.44 27.49 -7.31
C LEU A 396 -26.60 26.10 -7.85
N ILE A 397 -26.91 25.15 -7.00
CA ILE A 397 -27.14 23.81 -7.46
C ILE A 397 -28.56 23.37 -7.24
N LEU A 398 -29.19 22.86 -8.27
CA LEU A 398 -30.53 22.32 -8.13
C LEU A 398 -30.57 20.84 -8.43
N GLY A 399 -31.19 20.10 -7.54
CA GLY A 399 -31.56 18.73 -7.86
C GLY A 399 -32.81 18.80 -8.70
N CYS A 400 -32.99 17.84 -9.59
CA CYS A 400 -34.15 17.87 -10.46
C CYS A 400 -34.69 16.49 -10.77
N GLU A 401 -35.90 16.48 -11.34
CA GLU A 401 -36.57 15.26 -11.73
C GLU A 401 -35.82 14.59 -12.85
N ASP A 402 -36.05 13.28 -12.96
CA ASP A 402 -35.30 12.43 -13.89
C ASP A 402 -33.81 12.42 -13.58
N SER A 403 -33.47 12.41 -12.29
CA SER A 403 -32.10 12.22 -11.82
C SER A 403 -31.11 13.17 -12.47
N SER A 404 -31.47 14.44 -12.53
CA SER A 404 -30.58 15.40 -13.16
C SER A 404 -30.07 16.39 -12.15
N LEU A 405 -28.81 16.77 -12.32
CA LEU A 405 -28.21 17.74 -11.44
C LEU A 405 -27.73 18.94 -12.23
N ILE A 406 -28.22 20.11 -11.86
CA ILE A 406 -27.87 21.31 -12.57
C ILE A 406 -27.15 22.33 -11.73
N LEU A 407 -26.03 22.80 -12.24
CA LEU A 407 -25.25 23.82 -11.56
C LEU A 407 -25.14 25.07 -12.39
N TYR A 408 -25.49 26.20 -11.82
CA TYR A 408 -25.24 27.45 -12.50
C TYR A 408 -24.13 28.25 -11.83
N GLU A 409 -23.11 28.57 -12.63
CA GLU A 409 -22.02 29.41 -12.16
C GLU A 409 -22.27 30.85 -12.56
N THR A 410 -22.41 31.73 -11.58
CA THR A 410 -22.76 33.12 -11.89
C THR A 410 -21.64 33.87 -12.58
N HIS A 411 -20.41 33.61 -12.16
CA HIS A 411 -19.24 34.31 -12.70
C HIS A 411 -18.95 33.86 -14.13
N ARG A 412 -18.95 32.57 -14.33
CA ARG A 412 -18.69 32.02 -15.64
C ARG A 412 -19.96 32.04 -16.47
N ARG A 413 -21.08 32.29 -15.80
CA ARG A 413 -22.38 32.44 -16.43
C ARG A 413 -22.70 31.24 -17.29
N VAL A 414 -22.42 30.07 -16.76
CA VAL A 414 -22.62 28.83 -17.50
C VAL A 414 -23.44 27.83 -16.72
N THR A 415 -24.36 27.18 -17.41
CA THR A 415 -25.13 26.15 -16.76
C THR A 415 -24.55 24.80 -17.11
N LEU A 416 -24.15 24.06 -16.11
CA LEU A 416 -23.57 22.75 -16.31
C LEU A 416 -24.59 21.68 -15.96
N LEU A 417 -24.66 20.65 -16.78
CA LEU A 417 -25.57 19.56 -16.53
C LEU A 417 -24.83 18.29 -16.20
N ALA A 418 -25.43 17.47 -15.36
CA ALA A 418 -24.88 16.15 -15.09
C ALA A 418 -25.99 15.16 -14.76
N GLN A 419 -25.73 13.90 -15.01
CA GLN A 419 -26.66 12.85 -14.64
C GLN A 419 -26.23 12.23 -13.33
N THR A 420 -27.19 11.81 -12.53
CA THR A 420 -26.90 11.22 -11.24
C THR A 420 -27.53 9.85 -11.13
N GLU A 421 -27.03 9.03 -10.23
CA GLU A 421 -27.52 7.66 -10.11
C GLU A 421 -28.66 7.54 -9.11
N LEU A 422 -29.00 8.65 -8.51
CA LEU A 422 -30.05 8.73 -7.51
C LEU A 422 -30.88 9.99 -7.72
N LEU A 423 -32.15 9.95 -7.36
CA LEU A 423 -32.93 11.18 -7.37
C LEU A 423 -32.40 12.09 -6.24
N PRO A 424 -31.93 13.30 -6.57
CA PRO A 424 -31.30 14.25 -5.67
C PRO A 424 -32.30 15.04 -4.83
N SER A 425 -33.09 14.36 -4.02
CA SER A 425 -34.10 15.04 -3.24
C SER A 425 -33.48 15.91 -2.15
N LEU A 426 -32.31 15.52 -1.67
CA LEU A 426 -31.60 16.32 -0.69
C LEU A 426 -30.21 16.63 -1.19
N ILE A 427 -29.81 17.89 -1.14
CA ILE A 427 -28.42 18.18 -1.45
C ILE A 427 -27.83 19.13 -0.42
N SER A 428 -26.53 19.02 -0.20
CA SER A 428 -25.86 19.92 0.73
C SER A 428 -24.42 20.16 0.34
N CYS A 429 -24.00 21.41 0.32
CA CYS A 429 -22.61 21.71 0.05
C CYS A 429 -21.73 21.52 1.28
N HIS A 430 -20.57 20.92 1.06
CA HIS A 430 -19.51 20.91 2.04
C HIS A 430 -19.11 22.36 2.28
N PRO A 431 -18.90 22.78 3.52
CA PRO A 431 -18.66 24.15 3.91
C PRO A 431 -17.33 24.71 3.43
N SER A 432 -16.44 23.85 2.94
CA SER A 432 -15.26 24.33 2.25
C SER A 432 -15.63 24.85 0.87
N GLY A 433 -16.76 24.38 0.37
CA GLY A 433 -17.30 24.77 -0.93
C GLY A 433 -16.84 23.84 -2.06
N ALA A 434 -15.91 22.95 -1.77
CA ALA A 434 -15.30 22.12 -2.79
C ALA A 434 -16.11 20.89 -3.18
N ILE A 435 -16.95 20.40 -2.27
CA ILE A 435 -17.67 19.15 -2.51
C ILE A 435 -19.17 19.25 -2.28
N LEU A 436 -19.93 18.64 -3.17
CA LEU A 436 -21.37 18.53 -2.99
C LEU A 436 -21.76 17.12 -2.59
N LEU A 437 -22.67 17.01 -1.64
CA LEU A 437 -23.31 15.73 -1.41
C LEU A 437 -24.71 15.71 -1.98
N VAL A 438 -25.04 14.60 -2.61
CA VAL A 438 -26.39 14.35 -3.08
C VAL A 438 -26.97 13.15 -2.38
N GLY A 439 -28.15 13.33 -1.79
CA GLY A 439 -28.75 12.25 -1.04
C GLY A 439 -30.17 11.95 -1.50
N SER A 440 -30.45 10.67 -1.60
CA SER A 440 -31.79 10.19 -1.83
C SER A 440 -32.50 10.04 -0.50
N ASN A 441 -33.82 10.11 -0.52
CA ASN A 441 -34.59 9.88 0.68
C ASN A 441 -34.53 8.40 1.05
N GLN A 442 -34.11 7.60 0.07
CA GLN A 442 -34.00 6.16 0.22
C GLN A 442 -32.61 5.75 0.70
N GLY A 443 -31.75 6.74 0.95
CA GLY A 443 -30.43 6.45 1.52
C GLY A 443 -29.27 6.36 0.53
N GLU A 444 -29.51 6.46 -0.77
CA GLU A 444 -28.36 6.51 -1.67
C GLU A 444 -27.60 7.82 -1.44
N LEU A 445 -26.29 7.75 -1.42
CA LEU A 445 -25.47 8.95 -1.36
C LEU A 445 -24.50 9.02 -2.53
N GLN A 446 -24.35 10.20 -3.11
CA GLN A 446 -23.35 10.38 -4.15
C GLN A 446 -22.55 11.66 -3.93
N ILE A 447 -21.27 11.62 -4.25
CA ILE A 447 -20.40 12.78 -4.12
C ILE A 447 -20.10 13.39 -5.47
N PHE A 448 -20.22 14.72 -5.55
CA PHE A 448 -19.81 15.42 -6.75
C PHE A 448 -18.85 16.56 -6.46
N ASP A 449 -17.96 16.82 -7.41
CA ASP A 449 -17.12 18.01 -7.38
C ASP A 449 -17.88 19.21 -7.95
N MET A 450 -17.21 20.35 -8.06
CA MET A 450 -17.87 21.56 -8.51
C MET A 450 -17.86 21.73 -10.02
N ALA A 451 -17.46 20.68 -10.72
CA ALA A 451 -17.67 20.60 -12.15
C ALA A 451 -18.60 19.42 -12.43
N LEU A 452 -19.26 18.96 -11.38
CA LEU A 452 -20.24 17.88 -11.36
C LEU A 452 -19.70 16.53 -11.80
N SER A 453 -18.40 16.30 -11.65
CA SER A 453 -17.89 14.95 -11.81
C SER A 453 -18.24 14.15 -10.57
N PRO A 454 -18.69 12.89 -10.72
CA PRO A 454 -18.93 11.97 -9.63
C PRO A 454 -17.62 11.58 -8.97
N ILE A 455 -17.66 11.35 -7.68
CA ILE A 455 -16.53 10.86 -6.91
C ILE A 455 -16.94 9.59 -6.18
N ASN A 456 -16.04 8.62 -6.15
CA ASN A 456 -16.36 7.36 -5.50
C ASN A 456 -16.34 7.48 -3.99
N ILE A 457 -17.18 6.69 -3.34
CA ILE A 457 -17.32 6.69 -1.90
C ILE A 457 -16.94 5.35 -1.33
N GLN A 458 -16.13 5.34 -0.28
CA GLN A 458 -15.93 4.10 0.44
C GLN A 458 -16.06 4.28 1.95
N LEU A 459 -16.80 3.36 2.58
CA LEU A 459 -16.76 3.17 4.02
C LEU A 459 -15.52 2.39 4.40
N LEU A 460 -14.94 2.69 5.54
CA LEU A 460 -13.70 2.02 5.92
C LEU A 460 -13.88 0.52 5.92
N ALA A 461 -12.93 -0.15 5.29
CA ALA A 461 -12.88 -1.58 5.13
C ALA A 461 -11.43 -2.01 4.96
N GLU A 462 -11.15 -3.30 5.11
CA GLU A 462 -9.78 -3.80 5.02
C GLU A 462 -9.28 -3.88 3.58
N ASP A 463 -10.18 -3.71 2.62
CA ASP A 463 -9.82 -3.78 1.20
C ASP A 463 -10.37 -2.57 0.46
N ARG A 464 -9.76 -2.23 -0.68
CA ARG A 464 -10.03 -0.97 -1.37
C ARG A 464 -11.11 -1.13 -2.44
N LEU A 465 -12.25 -0.51 -2.21
CA LEU A 465 -13.43 -0.66 -3.08
C LEU A 465 -14.21 0.63 -3.29
N PRO A 466 -13.67 1.60 -4.05
CA PRO A 466 -14.36 2.81 -4.40
C PRO A 466 -15.61 2.48 -5.20
N ARG A 467 -16.72 3.14 -4.88
CA ARG A 467 -17.97 2.95 -5.64
C ARG A 467 -18.63 4.28 -5.94
N GLU A 468 -19.36 4.36 -7.03
CA GLU A 468 -19.91 5.67 -7.43
C GLU A 468 -20.98 6.18 -6.48
N THR A 469 -21.69 5.28 -5.81
CA THR A 469 -22.65 5.70 -4.79
C THR A 469 -22.49 4.84 -3.55
N LEU A 470 -22.97 5.37 -2.43
CA LEU A 470 -23.00 4.65 -1.18
C LEU A 470 -24.42 4.32 -0.81
N GLN A 471 -24.66 3.07 -0.45
CA GLN A 471 -26.00 2.65 -0.13
C GLN A 471 -26.24 2.60 1.37
N PHE A 472 -27.08 3.50 1.87
CA PHE A 472 -27.40 3.50 3.28
C PHE A 472 -28.59 2.62 3.52
N SER A 473 -29.03 1.97 2.46
CA SER A 473 -30.07 0.96 2.56
C SER A 473 -29.53 -0.23 3.35
N LYS A 474 -28.19 -0.33 3.43
CA LYS A 474 -27.54 -1.35 4.23
C LYS A 474 -27.61 -1.04 5.72
N LEU A 475 -27.87 0.22 6.05
CA LEU A 475 -27.71 0.71 7.41
C LEU A 475 -28.74 0.13 8.35
N PHE A 476 -29.96 -0.04 7.87
CA PHE A 476 -31.03 -0.52 8.72
C PHE A 476 -32.14 -1.19 7.93
N ASP A 477 -32.95 -1.98 8.62
CA ASP A 477 -34.15 -2.55 8.01
C ASP A 477 -35.37 -1.67 8.26
N ALA A 478 -35.12 -0.52 8.89
CA ALA A 478 -36.17 0.43 9.24
C ALA A 478 -36.77 1.06 8.00
N SER A 479 -38.05 1.40 8.08
CA SER A 479 -38.77 2.08 7.02
C SER A 479 -38.47 3.57 7.01
N SER A 480 -37.77 4.02 8.03
CA SER A 480 -37.48 5.43 8.20
C SER A 480 -36.66 5.99 7.04
N SER A 481 -37.00 7.21 6.65
CA SER A 481 -36.41 7.85 5.48
C SER A 481 -35.52 9.01 5.87
N LEU A 482 -34.50 9.26 5.06
CA LEU A 482 -33.55 10.34 5.33
C LEU A 482 -34.20 11.67 5.04
N VAL A 483 -34.20 12.56 6.01
CA VAL A 483 -34.79 13.85 5.77
C VAL A 483 -33.78 14.97 5.78
N GLN A 484 -32.61 14.69 6.32
CA GLN A 484 -31.61 15.75 6.42
C GLN A 484 -30.19 15.26 6.31
N MET A 485 -29.43 15.94 5.46
CA MET A 485 -27.98 15.85 5.54
C MET A 485 -27.49 17.23 5.90
N GLN A 486 -26.55 17.32 6.81
CA GLN A 486 -26.03 18.62 7.12
C GLN A 486 -24.60 18.58 7.58
N TRP A 487 -23.75 19.32 6.92
CA TRP A 487 -22.41 19.47 7.43
C TRP A 487 -22.50 20.32 8.68
N ILE A 488 -21.82 19.92 9.73
CA ILE A 488 -22.04 20.58 11.01
C ILE A 488 -21.45 21.98 11.06
N ALA A 489 -22.26 22.93 11.47
CA ALA A 489 -21.91 24.35 11.53
C ALA A 489 -20.87 24.61 12.64
N PRO A 490 -20.02 25.66 12.51
CA PRO A 490 -19.08 26.13 13.52
C PRO A 490 -19.79 26.91 14.63
N ILE A 502 -11.10 20.26 9.78
CA ILE A 502 -12.38 20.64 10.38
C ILE A 502 -13.52 20.42 9.38
N TYR A 503 -14.76 20.39 9.90
CA TYR A 503 -15.98 20.13 9.12
C TYR A 503 -15.97 18.78 8.42
N ASP A 504 -15.32 17.80 9.03
CA ASP A 504 -15.28 16.46 8.50
C ASP A 504 -16.45 15.64 8.99
N LEU A 505 -17.34 16.27 9.74
CA LEU A 505 -18.51 15.59 10.26
C LEU A 505 -19.78 16.03 9.57
N LEU A 506 -20.50 15.05 9.03
CA LEU A 506 -21.79 15.27 8.40
C LEU A 506 -22.91 14.73 9.27
N PHE A 507 -23.77 15.59 9.74
CA PHE A 507 -24.89 15.16 10.54
C PHE A 507 -26.00 14.59 9.68
N LEU A 508 -26.53 13.44 10.09
CA LEU A 508 -27.68 12.86 9.43
C LEU A 508 -28.86 12.76 10.36
N ARG A 509 -30.04 13.03 9.82
CA ARG A 509 -31.26 12.79 10.56
C ARG A 509 -32.29 12.10 9.68
N PHE A 510 -33.02 11.19 10.29
CA PHE A 510 -34.12 10.50 9.63
C PHE A 510 -35.37 10.76 10.42
N GLU A 511 -36.51 10.83 9.75
CA GLU A 511 -37.74 10.95 10.53
C GLU A 511 -38.18 9.63 11.09
N ARG A 512 -38.48 9.64 12.38
CA ARG A 512 -38.84 8.43 13.10
C ARG A 512 -37.75 7.39 12.91
N GLY A 513 -36.51 7.85 12.96
CA GLY A 513 -35.35 7.00 12.71
C GLY A 513 -34.15 7.48 13.50
N PRO A 514 -33.00 6.82 13.34
CA PRO A 514 -31.77 7.04 14.05
C PRO A 514 -31.10 8.35 13.68
N LEU A 515 -30.39 8.91 14.64
CA LEU A 515 -29.46 10.00 14.40
C LEU A 515 -28.06 9.45 14.28
N GLY A 516 -27.21 10.16 13.55
CA GLY A 516 -25.79 9.83 13.55
C GLY A 516 -24.98 10.80 12.72
N VAL A 517 -23.67 10.63 12.76
CA VAL A 517 -22.74 11.50 12.04
C VAL A 517 -21.76 10.71 11.20
N LEU A 518 -21.62 11.12 9.95
CA LEU A 518 -20.65 10.51 9.06
C LEU A 518 -19.34 11.28 9.10
N LEU A 519 -18.28 10.60 9.48
CA LEU A 519 -16.95 11.18 9.57
C LEU A 519 -16.15 10.94 8.31
N PHE A 520 -15.52 11.99 7.82
CA PHE A 520 -14.70 11.88 6.64
C PHE A 520 -13.22 11.93 7.00
N LYS A 521 -12.47 10.89 6.63
CA LYS A 521 -11.07 10.78 6.99
C LYS A 521 -10.19 11.52 5.99
N LEU A 522 -10.30 12.83 5.97
CA LEU A 522 -9.83 13.58 4.80
C LEU A 522 -8.36 13.98 4.80
N GLY A 523 -7.48 13.00 4.94
CA GLY A 523 -6.03 13.16 4.72
C GLY A 523 -5.27 13.52 5.98
N VAL A 524 -3.99 13.12 6.02
CA VAL A 524 -3.13 13.53 7.14
C VAL A 524 -2.32 14.77 6.80
N PHE A 525 -1.78 14.83 5.58
CA PHE A 525 -0.91 15.94 5.19
C PHE A 525 -1.73 17.14 4.80
N THR A 526 -3.00 16.89 4.58
CA THR A 526 -3.97 17.93 4.28
C THR A 526 -4.49 18.49 5.59
N ARG A 527 -4.13 17.82 6.69
CA ARG A 527 -4.61 18.14 8.02
C ARG A 527 -6.14 18.18 8.06
N GLY A 528 -6.78 17.23 7.37
CA GLY A 528 -8.21 17.09 7.41
C GLY A 528 -8.95 18.01 6.45
N GLN A 529 -8.21 18.84 5.72
CA GLN A 529 -8.84 19.80 4.80
C GLN A 529 -9.25 19.15 3.50
N LEU A 530 -10.34 19.65 2.91
CA LEU A 530 -10.77 19.17 1.61
C LEU A 530 -11.20 20.32 0.70
N GLY A 531 -10.25 21.18 0.36
CA GLY A 531 -10.53 22.29 -0.54
C GLY A 531 -10.49 21.81 -1.98
N LEU A 532 -10.75 22.71 -2.91
CA LEU A 532 -10.68 22.35 -4.31
C LEU A 532 -9.26 21.93 -4.65
N ILE A 533 -8.32 22.57 -3.99
CA ILE A 533 -6.91 22.25 -4.19
C ILE A 533 -6.58 20.82 -3.79
N ASP A 534 -7.28 20.29 -2.80
CA ASP A 534 -6.99 18.95 -2.33
C ASP A 534 -7.61 17.91 -3.23
N ILE A 535 -8.74 18.27 -3.83
CA ILE A 535 -9.39 17.39 -4.80
C ILE A 535 -8.53 17.31 -6.04
N ILE A 536 -7.94 18.44 -6.42
CA ILE A 536 -7.05 18.44 -7.57
C ILE A 536 -5.86 17.56 -7.33
N PHE A 537 -5.26 17.63 -6.14
CA PHE A 537 -4.10 16.82 -5.86
C PHE A 537 -4.45 15.35 -5.89
N GLN A 538 -5.64 15.00 -5.41
CA GLN A 538 -6.03 13.60 -5.44
C GLN A 538 -6.30 13.13 -6.86
N TYR A 539 -6.80 14.02 -7.71
CA TYR A 539 -7.01 13.66 -9.09
C TYR A 539 -5.68 13.55 -9.82
N ILE A 540 -4.68 14.30 -9.37
CA ILE A 540 -3.36 14.11 -9.93
C ILE A 540 -2.85 12.74 -9.51
N HIS A 541 -3.07 12.38 -8.25
CA HIS A 541 -2.60 11.10 -7.74
C HIS A 541 -3.30 9.92 -8.41
N CYS A 542 -4.54 10.12 -8.82
CA CYS A 542 -5.28 9.06 -9.48
C CYS A 542 -5.24 9.16 -11.01
N ASP A 543 -4.54 10.17 -11.52
CA ASP A 543 -4.48 10.51 -12.94
C ASP A 543 -5.83 10.85 -13.56
N GLU A 544 -6.74 11.41 -12.78
CA GLU A 544 -8.02 11.83 -13.35
C GLU A 544 -7.91 13.27 -13.82
N ILE A 545 -7.15 13.46 -14.90
CA ILE A 545 -6.74 14.78 -15.34
C ILE A 545 -7.85 15.55 -16.01
N TYR A 546 -8.64 14.87 -16.82
CA TYR A 546 -9.71 15.55 -17.52
C TYR A 546 -10.65 16.19 -16.51
N GLU A 547 -10.98 15.46 -15.47
CA GLU A 547 -11.83 15.95 -14.41
C GLU A 547 -11.18 17.09 -13.65
N ALA A 548 -9.87 16.97 -13.42
CA ALA A 548 -9.14 18.03 -12.73
C ALA A 548 -9.17 19.33 -13.51
N ILE A 549 -9.16 19.23 -14.83
CA ILE A 549 -9.22 20.42 -15.67
C ILE A 549 -10.59 21.06 -15.63
N ASN A 550 -11.63 20.24 -15.60
CA ASN A 550 -12.97 20.80 -15.51
C ASN A 550 -13.15 21.54 -14.19
N ILE A 551 -12.54 21.02 -13.14
CA ILE A 551 -12.56 21.72 -11.87
C ILE A 551 -11.78 23.02 -11.99
N LEU A 552 -10.63 22.96 -12.66
CA LEU A 552 -9.83 24.14 -12.76
C LEU A 552 -10.61 25.22 -13.49
N SER A 553 -11.42 24.81 -14.45
CA SER A 553 -12.26 25.75 -15.18
C SER A 553 -13.35 26.35 -14.30
N SER A 554 -13.79 25.60 -13.28
CA SER A 554 -14.84 26.06 -12.38
C SER A 554 -14.32 27.00 -11.30
N MET A 555 -12.99 27.16 -11.21
CA MET A 555 -12.40 27.97 -10.16
C MET A 555 -12.75 29.45 -10.32
N ASN A 556 -12.89 29.89 -11.56
CA ASN A 556 -13.23 31.27 -11.90
C ASN A 556 -12.11 32.25 -11.54
N TRP A 557 -10.97 31.73 -11.15
CA TRP A 557 -9.83 32.56 -10.80
C TRP A 557 -10.23 33.73 -9.89
N ASP A 558 -9.80 34.94 -10.26
CA ASP A 558 -10.11 36.13 -9.49
C ASP A 558 -9.84 35.90 -8.01
N THR A 559 -10.89 35.92 -7.20
CA THR A 559 -10.75 35.77 -5.77
C THR A 559 -10.18 34.41 -5.40
N LEU A 560 -10.49 33.41 -6.21
CA LEU A 560 -10.02 32.05 -6.01
C LEU A 560 -8.73 31.78 -6.77
N GLY A 561 -8.20 32.82 -7.40
CA GLY A 561 -7.06 32.68 -8.31
C GLY A 561 -5.85 32.06 -7.64
N HIS A 562 -5.65 32.31 -6.35
CA HIS A 562 -4.48 31.73 -5.70
C HIS A 562 -4.59 30.22 -5.61
N GLN A 563 -5.77 29.74 -5.25
CA GLN A 563 -5.97 28.31 -5.16
C GLN A 563 -6.01 27.68 -6.54
N CYS A 564 -6.52 28.45 -7.51
CA CYS A 564 -6.60 27.99 -8.88
C CYS A 564 -5.22 27.87 -9.50
N PHE A 565 -4.36 28.82 -9.18
CA PHE A 565 -3.01 28.83 -9.71
C PHE A 565 -2.25 27.61 -9.27
N ILE A 566 -2.36 27.29 -7.99
CA ILE A 566 -1.64 26.15 -7.50
C ILE A 566 -2.19 24.87 -8.09
N SER A 567 -3.50 24.83 -8.29
CA SER A 567 -4.12 23.66 -8.90
C SER A 567 -3.66 23.50 -10.34
N MET A 568 -3.46 24.61 -11.04
CA MET A 568 -2.95 24.53 -12.40
C MET A 568 -1.55 23.96 -12.39
N SER A 569 -0.74 24.42 -11.45
CA SER A 569 0.65 23.99 -11.42
C SER A 569 0.74 22.50 -11.19
N ALA A 570 -0.15 21.97 -10.36
CA ALA A 570 -0.17 20.55 -10.11
C ALA A 570 -0.51 19.75 -11.35
N ILE A 571 -1.40 20.31 -12.17
CA ILE A 571 -1.81 19.63 -13.38
C ILE A 571 -0.74 19.71 -14.45
N VAL A 572 -0.15 20.87 -14.63
CA VAL A 572 0.82 21.04 -15.69
C VAL A 572 2.12 20.31 -15.39
N ASN A 573 2.57 20.34 -14.15
CA ASN A 573 3.76 19.60 -13.80
C ASN A 573 3.55 18.11 -13.98
N HIS A 574 2.36 17.63 -13.68
CA HIS A 574 2.08 16.22 -13.85
C HIS A 574 2.16 15.82 -15.32
N LEU A 575 1.62 16.65 -16.19
CA LEU A 575 1.60 16.34 -17.60
C LEU A 575 2.94 16.58 -18.30
N LEU A 576 3.70 17.57 -17.85
CA LEU A 576 4.99 17.85 -18.47
C LEU A 576 6.00 16.77 -18.13
N ARG A 577 5.80 16.10 -17.01
CA ARG A 577 6.65 14.97 -16.66
C ARG A 577 6.32 13.68 -17.43
N GLN A 578 5.19 13.68 -18.18
CA GLN A 578 4.79 12.59 -19.06
C GLN A 578 3.89 13.15 -20.16
N THR A 581 2.23 12.02 -26.26
CA THR A 581 0.88 11.58 -26.56
C THR A 581 -0.03 12.82 -26.75
N PRO A 582 -0.70 13.00 -27.91
CA PRO A 582 -1.47 14.19 -28.28
C PRO A 582 -2.65 14.44 -27.38
N GLU A 583 -3.11 13.39 -26.71
CA GLU A 583 -4.24 13.51 -25.80
C GLU A 583 -3.83 14.33 -24.58
N ARG A 584 -2.58 14.15 -24.15
CA ARG A 584 -2.12 14.87 -22.98
C ARG A 584 -1.72 16.29 -23.38
N GLU A 585 -1.36 16.46 -24.65
CA GLU A 585 -1.08 17.80 -25.14
C GLU A 585 -2.36 18.62 -25.16
N ALA A 586 -3.46 17.99 -25.52
CA ALA A 586 -4.75 18.68 -25.49
C ALA A 586 -5.09 19.11 -24.08
N GLN A 587 -4.70 18.30 -23.10
CA GLN A 587 -4.97 18.63 -21.71
C GLN A 587 -4.09 19.78 -21.25
N LEU A 588 -2.85 19.82 -21.73
CA LEU A 588 -1.95 20.93 -21.43
C LEU A 588 -2.43 22.22 -22.06
N GLU A 589 -2.94 22.13 -23.28
CA GLU A 589 -3.46 23.30 -23.96
C GLU A 589 -4.66 23.86 -23.23
N THR A 590 -5.53 22.98 -22.76
CA THR A 590 -6.74 23.43 -22.10
C THR A 590 -6.46 24.02 -20.73
N SER A 591 -5.55 23.41 -19.99
CA SER A 591 -5.26 23.87 -18.63
C SER A 591 -4.64 25.25 -18.66
N LEU A 592 -3.75 25.48 -19.62
CA LEU A 592 -3.19 26.80 -19.78
C LEU A 592 -4.26 27.70 -20.39
N GLY A 593 -5.14 27.10 -21.17
CA GLY A 593 -6.29 27.75 -21.76
C GLY A 593 -7.25 28.31 -20.72
N THR A 594 -7.28 27.74 -19.52
CA THR A 594 -8.21 28.28 -18.53
C THR A 594 -7.77 29.67 -18.08
N PHE A 595 -6.51 30.01 -18.32
CA PHE A 595 -6.03 31.35 -18.04
C PHE A 595 -5.93 32.18 -19.33
N TYR A 596 -5.51 31.54 -20.42
CA TYR A 596 -5.26 32.26 -21.66
C TYR A 596 -6.50 32.51 -22.50
N ALA A 597 -7.51 31.66 -22.32
CA ALA A 597 -8.75 31.80 -23.05
C ALA A 597 -9.94 31.50 -22.14
N PRO A 598 -10.25 32.40 -21.19
CA PRO A 598 -11.30 32.26 -20.21
C PRO A 598 -12.64 32.16 -20.90
N THR A 599 -13.54 31.36 -20.33
CA THR A 599 -14.91 31.30 -20.84
C THR A 599 -15.57 32.64 -20.57
N ARG A 600 -15.18 33.24 -19.45
CA ARG A 600 -15.57 34.58 -19.10
C ARG A 600 -14.31 35.27 -18.61
N PRO A 601 -14.00 36.49 -19.08
CA PRO A 601 -12.73 37.17 -18.87
C PRO A 601 -12.39 37.39 -17.41
N LEU A 602 -11.10 37.27 -17.12
CA LEU A 602 -10.50 37.54 -15.82
C LEU A 602 -10.34 39.03 -15.58
N LEU A 603 -10.36 39.42 -14.31
CA LEU A 603 -10.00 40.78 -13.97
C LEU A 603 -8.50 40.95 -14.22
N ASP A 604 -8.11 42.12 -14.71
CA ASP A 604 -6.74 42.36 -15.11
C ASP A 604 -5.74 42.20 -13.97
N SER A 605 -6.16 42.54 -12.76
CA SER A 605 -5.29 42.39 -11.62
C SER A 605 -5.07 40.91 -11.26
N THR A 606 -5.99 40.05 -11.69
CA THR A 606 -5.81 38.62 -11.54
C THR A 606 -4.79 38.13 -12.52
N ILE A 607 -4.85 38.68 -13.73
CA ILE A 607 -3.93 38.27 -14.75
C ILE A 607 -2.52 38.65 -14.35
N LEU A 608 -2.37 39.85 -13.82
CA LEU A 608 -1.06 40.36 -13.47
C LEU A 608 -0.46 39.67 -12.26
N GLU A 609 -1.32 39.15 -11.39
CA GLU A 609 -0.83 38.42 -10.23
C GLU A 609 -0.16 37.13 -10.65
N TYR A 610 -0.73 36.44 -11.62
CA TYR A 610 -0.21 35.15 -12.04
C TYR A 610 0.55 35.19 -13.35
N ARG A 611 0.59 36.35 -13.99
CA ARG A 611 1.17 36.44 -15.33
C ARG A 611 2.57 35.88 -15.43
N ASP A 612 3.41 36.15 -14.44
CA ASP A 612 4.79 35.67 -14.52
C ASP A 612 4.86 34.16 -14.47
N GLN A 613 4.09 33.55 -13.58
CA GLN A 613 4.15 32.11 -13.41
C GLN A 613 3.44 31.35 -14.51
N ILE A 614 2.37 31.90 -15.03
CA ILE A 614 1.64 31.18 -16.06
C ILE A 614 2.49 31.12 -17.31
N SER A 615 3.19 32.21 -17.62
CA SER A 615 4.03 32.25 -18.81
C SER A 615 5.17 31.25 -18.71
N LYS A 616 5.69 31.07 -17.51
CA LYS A 616 6.76 30.11 -17.33
C LYS A 616 6.28 28.68 -17.54
N TYR A 617 5.07 28.39 -17.10
CA TYR A 617 4.52 27.06 -17.31
C TYR A 617 4.22 26.81 -18.78
N ALA A 618 3.81 27.86 -19.49
CA ALA A 618 3.57 27.74 -20.92
C ALA A 618 4.87 27.60 -21.71
N ARG A 619 5.94 28.25 -21.24
CA ARG A 619 7.21 28.17 -21.93
C ARG A 619 7.77 26.76 -21.90
N ARG A 620 7.59 26.09 -20.77
CA ARG A 620 8.01 24.71 -20.64
C ARG A 620 7.22 23.80 -21.56
N PHE A 621 5.95 24.13 -21.76
CA PHE A 621 5.09 23.35 -22.66
C PHE A 621 5.52 23.52 -24.10
N PHE A 622 5.90 24.74 -24.46
CA PHE A 622 6.38 25.00 -25.81
C PHE A 622 7.60 24.14 -26.10
N HIS A 623 8.54 24.10 -25.16
CA HIS A 623 9.72 23.30 -25.34
C HIS A 623 9.38 21.82 -25.41
N HIS A 624 8.41 21.41 -24.60
CA HIS A 624 7.97 20.02 -24.57
C HIS A 624 7.41 19.59 -25.91
N LEU A 625 6.65 20.47 -26.54
CA LEU A 625 6.04 20.18 -27.83
C LEU A 625 7.07 20.08 -28.92
N LEU A 626 8.08 20.94 -28.87
CA LEU A 626 9.10 20.98 -29.90
C LEU A 626 9.90 19.70 -29.98
N ARG A 627 10.01 19.02 -28.85
CA ARG A 627 10.75 17.76 -28.82
C ARG A 627 10.07 16.71 -29.68
N TYR A 628 8.78 16.87 -29.89
CA TYR A 628 8.00 15.96 -30.72
C TYR A 628 7.66 16.68 -32.02
N GLN A 629 7.32 15.95 -33.06
CA GLN A 629 7.15 16.59 -34.36
C GLN A 629 5.78 17.23 -34.51
N ARG A 630 5.50 18.22 -33.68
CA ARG A 630 4.24 18.95 -33.69
C ARG A 630 4.49 20.45 -33.65
N PHE A 631 5.22 20.93 -34.65
CA PHE A 631 5.72 22.29 -34.67
C PHE A 631 4.62 23.31 -34.94
N GLU A 632 3.58 22.92 -35.67
CA GLU A 632 2.57 23.90 -36.04
C GLU A 632 1.83 24.42 -34.82
N LYS A 633 1.47 23.55 -33.90
CA LYS A 633 0.80 24.03 -32.69
C LYS A 633 1.78 24.76 -31.80
N ALA A 634 3.03 24.30 -31.78
CA ALA A 634 4.05 24.95 -30.97
C ALA A 634 4.32 26.34 -31.52
N PHE A 635 4.24 26.46 -32.83
CA PHE A 635 4.41 27.72 -33.52
C PHE A 635 3.35 28.71 -33.10
N LEU A 636 2.11 28.26 -33.04
CA LEU A 636 1.03 29.15 -32.67
C LEU A 636 1.19 29.62 -31.24
N LEU A 637 1.70 28.74 -30.37
CA LEU A 637 1.96 29.16 -29.01
C LEU A 637 3.10 30.17 -28.96
N ALA A 638 4.10 29.99 -29.82
CA ALA A 638 5.20 30.94 -29.86
C ALA A 638 4.69 32.32 -30.25
N VAL A 639 3.68 32.35 -31.12
CA VAL A 639 3.06 33.60 -31.51
C VAL A 639 2.32 34.24 -30.36
N ASP A 640 1.62 33.42 -29.58
CA ASP A 640 0.84 33.92 -28.45
C ASP A 640 1.73 34.42 -27.33
N VAL A 641 2.88 33.78 -27.14
CA VAL A 641 3.80 34.20 -26.09
C VAL A 641 4.58 35.42 -26.51
N GLY A 642 5.10 35.40 -27.74
CA GLY A 642 5.70 36.58 -28.35
C GLY A 642 7.03 36.98 -27.72
N ALA A 643 7.74 36.02 -27.15
CA ALA A 643 9.03 36.31 -26.53
C ALA A 643 10.12 36.47 -27.59
N ARG A 644 11.13 37.28 -27.27
CA ARG A 644 12.23 37.51 -28.19
C ARG A 644 12.97 36.22 -28.53
N ASP A 645 13.19 36.01 -29.82
CA ASP A 645 13.88 34.84 -30.36
C ASP A 645 13.15 33.52 -30.13
N LEU A 646 11.93 33.57 -29.63
CA LEU A 646 11.21 32.35 -29.31
C LEU A 646 10.92 31.58 -30.57
N PHE A 647 10.70 32.33 -31.65
CA PHE A 647 10.39 31.78 -32.95
C PHE A 647 11.55 31.00 -33.53
N MET A 648 12.76 31.31 -33.09
CA MET A 648 13.93 30.66 -33.64
C MET A 648 13.93 29.20 -33.27
N ASP A 649 13.21 28.86 -32.21
CA ASP A 649 13.10 27.47 -31.78
C ASP A 649 12.23 26.66 -32.75
N ILE A 650 11.33 27.33 -33.46
CA ILE A 650 10.61 26.69 -34.55
C ILE A 650 11.50 26.60 -35.78
N HIS A 651 12.23 27.67 -36.05
CA HIS A 651 13.05 27.73 -37.25
C HIS A 651 14.12 26.66 -37.30
N TYR A 652 14.86 26.49 -36.22
CA TYR A 652 15.97 25.56 -36.30
C TYR A 652 15.49 24.12 -36.42
N LEU A 653 14.32 23.83 -35.87
CA LEU A 653 13.74 22.49 -36.00
C LEU A 653 13.05 22.30 -37.34
N ALA A 654 12.33 23.31 -37.79
CA ALA A 654 11.65 23.24 -39.08
C ALA A 654 12.67 23.27 -40.20
N LEU A 655 13.81 23.90 -39.94
CA LEU A 655 14.91 23.92 -40.88
C LEU A 655 15.47 22.51 -41.08
N ASP A 656 15.57 21.73 -39.98
CA ASP A 656 15.96 20.33 -40.02
C ASP A 656 17.29 20.12 -40.74
N GLU A 659 6.81 20.61 -44.32
CA GLU A 659 7.00 21.21 -43.00
C GLU A 659 8.20 22.16 -42.92
N LEU A 660 9.07 22.12 -43.95
CA LEU A 660 10.30 22.90 -44.00
C LEU A 660 9.97 24.37 -44.29
N ALA A 661 8.79 24.58 -44.87
CA ALA A 661 8.30 25.92 -45.16
C ALA A 661 8.10 26.74 -43.89
N LEU A 662 7.82 26.07 -42.79
CA LEU A 662 7.54 26.76 -41.54
C LEU A 662 8.79 27.45 -41.04
N ALA A 663 9.96 26.96 -41.44
CA ALA A 663 11.21 27.55 -40.96
C ALA A 663 11.34 29.00 -41.40
N GLU A 664 10.91 29.27 -42.62
CA GLU A 664 10.97 30.64 -43.14
C GLU A 664 9.92 31.51 -42.48
N VAL A 665 8.79 30.90 -42.14
CA VAL A 665 7.75 31.64 -41.45
C VAL A 665 8.24 32.05 -40.07
N ALA A 666 8.94 31.15 -39.41
CA ALA A 666 9.49 31.45 -38.10
C ALA A 666 10.53 32.57 -38.17
N ARG A 667 11.28 32.62 -39.27
CA ARG A 667 12.23 33.71 -39.47
C ARG A 667 11.50 35.04 -39.59
N LYS A 668 10.36 35.01 -40.25
CA LYS A 668 9.57 36.23 -40.38
C LYS A 668 9.01 36.67 -39.05
N ARG A 669 8.58 35.71 -38.24
CA ARG A 669 8.04 36.04 -36.93
C ARG A 669 9.12 36.59 -36.01
N ALA A 670 10.33 36.05 -36.13
CA ALA A 670 11.44 36.56 -35.33
C ALA A 670 11.72 38.02 -35.69
N SER A 671 11.54 38.36 -36.95
CA SER A 671 11.78 39.70 -37.44
C SER A 671 10.70 40.66 -36.97
N ASP A 672 9.55 40.12 -36.60
CA ASP A 672 8.45 40.95 -36.13
C ASP A 672 8.66 41.43 -34.70
N ILE A 673 9.61 40.82 -33.99
CA ILE A 673 10.02 41.34 -32.68
C ILE A 673 11.24 42.24 -32.83
N ASP A 674 12.20 41.81 -33.67
CA ASP A 674 13.41 42.55 -33.97
C ASP A 674 13.10 43.72 -34.92
N GLY B 324 35.95 -6.16 7.20
CA GLY B 324 37.26 -5.61 6.89
C GLY B 324 37.61 -5.75 5.42
N LEU B 325 38.72 -5.13 5.00
CA LEU B 325 39.18 -5.14 3.62
C LEU B 325 39.77 -6.48 3.21
N ASN B 326 40.06 -7.33 4.20
CA ASN B 326 40.61 -8.64 3.92
C ASN B 326 39.53 -9.66 3.58
N THR B 327 38.26 -9.30 3.75
CA THR B 327 37.18 -10.20 3.41
C THR B 327 37.15 -10.34 1.89
N PRO B 328 37.10 -11.56 1.33
CA PRO B 328 37.10 -11.80 -0.09
C PRO B 328 35.86 -11.25 -0.78
N HIS B 329 36.09 -10.55 -1.89
CA HIS B 329 35.06 -10.05 -2.78
C HIS B 329 35.67 -9.82 -4.16
N ILE B 330 34.88 -9.84 -5.22
CA ILE B 330 35.42 -9.55 -6.54
C ILE B 330 34.39 -9.00 -7.52
N ILE B 331 34.85 -8.17 -8.45
CA ILE B 331 34.14 -7.94 -9.69
C ILE B 331 34.98 -8.35 -10.88
N MET B 332 34.36 -9.08 -11.80
CA MET B 332 35.00 -9.38 -13.07
C MET B 332 34.05 -9.11 -14.22
N TYR B 333 34.57 -8.61 -15.32
CA TYR B 333 33.80 -8.62 -16.56
C TYR B 333 34.44 -9.62 -17.49
N LEU B 334 33.65 -10.59 -17.91
CA LEU B 334 34.17 -11.72 -18.66
C LEU B 334 33.51 -11.86 -20.02
N THR B 335 34.29 -12.22 -21.03
CA THR B 335 33.70 -12.66 -22.29
C THR B 335 33.21 -14.09 -22.19
N LEU B 336 32.08 -14.40 -22.81
CA LEU B 336 31.57 -15.76 -22.79
C LEU B 336 31.83 -16.51 -24.08
N GLN B 337 32.71 -15.97 -24.92
CA GLN B 337 33.18 -16.72 -26.08
C GLN B 337 34.35 -17.56 -25.59
N LEU B 338 34.03 -18.76 -25.13
CA LEU B 338 34.96 -19.53 -24.32
C LEU B 338 35.95 -20.32 -25.16
N ASP B 339 36.77 -19.59 -25.90
CA ASP B 339 37.87 -20.18 -26.64
C ASP B 339 39.08 -20.31 -25.73
N SER B 340 38.95 -21.19 -24.75
CA SER B 340 39.90 -21.31 -23.64
C SER B 340 41.25 -21.86 -24.08
N GLU B 341 41.28 -22.43 -25.28
CA GLU B 341 42.48 -23.01 -25.87
C GLU B 341 43.46 -21.97 -26.44
N THR B 342 43.03 -20.71 -26.57
CA THR B 342 43.88 -19.70 -27.18
C THR B 342 45.04 -19.31 -26.27
N SER B 343 46.08 -18.71 -26.86
CA SER B 343 47.33 -18.42 -26.16
C SER B 343 47.32 -17.19 -25.24
N LYS B 344 46.43 -16.24 -25.47
CA LYS B 344 46.49 -15.03 -24.66
C LYS B 344 46.10 -15.30 -23.22
N GLU B 345 46.88 -14.77 -22.29
CA GLU B 345 46.61 -14.99 -20.88
C GLU B 345 45.39 -14.23 -20.44
N GLU B 346 44.51 -14.91 -19.71
CA GLU B 346 43.33 -14.29 -19.14
C GLU B 346 42.55 -13.52 -20.19
N GLN B 347 42.41 -14.08 -21.38
CA GLN B 347 41.69 -13.41 -22.45
C GLN B 347 40.22 -13.27 -22.08
N GLU B 348 39.75 -14.17 -21.24
CA GLU B 348 38.39 -14.11 -20.75
C GLU B 348 38.11 -12.85 -19.93
N ILE B 349 39.12 -12.33 -19.23
CA ILE B 349 38.89 -11.15 -18.40
C ILE B 349 39.10 -9.87 -19.17
N LEU B 350 38.04 -9.07 -19.24
CA LEU B 350 38.12 -7.77 -19.86
C LEU B 350 38.37 -6.71 -18.80
N TYR B 351 37.87 -6.97 -17.60
CA TYR B 351 38.08 -6.11 -16.45
C TYR B 351 38.03 -6.89 -15.15
N HIS B 352 38.76 -6.45 -14.12
CA HIS B 352 38.55 -6.97 -12.78
C HIS B 352 38.96 -5.97 -11.70
N TYR B 353 38.36 -6.12 -10.53
CA TYR B 353 38.72 -5.33 -9.35
C TYR B 353 38.23 -6.05 -8.08
N PRO B 354 38.92 -5.90 -6.94
CA PRO B 354 40.21 -5.31 -6.65
C PRO B 354 41.34 -6.22 -7.10
N MET B 355 42.53 -5.66 -7.08
CA MET B 355 43.74 -6.36 -7.50
C MET B 355 44.38 -7.13 -6.34
N SER B 356 43.87 -6.91 -5.13
CA SER B 356 44.43 -7.46 -3.90
C SER B 356 44.21 -8.96 -3.77
N GLU B 357 45.00 -9.58 -2.89
CA GLU B 357 45.03 -11.02 -2.73
C GLU B 357 43.70 -11.64 -2.34
N ALA B 358 42.90 -10.90 -1.59
CA ALA B 358 41.62 -11.43 -1.14
C ALA B 358 40.73 -11.80 -2.32
N SER B 359 40.86 -11.09 -3.43
CA SER B 359 40.07 -11.38 -4.62
C SER B 359 40.69 -12.48 -5.48
N GLN B 360 41.97 -12.77 -5.25
CA GLN B 360 42.70 -13.55 -6.23
C GLN B 360 42.21 -14.98 -6.28
N LYS B 361 41.78 -15.52 -5.15
CA LYS B 361 41.22 -16.85 -5.16
C LYS B 361 39.91 -16.87 -5.92
N LEU B 362 39.13 -15.79 -5.80
CA LEU B 362 37.90 -15.70 -6.56
C LEU B 362 38.20 -15.64 -8.05
N LYS B 363 39.26 -14.93 -8.39
CA LYS B 363 39.68 -14.83 -9.77
C LYS B 363 40.07 -16.20 -10.34
N SER B 364 40.64 -17.05 -9.50
CA SER B 364 41.12 -18.36 -9.95
C SER B 364 39.96 -19.29 -10.32
N VAL B 365 38.78 -19.01 -9.79
CA VAL B 365 37.62 -19.83 -10.03
C VAL B 365 36.71 -19.21 -11.07
N ARG B 366 37.24 -18.26 -11.82
CA ARG B 366 36.47 -17.55 -12.82
C ARG B 366 35.88 -18.51 -13.84
N GLY B 367 36.53 -19.65 -14.02
CA GLY B 367 36.07 -20.67 -14.94
C GLY B 367 34.72 -21.23 -14.53
N ILE B 368 34.37 -21.10 -13.25
CA ILE B 368 33.08 -21.60 -12.79
C ILE B 368 31.96 -20.80 -13.41
N PHE B 369 32.12 -19.49 -13.40
CA PHE B 369 31.09 -18.61 -13.90
C PHE B 369 30.94 -18.77 -15.39
N LEU B 370 32.07 -18.94 -16.06
CA LEU B 370 32.03 -19.08 -17.50
C LEU B 370 31.29 -20.35 -17.87
N THR B 371 31.55 -21.42 -17.13
CA THR B 371 30.93 -22.70 -17.44
C THR B 371 29.43 -22.65 -17.22
N LEU B 372 29.02 -21.99 -16.14
CA LEU B 372 27.63 -21.92 -15.79
C LEU B 372 26.85 -20.95 -16.66
N CYS B 373 27.46 -19.84 -17.06
CA CYS B 373 26.70 -18.85 -17.82
C CYS B 373 26.41 -19.32 -19.23
N ASP B 374 27.23 -20.22 -19.73
CA ASP B 374 26.88 -20.89 -20.97
C ASP B 374 25.87 -22.01 -20.69
N MET B 375 26.22 -22.87 -19.75
CA MET B 375 25.48 -24.10 -19.53
C MET B 375 24.06 -23.94 -19.05
N LEU B 376 23.85 -23.05 -18.10
CA LEU B 376 22.56 -23.02 -17.45
C LEU B 376 21.50 -22.32 -18.26
N GLU B 377 21.90 -21.51 -19.23
CA GLU B 377 20.91 -20.96 -20.14
C GLU B 377 20.67 -21.93 -21.29
N ASN B 378 21.54 -22.94 -21.43
CA ASN B 378 21.25 -24.03 -22.35
C ASN B 378 20.30 -25.03 -21.70
N VAL B 379 20.44 -25.18 -20.38
CA VAL B 379 19.62 -26.09 -19.59
C VAL B 379 18.26 -25.50 -19.29
N THR B 380 18.23 -24.20 -19.05
CA THR B 380 17.03 -23.48 -18.67
C THR B 380 16.85 -22.34 -19.64
N GLY B 381 15.69 -21.72 -19.64
CA GLY B 381 15.39 -20.70 -20.63
C GLY B 381 15.95 -19.33 -20.29
N THR B 382 16.75 -19.23 -19.25
CA THR B 382 17.15 -17.88 -18.84
C THR B 382 18.54 -17.82 -18.23
N GLN B 383 18.97 -16.58 -18.08
CA GLN B 383 20.29 -16.27 -17.58
C GLN B 383 20.43 -16.59 -16.12
N VAL B 384 21.65 -16.94 -15.73
CA VAL B 384 22.03 -16.99 -14.33
C VAL B 384 21.98 -15.60 -13.72
N THR B 385 21.46 -15.52 -12.51
CA THR B 385 21.31 -14.26 -11.80
C THR B 385 22.21 -14.18 -10.59
N SER B 386 22.37 -15.31 -9.90
CA SER B 386 23.25 -15.35 -8.74
C SER B 386 23.75 -16.76 -8.42
N SER B 387 24.77 -16.82 -7.54
CA SER B 387 25.34 -18.08 -7.07
C SER B 387 25.96 -17.95 -5.70
N SER B 388 26.11 -19.08 -5.02
CA SER B 388 26.80 -19.10 -3.73
C SER B 388 28.08 -19.90 -3.79
N LEU B 389 29.19 -19.26 -3.42
CA LEU B 389 30.46 -19.94 -3.25
C LEU B 389 30.89 -19.86 -1.80
N LEU B 390 31.57 -20.89 -1.30
CA LEU B 390 32.29 -20.70 -0.06
C LEU B 390 33.79 -20.62 -0.27
N LEU B 391 34.38 -19.57 0.29
CA LEU B 391 35.82 -19.35 0.23
C LEU B 391 36.34 -18.78 1.53
N ASN B 392 37.39 -19.40 2.06
CA ASN B 392 38.02 -18.94 3.29
C ASN B 392 37.02 -18.94 4.44
N GLY B 393 36.03 -19.82 4.33
CA GLY B 393 34.98 -19.97 5.34
C GLY B 393 33.85 -18.97 5.18
N LYS B 394 33.99 -18.04 4.24
CA LYS B 394 32.94 -17.05 3.99
C LYS B 394 31.95 -17.59 2.99
N GLN B 395 30.68 -17.22 3.13
CA GLN B 395 29.77 -17.46 2.03
C GLN B 395 29.72 -16.23 1.16
N ILE B 396 30.07 -16.37 -0.09
CA ILE B 396 30.04 -15.24 -1.00
C ILE B 396 28.93 -15.40 -2.00
N HIS B 397 28.07 -14.40 -2.08
CA HIS B 397 27.04 -14.39 -3.09
C HIS B 397 27.58 -13.73 -4.33
N VAL B 398 27.44 -14.39 -5.47
CA VAL B 398 27.91 -13.85 -6.71
C VAL B 398 26.78 -13.60 -7.67
N ALA B 399 26.63 -12.36 -8.11
CA ALA B 399 25.60 -11.99 -9.06
C ALA B 399 26.11 -12.07 -10.49
N TYR B 400 25.21 -12.35 -11.43
CA TYR B 400 25.56 -12.46 -12.83
C TYR B 400 24.71 -11.53 -13.69
N TRP B 401 25.29 -11.05 -14.78
CA TRP B 401 24.49 -10.39 -15.81
C TRP B 401 25.05 -10.63 -17.21
N LYS B 402 24.36 -11.47 -17.97
CA LYS B 402 24.82 -11.85 -19.30
C LYS B 402 24.27 -10.89 -20.35
N GLU B 403 24.85 -9.70 -20.46
CA GLU B 403 24.29 -8.64 -21.29
C GLU B 403 24.30 -8.94 -22.78
N SER B 404 25.39 -9.48 -23.28
CA SER B 404 25.47 -9.86 -24.70
C SER B 404 26.50 -10.94 -24.91
N ASP B 405 26.21 -12.13 -24.39
CA ASP B 405 27.18 -13.22 -24.39
C ASP B 405 28.50 -12.71 -23.82
N LYS B 406 28.36 -11.85 -22.82
CA LYS B 406 29.46 -11.14 -22.20
C LYS B 406 28.99 -10.76 -20.81
N LEU B 407 29.68 -11.28 -19.82
CA LEU B 407 29.17 -11.37 -18.46
C LEU B 407 29.74 -10.40 -17.44
N LEU B 408 28.86 -9.69 -16.75
CA LEU B 408 29.25 -8.99 -15.53
C LEU B 408 29.07 -9.91 -14.34
N LEU B 409 30.06 -9.93 -13.46
CA LEU B 409 29.97 -10.76 -12.28
C LEU B 409 30.38 -10.01 -11.02
N ILE B 410 29.55 -10.05 -9.97
CA ILE B 410 29.93 -9.44 -8.69
C ILE B 410 29.80 -10.38 -7.49
N GLY B 411 30.88 -10.56 -6.74
CA GLY B 411 30.87 -11.42 -5.56
C GLY B 411 31.12 -10.66 -4.26
N LEU B 412 30.21 -10.83 -3.30
CA LEU B 412 30.29 -10.19 -1.98
C LEU B 412 29.89 -11.16 -0.87
N PRO B 413 30.47 -11.02 0.33
CA PRO B 413 30.20 -11.83 1.49
C PRO B 413 28.77 -11.69 1.93
N ALA B 414 28.16 -12.82 2.27
CA ALA B 414 26.80 -12.93 2.76
C ALA B 414 26.67 -12.30 4.13
N GLU B 415 27.80 -12.22 4.81
CA GLU B 415 27.84 -11.70 6.16
C GLU B 415 27.50 -10.21 6.19
N GLU B 416 27.83 -9.50 5.12
CA GLU B 416 27.49 -8.09 5.02
C GLU B 416 26.34 -7.86 4.07
N VAL B 417 26.22 -8.73 3.07
CA VAL B 417 25.26 -8.55 2.00
C VAL B 417 24.30 -9.72 1.84
N PRO B 418 23.04 -9.54 2.20
CA PRO B 418 21.95 -10.45 1.95
C PRO B 418 21.77 -10.62 0.45
N LEU B 419 21.43 -11.82 0.03
CA LEU B 419 21.22 -12.05 -1.40
C LEU B 419 20.25 -11.08 -2.06
N PRO B 420 19.10 -10.77 -1.45
CA PRO B 420 18.13 -9.81 -1.96
C PRO B 420 18.72 -8.43 -2.09
N ARG B 421 19.76 -8.14 -1.31
CA ARG B 421 20.41 -6.85 -1.44
C ARG B 421 21.33 -6.87 -2.64
N LEU B 422 22.02 -7.98 -2.82
CA LEU B 422 23.01 -8.07 -3.89
C LEU B 422 22.39 -7.99 -5.27
N ARG B 423 21.28 -8.66 -5.45
CA ARG B 423 20.68 -8.69 -6.76
C ARG B 423 20.16 -7.32 -7.14
N ASN B 424 19.74 -6.56 -6.14
CA ASN B 424 19.37 -5.19 -6.41
C ASN B 424 20.59 -4.33 -6.62
N MET B 425 21.69 -4.65 -5.93
CA MET B 425 22.89 -3.86 -6.11
C MET B 425 23.50 -4.05 -7.49
N ILE B 426 23.46 -5.26 -8.02
CA ILE B 426 23.99 -5.43 -9.36
C ILE B 426 23.11 -4.73 -10.35
N GLU B 427 21.81 -4.71 -10.08
CA GLU B 427 20.90 -4.02 -10.97
C GLU B 427 21.20 -2.53 -10.97
N ASN B 428 21.52 -1.99 -9.82
CA ASN B 428 21.88 -0.59 -9.74
C ASN B 428 23.21 -0.32 -10.42
N VAL B 429 24.10 -1.30 -10.40
CA VAL B 429 25.38 -1.17 -11.08
C VAL B 429 25.17 -1.22 -12.59
N ILE B 430 24.30 -2.11 -13.04
CA ILE B 430 24.04 -2.25 -14.45
C ILE B 430 23.39 -0.99 -14.98
N GLN B 431 22.46 -0.45 -14.22
CA GLN B 431 21.79 0.75 -14.65
C GLN B 431 22.73 1.93 -14.63
N THR B 432 23.64 1.97 -13.66
CA THR B 432 24.58 3.07 -13.59
C THR B 432 25.58 3.00 -14.72
N LEU B 433 26.02 1.79 -15.07
CA LEU B 433 26.98 1.65 -16.14
C LEU B 433 26.36 2.03 -17.47
N LYS B 434 25.11 1.65 -17.68
CA LYS B 434 24.44 2.00 -18.92
C LYS B 434 24.17 3.49 -18.94
N PHE B 435 23.84 4.05 -17.80
CA PHE B 435 23.56 5.46 -17.70
C PHE B 435 24.77 6.31 -17.97
N MET B 436 25.92 5.91 -17.43
CA MET B 436 27.12 6.69 -17.64
C MET B 436 27.86 6.38 -18.95
N TYR B 437 27.75 5.14 -19.43
CA TYR B 437 28.52 4.74 -20.60
C TYR B 437 27.68 4.31 -21.81
N GLY B 438 26.37 4.38 -21.70
CA GLY B 438 25.50 3.99 -22.80
C GLY B 438 25.20 2.50 -22.78
N SER B 439 26.25 1.69 -22.72
CA SER B 439 26.05 0.24 -22.70
C SER B 439 27.05 -0.44 -21.77
N LEU B 440 26.60 -1.54 -21.18
CA LEU B 440 27.39 -2.24 -20.18
C LEU B 440 28.62 -2.91 -20.76
N ASP B 441 28.46 -3.53 -21.92
CA ASP B 441 29.57 -4.26 -22.49
C ASP B 441 30.67 -3.35 -22.95
N SER B 442 30.31 -2.22 -23.52
CA SER B 442 31.29 -1.32 -24.06
C SER B 442 31.97 -0.57 -22.94
N ALA B 443 31.27 -0.40 -21.83
CA ALA B 443 31.88 0.28 -20.71
C ALA B 443 33.10 -0.48 -20.23
N PHE B 444 33.02 -1.81 -20.28
CA PHE B 444 34.13 -2.66 -19.87
C PHE B 444 35.16 -2.89 -20.94
N CYS B 445 34.71 -2.93 -22.19
CA CYS B 445 35.62 -3.17 -23.30
C CYS B 445 36.54 -1.98 -23.52
N GLN B 446 36.13 -0.83 -23.02
CA GLN B 446 36.95 0.36 -23.10
C GLN B 446 38.00 0.35 -22.00
N ILE B 447 39.26 0.38 -22.40
CA ILE B 447 40.37 0.31 -21.48
C ILE B 447 40.51 1.61 -20.70
N GLU B 448 40.08 2.70 -21.31
CA GLU B 448 40.18 4.01 -20.71
C GLU B 448 39.25 4.14 -19.50
N ASN B 449 38.26 3.26 -19.40
CA ASN B 449 37.31 3.34 -18.31
C ASN B 449 37.77 2.53 -17.10
N VAL B 450 38.92 1.87 -17.22
CA VAL B 450 39.37 1.01 -16.13
C VAL B 450 39.58 1.70 -14.79
N PRO B 451 40.36 2.79 -14.67
CA PRO B 451 40.61 3.47 -13.42
C PRO B 451 39.35 4.08 -12.85
N ARG B 452 38.39 4.41 -13.71
CA ARG B 452 37.13 4.94 -13.25
C ARG B 452 36.26 3.83 -12.70
N LEU B 453 36.34 2.66 -13.32
CA LEU B 453 35.64 1.49 -12.82
C LEU B 453 36.25 1.07 -11.50
N ASP B 454 37.56 1.17 -11.37
CA ASP B 454 38.19 0.79 -10.13
C ASP B 454 37.75 1.71 -9.00
N HIS B 455 37.61 3.00 -9.29
CA HIS B 455 37.17 3.94 -8.27
C HIS B 455 35.74 3.68 -7.89
N PHE B 456 34.92 3.37 -8.87
CA PHE B 456 33.52 3.09 -8.63
C PHE B 456 33.35 1.87 -7.77
N PHE B 457 34.10 0.83 -8.07
CA PHE B 457 33.96 -0.39 -7.33
C PHE B 457 34.60 -0.30 -5.96
N ASN B 458 35.60 0.57 -5.82
CA ASN B 458 36.13 0.82 -4.50
C ASN B 458 35.03 1.36 -3.60
N LEU B 459 34.24 2.29 -4.12
CA LEU B 459 33.15 2.86 -3.32
C LEU B 459 32.04 1.84 -3.10
N PHE B 460 31.78 1.02 -4.11
CA PHE B 460 30.73 0.02 -4.05
C PHE B 460 31.02 -1.04 -3.01
N PHE B 461 32.28 -1.40 -2.90
CA PHE B 461 32.70 -2.44 -1.99
C PHE B 461 33.05 -1.87 -0.63
N GLN B 462 32.80 -0.59 -0.43
CA GLN B 462 32.82 -0.08 0.93
C GLN B 462 31.41 0.02 1.45
N ARG B 463 30.47 0.37 0.59
CA ARG B 463 29.09 0.47 1.04
C ARG B 463 28.52 -0.89 1.37
N ALA B 464 28.83 -1.87 0.54
CA ALA B 464 28.27 -3.20 0.70
C ALA B 464 29.00 -4.05 1.72
N LEU B 465 30.25 -3.73 1.97
CA LEU B 465 31.10 -4.63 2.72
C LEU B 465 31.59 -4.05 4.03
N GLN B 466 31.87 -2.75 4.04
CA GLN B 466 32.47 -2.12 5.19
C GLN B 466 31.74 -0.82 5.52
N PRO B 467 30.49 -0.92 5.99
CA PRO B 467 29.51 0.13 6.16
C PRO B 467 29.90 1.07 7.29
N ALA B 468 30.89 0.66 8.07
CA ALA B 468 31.31 1.37 9.26
C ALA B 468 31.82 2.77 8.95
N LYS B 469 32.32 2.98 7.74
CA LYS B 469 32.78 4.32 7.37
C LYS B 469 31.62 5.30 7.27
N LEU B 470 30.43 4.78 7.03
CA LEU B 470 29.23 5.61 6.91
C LEU B 470 29.33 6.68 5.80
N HIS B 471 30.00 6.33 4.70
CA HIS B 471 30.18 7.17 3.52
C HIS B 471 31.00 6.41 2.48
N ALA B 478 20.70 8.54 16.56
CA ALA B 478 20.95 9.33 15.37
C ALA B 478 22.14 8.81 14.56
N GLN B 479 23.20 8.37 15.27
CA GLN B 479 24.38 7.82 14.62
C GLN B 479 24.03 6.51 13.96
N GLN B 480 24.51 6.34 12.74
CA GLN B 480 24.25 5.15 11.96
C GLN B 480 22.77 4.96 11.67
N TYR B 481 22.00 6.05 11.75
CA TYR B 481 20.59 5.96 11.38
C TYR B 481 20.46 5.61 9.92
N ASP B 482 21.24 6.28 9.08
CA ASP B 482 21.19 6.00 7.65
C ASP B 482 21.73 4.62 7.34
N ALA B 483 22.68 4.15 8.13
CA ALA B 483 23.24 2.82 7.90
C ALA B 483 22.20 1.76 8.19
N SER B 484 21.39 1.97 9.21
CA SER B 484 20.32 1.04 9.49
C SER B 484 19.21 1.17 8.46
N SER B 485 19.07 2.38 7.93
CA SER B 485 18.09 2.68 6.90
C SER B 485 18.47 2.06 5.58
N ALA B 486 19.76 1.98 5.31
CA ALA B 486 20.29 1.54 4.03
C ALA B 486 19.85 0.12 3.72
N VAL B 487 19.62 -0.65 4.76
CA VAL B 487 19.19 -2.02 4.58
C VAL B 487 17.91 -2.07 3.77
N LEU B 488 17.03 -1.11 3.99
CA LEU B 488 15.78 -1.06 3.26
C LEU B 488 15.83 -0.01 2.13
N LEU B 489 16.48 1.11 2.40
CA LEU B 489 16.45 2.28 1.53
C LEU B 489 17.08 2.04 0.17
N ASP B 490 18.07 1.16 0.12
CA ASP B 490 18.76 0.87 -1.13
C ASP B 490 17.95 -0.05 -2.02
N ASN B 491 17.01 -0.80 -1.42
CA ASN B 491 16.27 -1.81 -2.15
C ASN B 491 15.07 -1.22 -2.87
N LEU B 492 14.45 -0.21 -2.29
CA LEU B 492 13.23 0.34 -2.88
C LEU B 492 13.52 1.11 -4.17
N PRO B 493 12.60 1.05 -5.13
CA PRO B 493 12.62 1.76 -6.40
C PRO B 493 12.13 3.18 -6.22
N GLY B 494 12.89 3.99 -5.52
CA GLY B 494 12.45 5.35 -5.23
C GLY B 494 13.52 6.18 -4.55
N VAL B 495 13.12 7.39 -4.16
CA VAL B 495 14.04 8.38 -3.63
C VAL B 495 13.53 8.94 -2.30
N ARG B 496 14.40 9.09 -1.32
CA ARG B 496 13.93 9.68 -0.08
C ARG B 496 13.48 11.08 -0.38
N TRP B 497 12.27 11.41 0.07
CA TRP B 497 11.63 12.68 -0.22
C TRP B 497 11.01 13.28 1.01
N LEU B 498 10.98 14.60 1.08
CA LEU B 498 10.45 15.28 2.23
C LEU B 498 9.11 15.93 1.95
N THR B 499 8.11 15.52 2.70
CA THR B 499 6.78 16.11 2.57
C THR B 499 6.79 17.51 3.16
N LEU B 500 6.17 18.44 2.47
CA LEU B 500 6.13 19.81 2.94
C LEU B 500 4.72 20.36 2.90
N PRO B 501 4.42 21.35 3.72
CA PRO B 501 3.24 22.19 3.65
C PRO B 501 3.27 22.93 2.34
N LEU B 502 2.10 23.15 1.78
CA LEU B 502 1.97 23.73 0.45
C LEU B 502 2.53 25.14 0.40
N GLU B 503 2.50 25.83 1.53
CA GLU B 503 2.99 27.18 1.63
C GLU B 503 4.49 27.28 1.36
N ILE B 504 5.21 26.18 1.61
CA ILE B 504 6.63 26.14 1.30
C ILE B 504 6.84 25.54 -0.08
N LYS B 505 6.08 24.49 -0.37
CA LYS B 505 6.24 23.71 -1.59
C LYS B 505 6.20 24.59 -2.82
N MET B 506 5.31 25.57 -2.83
CA MET B 506 5.17 26.39 -4.03
C MET B 506 6.34 27.31 -4.30
N GLU B 507 7.07 27.71 -3.28
CA GLU B 507 8.24 28.53 -3.56
C GLU B 507 9.29 27.68 -4.24
N LEU B 508 9.36 26.44 -3.80
CA LEU B 508 10.34 25.51 -4.29
C LEU B 508 10.03 25.04 -5.71
N ASP B 509 8.75 24.83 -6.00
CA ASP B 509 8.36 24.43 -7.34
C ASP B 509 8.51 25.57 -8.31
N MET B 510 8.23 26.79 -7.86
CA MET B 510 8.42 27.94 -8.71
C MET B 510 9.87 28.15 -9.03
N ALA B 511 10.75 27.90 -8.07
CA ALA B 511 12.18 28.05 -8.33
C ALA B 511 12.66 27.09 -9.41
N LEU B 512 12.12 25.87 -9.43
CA LEU B 512 12.47 24.95 -10.50
C LEU B 512 11.89 25.37 -11.83
N SER B 513 10.69 25.93 -11.82
CA SER B 513 10.08 26.41 -13.05
C SER B 513 10.84 27.60 -13.60
N ASP B 514 11.40 28.39 -12.71
CA ASP B 514 12.17 29.57 -13.08
C ASP B 514 13.44 29.16 -13.81
N LEU B 515 13.98 28.00 -13.44
CA LEU B 515 15.15 27.45 -14.08
C LEU B 515 14.83 26.75 -15.40
N GLU B 516 13.75 25.97 -15.40
CA GLU B 516 13.47 25.11 -16.55
C GLU B 516 12.99 25.91 -17.76
N ALA B 517 12.36 27.04 -17.51
CA ALA B 517 11.89 27.89 -18.60
C ALA B 517 13.02 28.75 -19.18
N ALA B 518 14.14 28.83 -18.48
CA ALA B 518 15.19 29.77 -18.84
C ALA B 518 15.87 29.40 -20.14
N ASP B 519 16.24 30.43 -20.89
CA ASP B 519 17.18 30.29 -22.00
C ASP B 519 17.96 31.58 -22.18
N PHE B 520 19.21 31.59 -21.75
CA PHE B 520 19.97 32.84 -21.77
C PHE B 520 21.32 32.68 -22.45
N ALA B 521 21.71 33.70 -23.19
CA ALA B 521 23.04 33.81 -23.76
C ALA B 521 23.36 35.27 -24.04
N GLU B 522 24.66 35.61 -24.14
CA GLU B 522 25.14 36.94 -24.55
C GLU B 522 24.42 38.08 -23.83
N ASP B 529 19.05 34.96 -31.01
CA ASP B 529 20.00 35.18 -32.09
C ASP B 529 20.88 33.94 -32.36
N MET B 530 20.74 32.91 -31.53
CA MET B 530 21.59 31.71 -31.53
C MET B 530 20.77 30.46 -31.30
N ARG B 531 21.24 29.34 -31.84
CA ARG B 531 20.64 28.05 -31.52
C ARG B 531 20.94 27.72 -30.07
N ARG B 532 19.94 27.23 -29.34
CA ARG B 532 20.11 26.93 -27.92
C ARG B 532 21.08 25.77 -27.74
N LEU B 533 21.92 25.83 -26.70
CA LEU B 533 22.89 24.78 -26.46
C LEU B 533 22.26 23.46 -26.06
N TYR B 534 21.31 23.52 -25.13
CA TYR B 534 20.57 22.33 -24.71
C TYR B 534 19.13 22.67 -24.46
N THR B 535 18.28 21.67 -24.58
CA THR B 535 16.97 21.71 -23.96
C THR B 535 17.11 21.24 -22.53
N ILE B 536 16.50 21.94 -21.58
CA ILE B 536 16.52 21.38 -20.24
C ILE B 536 15.41 20.36 -20.15
N LEU B 537 15.80 19.10 -20.06
CA LEU B 537 14.81 18.03 -20.09
C LEU B 537 14.00 18.09 -18.81
N GLY B 538 14.69 18.41 -17.72
CA GLY B 538 14.04 18.63 -16.43
C GLY B 538 15.06 18.84 -15.33
N SER B 539 14.57 19.02 -14.10
CA SER B 539 15.45 19.24 -12.96
C SER B 539 14.84 18.71 -11.66
N SER B 540 15.69 18.50 -10.66
CA SER B 540 15.22 18.06 -9.35
C SER B 540 16.05 18.63 -8.21
N LEU B 541 15.39 18.88 -7.09
CA LEU B 541 16.05 19.48 -5.95
C LEU B 541 16.08 18.58 -4.72
N PHE B 542 17.25 18.48 -4.09
CA PHE B 542 17.39 17.79 -2.82
C PHE B 542 17.87 18.72 -1.71
N TYR B 543 17.41 18.49 -0.49
CA TYR B 543 17.95 19.18 0.68
C TYR B 543 18.25 18.20 1.80
N LYS B 544 19.48 18.23 2.28
CA LYS B 544 19.91 17.37 3.38
C LYS B 544 19.59 15.90 3.16
N GLY B 545 19.75 15.45 1.93
CA GLY B 545 19.53 14.04 1.60
C GLY B 545 18.07 13.71 1.27
N TYR B 546 17.19 14.70 1.34
CA TYR B 546 15.80 14.48 0.99
C TYR B 546 15.46 15.15 -0.32
N LEU B 547 14.78 14.44 -1.19
CA LEU B 547 14.23 15.08 -2.38
C LEU B 547 13.17 16.04 -1.93
N ILE B 548 13.20 17.24 -2.46
CA ILE B 548 12.18 18.21 -2.13
C ILE B 548 11.11 18.29 -3.19
N CYS B 549 11.52 18.48 -4.43
CA CYS B 549 10.57 18.58 -5.54
C CYS B 549 11.25 18.24 -6.84
N SER B 550 10.44 17.98 -7.87
CA SER B 550 11.02 17.66 -9.17
C SER B 550 10.15 18.09 -10.34
N HIS B 551 10.78 18.65 -11.35
CA HIS B 551 10.16 18.87 -12.64
C HIS B 551 10.56 17.76 -13.60
N LEU B 552 11.57 16.99 -13.19
CA LEU B 552 12.13 15.88 -13.95
C LEU B 552 11.18 14.67 -13.96
N PRO B 553 11.15 13.86 -15.02
CA PRO B 553 10.44 12.61 -15.12
C PRO B 553 10.94 11.58 -14.12
N LYS B 554 10.06 10.67 -13.72
CA LYS B 554 10.39 9.66 -12.72
C LYS B 554 11.56 8.79 -13.12
N ASP B 555 11.64 8.42 -14.38
CA ASP B 555 12.67 7.49 -14.79
C ASP B 555 14.05 8.12 -14.67
N ASP B 556 14.11 9.42 -14.88
CA ASP B 556 15.37 10.14 -14.82
C ASP B 556 15.74 10.44 -13.38
N LEU B 557 14.73 10.60 -12.52
CA LEU B 557 14.98 10.74 -11.10
C LEU B 557 15.61 9.48 -10.52
N ILE B 558 15.14 8.32 -10.95
CA ILE B 558 15.68 7.09 -10.43
C ILE B 558 17.14 6.92 -10.80
N ASP B 559 17.49 7.22 -12.05
CA ASP B 559 18.86 7.03 -12.47
C ASP B 559 19.81 8.00 -11.81
N ILE B 560 19.36 9.23 -11.58
CA ILE B 560 20.23 10.19 -10.92
C ILE B 560 20.42 9.83 -9.46
N ALA B 561 19.35 9.40 -8.81
CA ALA B 561 19.46 9.02 -7.41
C ALA B 561 20.41 7.85 -7.20
N VAL B 562 20.40 6.89 -8.12
CA VAL B 562 21.28 5.74 -7.96
C VAL B 562 22.73 6.15 -8.12
N TYR B 563 22.98 7.04 -9.08
CA TYR B 563 24.31 7.57 -9.28
C TYR B 563 24.79 8.28 -8.01
N CYS B 564 23.90 9.08 -7.43
CA CYS B 564 24.24 9.83 -6.25
C CYS B 564 24.46 8.93 -5.02
N ARG B 565 23.82 7.76 -4.99
CA ARG B 565 24.09 6.84 -3.90
C ARG B 565 25.50 6.29 -3.98
N HIS B 566 25.94 5.97 -5.19
CA HIS B 566 27.23 5.35 -5.36
C HIS B 566 28.37 6.32 -5.10
N TYR B 567 28.12 7.59 -5.31
CA TYR B 567 29.14 8.61 -5.08
C TYR B 567 28.94 9.36 -3.77
N CYS B 568 28.01 8.89 -2.95
CA CYS B 568 27.76 9.46 -1.63
C CYS B 568 27.46 10.96 -1.70
N LEU B 569 26.77 11.41 -2.72
CA LEU B 569 26.56 12.84 -2.87
C LEU B 569 25.45 13.33 -1.96
N LEU B 570 24.43 12.51 -1.81
CA LEU B 570 23.29 12.90 -0.99
C LEU B 570 23.58 12.89 0.51
N PRO B 571 24.21 11.83 1.05
CA PRO B 571 24.67 11.76 2.42
C PRO B 571 25.73 12.80 2.73
N LEU B 572 26.47 13.25 1.71
CA LEU B 572 27.45 14.30 1.96
C LEU B 572 26.73 15.58 2.30
N ALA B 573 25.65 15.86 1.55
CA ALA B 573 24.85 17.04 1.83
C ALA B 573 24.13 16.91 3.17
N ALA B 574 23.74 15.69 3.52
CA ALA B 574 23.03 15.44 4.77
C ALA B 574 23.90 15.64 6.02
N LYS B 575 25.19 15.35 5.91
CA LYS B 575 26.05 15.37 7.10
C LYS B 575 27.02 16.55 7.15
N GLN B 576 27.41 17.06 6.00
CA GLN B 576 28.45 18.06 5.93
C GLN B 576 28.02 19.27 5.13
N ARG B 577 28.59 20.43 5.44
CA ARG B 577 28.32 21.57 4.60
C ARG B 577 29.28 21.62 3.44
N ILE B 578 28.72 21.52 2.26
CA ILE B 578 29.47 21.58 1.02
C ILE B 578 29.64 23.03 0.61
N GLY B 579 30.88 23.46 0.37
CA GLY B 579 31.11 24.82 -0.07
C GLY B 579 30.59 25.01 -1.49
N GLN B 580 31.15 24.23 -2.42
CA GLN B 580 30.59 24.13 -3.76
C GLN B 580 30.85 22.76 -4.35
N LEU B 581 29.81 22.13 -4.88
CA LEU B 581 29.96 20.91 -5.65
C LEU B 581 29.55 21.14 -7.09
N ILE B 582 30.40 20.74 -8.04
CA ILE B 582 29.99 20.73 -9.44
C ILE B 582 30.31 19.37 -10.09
N ILE B 583 29.32 18.75 -10.70
CA ILE B 583 29.53 17.51 -11.43
C ILE B 583 29.05 17.62 -12.87
N TRP B 584 29.90 17.30 -13.83
CA TRP B 584 29.45 17.23 -15.22
C TRP B 584 29.72 15.86 -15.82
N ARG B 585 28.67 15.23 -16.34
CA ARG B 585 28.82 13.93 -16.99
C ARG B 585 27.99 13.84 -18.24
N GLU B 586 28.51 13.19 -19.27
CA GLU B 586 27.62 12.74 -20.33
C GLU B 586 26.81 11.56 -19.81
N VAL B 587 25.52 11.55 -20.10
CA VAL B 587 24.66 10.48 -19.63
C VAL B 587 23.75 9.94 -20.72
N PHE B 588 23.24 8.74 -20.51
CA PHE B 588 22.40 8.06 -21.50
C PHE B 588 21.10 7.53 -20.90
N PRO B 589 20.17 8.41 -20.53
CA PRO B 589 18.97 8.14 -19.74
C PRO B 589 17.84 7.57 -20.57
N GLN B 590 18.09 6.46 -21.26
CA GLN B 590 17.10 5.84 -22.18
C GLN B 590 16.76 6.66 -23.44
N HIS B 591 16.61 7.98 -23.28
CA HIS B 591 16.28 8.92 -24.35
C HIS B 591 17.35 8.92 -25.44
N VAL B 603 1.44 10.04 -31.00
CA VAL B 603 2.56 9.43 -30.31
C VAL B 603 3.77 9.36 -31.24
N PHE B 604 4.51 10.47 -31.33
CA PHE B 604 5.78 10.53 -32.05
C PHE B 604 6.87 9.83 -31.25
N PRO B 605 7.90 9.31 -31.92
CA PRO B 605 9.09 8.70 -31.35
C PRO B 605 9.91 9.72 -30.60
N GLU B 606 10.62 9.25 -29.60
CA GLU B 606 11.55 10.09 -28.86
C GLU B 606 12.61 10.58 -29.84
N PRO B 607 12.96 11.88 -29.81
CA PRO B 607 13.95 12.51 -30.65
C PRO B 607 15.34 12.01 -30.34
N GLU B 608 16.22 12.08 -31.32
CA GLU B 608 17.63 11.74 -31.12
C GLU B 608 18.38 12.88 -30.45
N GLY B 609 19.33 12.54 -29.59
CA GLY B 609 20.13 13.52 -28.89
C GLY B 609 21.11 12.85 -27.94
N ARG B 610 21.91 13.67 -27.28
CA ARG B 610 22.84 13.23 -26.26
C ARG B 610 22.57 14.01 -25.00
N TYR B 611 22.83 13.43 -23.84
CA TYR B 611 22.39 14.08 -22.62
C TYR B 611 23.51 14.36 -21.66
N PHE B 612 23.38 15.43 -20.91
CA PHE B 612 24.37 15.77 -19.90
C PHE B 612 23.74 15.93 -18.53
N LEU B 613 24.33 15.28 -17.55
CA LEU B 613 23.92 15.47 -16.17
C LEU B 613 24.76 16.52 -15.49
N LEU B 614 24.13 17.60 -15.05
CA LEU B 614 24.79 18.59 -14.23
C LEU B 614 24.27 18.52 -12.81
N VAL B 615 25.18 18.37 -11.84
CA VAL B 615 24.75 18.47 -10.46
C VAL B 615 25.55 19.54 -9.73
N VAL B 616 24.85 20.48 -9.12
CA VAL B 616 25.51 21.52 -8.34
C VAL B 616 24.88 21.60 -6.96
N GLY B 617 25.70 21.76 -5.92
CA GLY B 617 25.11 21.90 -4.60
C GLY B 617 25.90 22.76 -3.64
N LEU B 618 25.16 23.45 -2.78
CA LEU B 618 25.68 24.31 -1.73
C LEU B 618 24.84 24.20 -0.47
N LYS B 619 25.46 24.23 0.69
CA LYS B 619 24.71 24.40 1.94
C LYS B 619 23.58 23.38 2.12
N HIS B 620 23.91 22.12 1.89
CA HIS B 620 22.99 20.99 1.99
C HIS B 620 21.99 20.88 0.86
N TYR B 621 21.94 21.86 -0.02
CA TYR B 621 21.12 21.70 -1.22
C TYR B 621 21.91 21.03 -2.32
N MET B 622 21.25 20.17 -3.07
CA MET B 622 21.85 19.62 -4.27
C MET B 622 20.84 19.62 -5.41
N LEU B 623 21.17 20.32 -6.48
CA LEU B 623 20.25 20.52 -7.59
C LEU B 623 20.75 19.82 -8.85
N CYS B 624 19.93 18.92 -9.38
CA CYS B 624 20.30 18.16 -10.57
C CYS B 624 19.55 18.63 -11.79
N VAL B 625 20.26 18.83 -12.90
CA VAL B 625 19.64 19.21 -14.16
C VAL B 625 20.03 18.26 -15.28
N LEU B 626 19.05 17.77 -16.01
CA LEU B 626 19.33 16.91 -17.15
C LEU B 626 19.13 17.67 -18.46
N LEU B 627 20.21 17.83 -19.20
CA LEU B 627 20.24 18.63 -20.42
C LEU B 627 20.25 17.76 -21.67
N GLU B 628 19.60 18.23 -22.73
CA GLU B 628 19.59 17.51 -24.00
C GLU B 628 20.27 18.28 -25.14
N ALA B 629 21.32 17.68 -25.69
CA ALA B 629 21.90 18.11 -26.95
C ALA B 629 21.15 17.44 -28.09
N GLY B 630 21.12 18.08 -29.24
CA GLY B 630 20.26 17.59 -30.29
C GLY B 630 18.83 17.88 -29.89
N GLY B 631 17.89 17.08 -30.37
CA GLY B 631 16.51 17.45 -30.08
C GLY B 631 16.25 18.83 -30.67
N CYS B 632 15.78 19.73 -29.82
CA CYS B 632 15.48 21.11 -30.21
C CYS B 632 16.74 21.97 -30.29
N ALA B 633 17.87 21.38 -29.88
CA ALA B 633 19.07 22.13 -29.54
C ALA B 633 20.29 21.72 -30.38
N SER B 634 21.40 22.40 -30.13
CA SER B 634 22.66 22.20 -30.82
C SER B 634 23.31 20.88 -30.44
N LYS B 635 24.27 20.41 -31.27
CA LYS B 635 25.00 19.17 -31.06
C LYS B 635 26.50 19.45 -30.98
N SER B 639 32.85 14.71 -26.45
CA SER B 639 31.77 15.47 -25.83
C SER B 639 32.36 16.61 -24.95
N PRO B 640 31.66 17.78 -24.86
CA PRO B 640 32.09 18.99 -24.15
C PRO B 640 31.98 18.86 -22.64
N GLY B 641 32.72 19.72 -21.96
CA GLY B 641 32.55 19.97 -20.53
C GLY B 641 31.37 20.91 -20.33
N PRO B 642 31.09 21.33 -19.10
CA PRO B 642 30.00 22.21 -18.72
C PRO B 642 30.19 23.54 -19.40
N ASP B 643 29.10 24.14 -19.83
CA ASP B 643 29.14 25.36 -20.63
C ASP B 643 29.20 26.61 -19.78
N CYS B 644 29.35 26.44 -18.48
CA CYS B 644 29.37 27.52 -17.49
C CYS B 644 28.01 28.17 -17.27
N VAL B 645 27.32 28.53 -18.34
CA VAL B 645 26.05 29.21 -18.20
C VAL B 645 25.02 28.34 -17.48
N TYR B 646 25.06 27.03 -17.71
CA TYR B 646 24.14 26.13 -17.03
C TYR B 646 24.49 26.00 -15.56
N VAL B 647 25.78 26.15 -15.24
CA VAL B 647 26.23 26.12 -13.86
C VAL B 647 25.78 27.39 -13.16
N ASP B 648 25.85 28.51 -13.86
CA ASP B 648 25.46 29.78 -13.27
C ASP B 648 23.97 29.80 -12.99
N GLN B 649 23.17 29.18 -13.86
CA GLN B 649 21.74 29.16 -13.65
C GLN B 649 21.32 28.28 -12.49
N VAL B 650 21.99 27.15 -12.29
CA VAL B 650 21.64 26.32 -11.14
C VAL B 650 22.09 26.96 -9.85
N LYS B 651 23.23 27.63 -9.87
CA LYS B 651 23.72 28.29 -8.68
C LYS B 651 22.81 29.45 -8.28
N THR B 652 22.28 30.15 -9.28
CA THR B 652 21.36 31.24 -9.01
C THR B 652 20.08 30.70 -8.40
N THR B 653 19.63 29.53 -8.88
CA THR B 653 18.44 28.90 -8.37
C THR B 653 18.63 28.52 -6.91
N LEU B 654 19.82 28.05 -6.57
CA LEU B 654 20.12 27.67 -5.19
C LEU B 654 20.10 28.87 -4.27
N HIS B 655 20.49 30.03 -4.78
CA HIS B 655 20.48 31.24 -3.96
C HIS B 655 19.06 31.61 -3.57
N GLN B 656 18.12 31.36 -4.48
CA GLN B 656 16.70 31.61 -4.21
C GLN B 656 16.15 30.63 -3.17
N LEU B 657 16.62 29.39 -3.24
CA LEU B 657 16.20 28.32 -2.36
C LEU B 657 16.75 28.47 -0.94
N ASP B 658 17.86 29.19 -0.82
CA ASP B 658 18.46 29.42 0.49
C ASP B 658 17.62 30.35 1.34
N GLY B 659 16.64 31.02 0.73
CA GLY B 659 15.75 31.88 1.51
C GLY B 659 14.69 31.09 2.30
N VAL B 660 14.52 29.81 1.97
CA VAL B 660 13.47 29.01 2.62
C VAL B 660 14.01 27.81 3.36
N ASP B 661 15.32 27.69 3.48
CA ASP B 661 15.91 26.52 4.11
C ASP B 661 15.51 26.41 5.56
N SER B 662 15.39 27.55 6.23
CA SER B 662 14.99 27.58 7.62
C SER B 662 13.54 27.16 7.77
N ARG B 663 12.73 27.45 6.77
CA ARG B 663 11.32 27.08 6.82
C ARG B 663 11.19 25.57 6.72
N ILE B 664 12.07 24.97 5.95
CA ILE B 664 12.12 23.54 5.86
C ILE B 664 12.62 22.94 7.16
N ASP B 665 13.62 23.58 7.75
CA ASP B 665 14.18 23.09 9.00
C ASP B 665 13.14 23.14 10.10
N GLU B 666 12.28 24.16 10.08
CA GLU B 666 11.20 24.23 11.03
C GLU B 666 10.24 23.06 10.85
N ARG B 667 9.99 22.68 9.61
CA ARG B 667 9.16 21.51 9.37
C ARG B 667 9.82 20.26 9.87
N LEU B 668 11.14 20.21 9.78
CA LEU B 668 11.87 19.05 10.27
C LEU B 668 11.86 19.01 11.79
N ALA B 669 11.96 20.19 12.40
CA ALA B 669 12.08 20.29 13.85
C ALA B 669 10.75 20.28 14.60
N SER B 670 9.67 20.70 13.95
CA SER B 670 8.40 20.96 14.64
C SER B 670 7.55 19.71 14.85
N SER B 671 8.11 18.75 15.56
CA SER B 671 7.46 17.50 15.92
C SER B 671 7.19 16.67 14.68
N PRO B 672 7.14 15.34 14.81
CA PRO B 672 6.83 14.41 13.75
C PRO B 672 5.40 14.54 13.26
N VAL B 673 5.20 14.30 11.98
CA VAL B 673 3.88 14.22 11.39
C VAL B 673 3.74 12.95 10.56
N PRO B 674 2.81 12.08 10.92
CA PRO B 674 2.03 11.99 12.13
C PRO B 674 2.99 11.75 13.29
N CYS B 675 2.60 12.17 14.49
CA CYS B 675 3.53 12.16 15.60
C CYS B 675 3.87 10.76 16.07
N LEU B 676 5.06 10.63 16.66
CA LEU B 676 5.61 9.35 17.08
C LEU B 676 5.86 9.33 18.58
N SER B 677 5.74 8.15 19.19
CA SER B 677 6.00 7.99 20.62
C SER B 677 7.28 7.19 20.86
N CYS B 678 7.96 7.44 21.99
CA CYS B 678 9.22 6.77 22.32
C CYS B 678 9.01 5.27 22.52
N ASN B 819 -1.58 7.99 20.78
CA ASN B 819 -0.75 7.80 19.60
C ASN B 819 0.47 6.94 19.95
N THR B 820 0.59 5.78 19.29
CA THR B 820 1.71 4.85 19.46
C THR B 820 2.38 4.46 18.16
N LEU B 821 2.32 5.35 17.17
CA LEU B 821 3.10 5.15 15.95
C LEU B 821 4.58 5.35 16.25
N PHE B 822 5.44 4.52 15.65
CA PHE B 822 6.86 4.62 15.89
C PHE B 822 7.68 4.98 14.66
N HIS B 823 7.29 4.46 13.50
CA HIS B 823 8.04 4.74 12.27
C HIS B 823 7.22 4.46 11.02
N TYR B 824 7.59 5.05 9.89
CA TYR B 824 6.98 4.64 8.62
C TYR B 824 7.84 4.97 7.41
N VAL B 825 7.62 4.23 6.32
CA VAL B 825 8.15 4.58 5.00
C VAL B 825 7.05 4.47 3.95
N ALA B 826 6.69 5.56 3.30
CA ALA B 826 5.64 5.47 2.27
C ALA B 826 6.21 5.67 0.88
N LEU B 827 5.88 4.79 -0.06
CA LEU B 827 6.43 4.85 -1.41
C LEU B 827 5.38 4.76 -2.50
N GLU B 828 5.36 5.75 -3.38
CA GLU B 828 4.62 5.62 -4.62
C GLU B 828 5.59 5.16 -5.69
N THR B 829 5.42 3.99 -6.26
CA THR B 829 6.48 3.49 -7.15
C THR B 829 6.47 4.23 -8.47
N VAL B 830 5.37 4.91 -8.74
CA VAL B 830 5.20 5.67 -9.97
C VAL B 830 5.94 7.00 -9.92
N GLN B 831 6.33 7.44 -8.73
CA GLN B 831 7.08 8.68 -8.57
C GLN B 831 8.28 8.43 -7.66
N GLY B 832 9.34 9.19 -7.81
CA GLY B 832 10.51 8.97 -6.96
C GLY B 832 10.32 9.55 -5.56
N ILE B 833 9.39 8.97 -4.81
CA ILE B 833 9.09 9.45 -3.46
C ILE B 833 9.09 8.37 -2.38
N PHE B 834 9.83 8.65 -1.31
CA PHE B 834 9.59 7.98 -0.04
C PHE B 834 9.14 9.06 0.95
N ILE B 835 8.24 8.72 1.84
CA ILE B 835 7.99 9.58 2.98
C ILE B 835 8.48 8.88 4.23
N THR B 836 9.33 9.55 4.98
CA THR B 836 9.93 8.96 6.17
C THR B 836 10.00 9.96 7.30
N PRO B 837 10.05 9.49 8.55
CA PRO B 837 10.45 10.24 9.70
C PRO B 837 11.84 10.76 9.44
N THR B 838 12.05 12.00 9.82
CA THR B 838 13.31 12.71 9.63
C THR B 838 14.33 12.21 10.64
N LEU B 839 15.61 12.40 10.33
CA LEU B 839 16.66 12.11 11.29
C LEU B 839 16.45 12.88 12.59
N GLU B 840 16.04 14.14 12.46
CA GLU B 840 15.78 14.98 13.62
C GLU B 840 14.62 14.42 14.44
N GLU B 841 13.62 13.89 13.74
CA GLU B 841 12.41 13.40 14.38
C GLU B 841 12.62 12.09 15.10
N VAL B 842 13.53 11.25 14.60
CA VAL B 842 13.86 10.02 15.32
C VAL B 842 14.83 10.30 16.46
N ALA B 843 15.74 11.24 16.26
CA ALA B 843 16.64 11.65 17.32
C ALA B 843 15.86 12.26 18.47
N GLN B 844 14.77 12.93 18.14
CA GLN B 844 13.86 13.53 19.10
C GLN B 844 13.07 12.46 19.86
N LEU B 845 13.08 11.26 19.30
CA LEU B 845 12.33 10.11 19.79
C LEU B 845 13.27 9.14 20.53
N SER B 846 14.51 9.58 20.73
CA SER B 846 15.61 8.71 21.16
C SER B 846 15.45 8.16 22.56
N GLY B 847 16.14 7.06 22.79
CA GLY B 847 16.20 6.38 24.07
C GLY B 847 17.13 5.17 23.91
N SER B 848 17.34 4.41 24.96
CA SER B 848 18.22 3.24 24.86
C SER B 848 17.58 2.13 24.05
N ILE B 849 16.26 2.10 24.03
CA ILE B 849 15.50 1.10 23.29
C ILE B 849 15.38 1.48 21.83
N HIS B 850 15.23 2.78 21.60
CA HIS B 850 14.89 3.32 20.29
C HIS B 850 15.79 2.90 19.11
N PRO B 851 17.12 3.06 19.17
CA PRO B 851 17.99 2.75 18.05
C PRO B 851 17.97 1.28 17.67
N GLN B 852 17.65 0.42 18.63
CA GLN B 852 17.56 -1.01 18.33
C GLN B 852 16.29 -1.30 17.59
N LEU B 853 15.25 -0.57 17.96
CA LEU B 853 13.95 -0.73 17.35
C LEU B 853 13.99 -0.29 15.90
N ILE B 854 14.74 0.77 15.64
CA ILE B 854 14.84 1.29 14.27
C ILE B 854 15.56 0.32 13.37
N LYS B 855 16.64 -0.27 13.86
CA LYS B 855 17.37 -1.24 13.07
C LYS B 855 16.51 -2.45 12.76
N ASN B 856 15.70 -2.86 13.72
CA ASN B 856 14.82 -4.00 13.53
C ASN B 856 13.77 -3.69 12.49
N PHE B 857 13.29 -2.46 12.48
CA PHE B 857 12.28 -2.03 11.53
C PHE B 857 12.76 -2.12 10.09
N HIS B 858 13.93 -1.56 9.83
CA HIS B 858 14.43 -1.53 8.47
C HIS B 858 14.79 -2.92 7.97
N GLN B 859 15.36 -3.72 8.85
CA GLN B 859 15.74 -5.06 8.47
C GLN B 859 14.53 -5.93 8.19
N CYS B 860 13.47 -5.75 8.96
CA CYS B 860 12.26 -6.51 8.71
C CYS B 860 11.60 -6.06 7.43
N CYS B 861 11.70 -4.77 7.12
CA CYS B 861 11.12 -4.24 5.91
C CYS B 861 11.82 -4.75 4.66
N LEU B 862 13.11 -5.06 4.78
CA LEU B 862 13.81 -5.66 3.65
C LEU B 862 13.29 -7.06 3.41
N SER B 863 13.02 -7.79 4.49
CA SER B 863 12.49 -9.14 4.38
C SER B 863 11.09 -9.11 3.79
N ILE B 864 10.38 -8.02 4.04
CA ILE B 864 9.08 -7.80 3.44
C ILE B 864 9.20 -7.45 1.97
N ARG B 865 10.17 -6.59 1.65
CA ARG B 865 10.36 -6.16 0.29
C ARG B 865 10.66 -7.31 -0.65
N ALA B 866 11.41 -8.29 -0.16
CA ALA B 866 11.75 -9.43 -1.00
C ALA B 866 10.49 -10.18 -1.44
N VAL B 867 9.50 -10.24 -0.55
CA VAL B 867 8.25 -10.91 -0.86
C VAL B 867 7.42 -10.12 -1.84
N PHE B 868 7.38 -8.81 -1.63
CA PHE B 868 6.66 -7.92 -2.55
C PHE B 868 7.32 -7.87 -3.91
N GLN B 869 8.65 -7.93 -3.94
CA GLN B 869 9.36 -7.84 -5.20
C GLN B 869 9.12 -9.06 -6.08
N GLN B 870 8.99 -10.23 -5.47
CA GLN B 870 8.62 -11.40 -6.25
C GLN B 870 7.26 -11.21 -6.90
N THR B 871 6.34 -10.63 -6.12
CA THR B 871 5.00 -10.36 -6.62
C THR B 871 5.01 -9.31 -7.72
N LEU B 872 5.83 -8.27 -7.55
CA LEU B 872 5.90 -7.20 -8.53
C LEU B 872 6.44 -7.70 -9.86
N VAL B 873 7.38 -8.62 -9.82
CA VAL B 873 7.90 -9.19 -11.04
C VAL B 873 6.85 -10.05 -11.75
N GLU B 874 6.13 -10.87 -10.99
CA GLU B 874 5.12 -11.70 -11.61
C GLU B 874 4.03 -10.87 -12.26
N GLU B 875 3.63 -9.80 -11.58
CA GLU B 875 2.61 -8.93 -12.09
C GLU B 875 3.12 -8.10 -13.26
N LYS B 876 4.38 -7.70 -13.20
CA LYS B 876 4.97 -6.96 -14.30
C LYS B 876 5.06 -7.82 -15.55
N LYS B 877 5.37 -9.10 -15.38
CA LYS B 877 5.46 -9.98 -16.54
C LYS B 877 4.10 -10.09 -17.22
N LYS B 878 3.05 -10.17 -16.43
CA LYS B 878 1.71 -10.22 -17.00
C LYS B 878 1.35 -8.90 -17.68
N GLY B 879 1.79 -7.79 -17.08
CA GLY B 879 1.55 -6.47 -17.64
C GLY B 879 2.31 -6.27 -18.95
N LEU B 880 3.47 -6.91 -19.05
CA LEU B 880 4.28 -6.82 -20.26
C LEU B 880 3.69 -7.70 -21.36
N ASN B 881 3.12 -8.82 -20.96
CA ASN B 881 2.51 -9.75 -21.92
C ASN B 881 1.25 -9.14 -22.50
N SER B 882 0.63 -8.26 -21.72
CA SER B 882 -0.58 -7.54 -22.14
C SER B 882 -0.29 -6.23 -22.89
N GLY B 883 1.00 -5.82 -22.98
CA GLY B 883 1.40 -4.56 -23.59
C GLY B 883 1.19 -3.39 -22.65
N VAL B 898 1.81 -11.15 -1.29
CA VAL B 898 1.31 -10.46 -2.47
C VAL B 898 0.77 -9.07 -2.13
N LYS B 899 -0.23 -8.98 -1.23
CA LYS B 899 -0.89 -7.70 -0.95
C LYS B 899 -0.47 -7.06 0.36
N GLU B 900 -0.31 -7.83 1.42
CA GLU B 900 0.10 -7.25 2.70
C GLU B 900 1.03 -8.18 3.47
N HIS B 901 1.93 -7.60 4.25
CA HIS B 901 2.86 -8.37 5.08
C HIS B 901 3.18 -7.61 6.36
N GLY B 902 3.18 -8.28 7.50
CA GLY B 902 3.68 -7.62 8.69
C GLY B 902 4.16 -8.58 9.77
N VAL B 903 4.92 -8.05 10.72
CA VAL B 903 5.45 -8.82 11.83
C VAL B 903 5.37 -8.07 13.16
N LEU B 904 5.29 -8.79 14.26
CA LEU B 904 5.35 -8.17 15.57
C LEU B 904 6.57 -8.63 16.34
N PHE B 905 7.26 -7.70 17.00
CA PHE B 905 8.32 -8.06 17.92
C PHE B 905 8.15 -7.43 19.29
N GLU B 906 7.88 -8.23 20.31
CA GLU B 906 7.85 -7.67 21.65
C GLU B 906 9.28 -7.32 22.03
N CYS B 907 9.48 -6.13 22.56
CA CYS B 907 10.81 -5.66 22.89
C CYS B 907 10.82 -4.96 24.25
N SER B 908 11.93 -5.06 24.97
CA SER B 908 11.99 -4.41 26.28
C SER B 908 13.44 -4.02 26.65
N PRO B 909 13.67 -2.85 27.32
CA PRO B 909 14.96 -2.42 27.85
C PRO B 909 15.57 -3.44 28.80
N ALA B 918 13.21 -4.85 35.85
CA ALA B 918 11.82 -4.98 35.47
C ALA B 918 11.40 -3.83 34.50
N PRO B 919 11.94 -3.80 33.25
CA PRO B 919 11.67 -2.81 32.22
C PRO B 919 10.26 -2.95 31.67
N PRO B 920 9.70 -1.88 31.07
CA PRO B 920 8.48 -1.86 30.29
C PRO B 920 8.60 -2.73 29.06
N VAL B 921 7.55 -3.43 28.71
CA VAL B 921 7.55 -4.23 27.50
C VAL B 921 6.64 -3.60 26.47
N MET B 922 7.17 -3.35 25.29
CA MET B 922 6.40 -2.72 24.26
C MET B 922 6.23 -3.60 23.04
N ALA B 923 5.03 -3.59 22.50
CA ALA B 923 4.75 -4.21 21.22
C ALA B 923 5.40 -3.39 20.11
N TYR B 924 5.89 -4.08 19.09
CA TYR B 924 6.53 -3.40 17.99
C TYR B 924 6.13 -3.99 16.64
N TRP B 925 4.98 -3.58 16.12
CA TRP B 925 4.58 -4.04 14.79
C TRP B 925 5.37 -3.37 13.69
N VAL B 926 5.81 -4.15 12.72
CA VAL B 926 6.31 -3.63 11.47
C VAL B 926 5.43 -4.18 10.36
N VAL B 927 4.77 -3.31 9.64
CA VAL B 927 3.81 -3.76 8.64
C VAL B 927 3.97 -3.00 7.34
N GLY B 928 3.73 -3.66 6.22
CA GLY B 928 3.62 -2.91 5.00
C GLY B 928 2.61 -3.52 4.04
N ARG B 929 2.17 -2.71 3.09
CA ARG B 929 1.16 -3.14 2.14
C ARG B 929 1.49 -2.71 0.73
N LEU B 930 1.19 -3.57 -0.23
CA LEU B 930 1.38 -3.28 -1.63
C LEU B 930 0.05 -3.12 -2.34
N PHE B 931 -0.10 -1.99 -3.02
CA PHE B 931 -1.28 -1.73 -3.84
C PHE B 931 -0.85 -1.78 -5.30
N LEU B 932 -1.75 -2.19 -6.18
CA LEU B 932 -1.35 -2.40 -7.56
C LEU B 932 -2.18 -1.68 -8.62
N HIS B 933 -3.51 -1.67 -8.48
CA HIS B 933 -4.31 -1.37 -9.65
C HIS B 933 -4.37 0.09 -10.10
N PRO B 934 -4.89 1.05 -9.29
CA PRO B 934 -4.88 2.46 -9.65
C PRO B 934 -3.46 3.01 -9.68
N LYS B 935 -2.61 2.44 -8.84
CA LYS B 935 -1.18 2.72 -8.82
C LYS B 935 -0.48 1.53 -8.19
N PRO B 936 0.75 1.22 -8.59
CA PRO B 936 1.71 0.47 -7.83
C PRO B 936 2.31 1.35 -6.74
N GLN B 937 1.93 1.08 -5.50
CA GLN B 937 2.45 1.85 -4.36
C GLN B 937 2.64 0.95 -3.14
N GLU B 938 3.63 1.27 -2.32
CA GLU B 938 3.95 0.48 -1.14
C GLU B 938 3.94 1.32 0.11
N LEU B 939 3.41 0.77 1.19
CA LEU B 939 3.48 1.43 2.48
C LEU B 939 4.19 0.59 3.50
N TYR B 940 5.01 1.22 4.35
CA TYR B 940 5.52 0.56 5.54
C TYR B 940 5.27 1.42 6.78
N VAL B 941 4.84 0.78 7.86
CA VAL B 941 4.56 1.44 9.12
C VAL B 941 5.06 0.65 10.31
N CYS B 942 5.26 1.35 11.42
CA CYS B 942 5.57 0.67 12.66
C CYS B 942 4.80 1.28 13.82
N PHE B 943 4.24 0.42 14.67
CA PHE B 943 3.38 0.89 15.75
C PHE B 943 3.27 -0.10 16.90
N HIS B 944 2.80 0.38 18.04
CA HIS B 944 2.46 -0.48 19.19
C HIS B 944 1.13 -1.21 18.95
N ASP B 945 1.00 -2.41 19.47
CA ASP B 945 -0.21 -3.22 19.35
C ASP B 945 -1.37 -2.65 20.15
N SER B 946 -1.07 -1.67 21.00
CA SER B 946 -2.10 -0.97 21.74
C SER B 946 -3.07 -0.25 20.81
N VAL B 947 -2.62 0.11 19.62
CA VAL B 947 -3.54 0.69 18.64
C VAL B 947 -3.88 -0.30 17.54
N THR B 948 -5.17 -0.57 17.38
CA THR B 948 -5.63 -1.52 16.38
C THR B 948 -5.82 -0.83 15.03
N GLU B 949 -4.71 -0.65 14.33
CA GLU B 949 -4.66 0.12 13.09
C GLU B 949 -5.15 -0.66 11.88
N ILE B 950 -5.71 0.07 10.90
CA ILE B 950 -6.08 -0.49 9.61
C ILE B 950 -5.18 0.08 8.51
N ALA B 951 -4.57 -0.79 7.72
CA ALA B 951 -3.62 -0.35 6.70
C ALA B 951 -4.27 0.53 5.63
N ILE B 952 -5.54 0.26 5.34
CA ILE B 952 -6.26 1.08 4.37
C ILE B 952 -6.46 2.48 4.90
N GLU B 953 -6.77 2.59 6.18
CA GLU B 953 -6.99 3.90 6.77
C GLU B 953 -5.72 4.72 6.71
N ILE B 954 -4.60 4.09 7.00
CA ILE B 954 -3.35 4.81 7.02
C ILE B 954 -2.86 5.11 5.62
N ALA B 955 -2.97 4.13 4.73
CA ALA B 955 -2.54 4.34 3.37
C ALA B 955 -3.35 5.44 2.73
N PHE B 956 -4.64 5.48 3.05
CA PHE B 956 -5.45 6.55 2.53
C PHE B 956 -5.00 7.88 3.09
N LYS B 957 -4.76 7.92 4.39
CA LYS B 957 -4.39 9.19 4.98
C LYS B 957 -3.05 9.71 4.46
N LEU B 958 -2.08 8.82 4.25
CA LEU B 958 -0.77 9.23 3.76
C LEU B 958 -0.74 9.52 2.26
N PHE B 959 -1.41 8.71 1.48
CA PHE B 959 -1.38 8.90 0.03
C PHE B 959 -2.40 9.92 -0.44
N PHE B 960 -3.47 10.10 0.30
CA PHE B 960 -4.49 11.03 -0.15
C PHE B 960 -3.96 12.44 -0.14
N GLY B 961 -4.12 13.12 -1.25
CA GLY B 961 -3.72 14.52 -1.37
C GLY B 961 -2.22 14.64 -1.65
N LEU B 962 -1.54 13.52 -1.79
CA LEU B 962 -0.11 13.51 -2.02
C LEU B 962 0.24 13.91 -3.44
N THR B 963 1.24 14.77 -3.60
CA THR B 963 1.74 15.07 -4.92
C THR B 963 3.22 15.49 -4.87
N LEU B 964 3.97 15.15 -5.92
CA LEU B 964 5.37 15.53 -6.13
C LEU B 964 5.47 16.97 -6.65
N GLY C 8 6.08 -25.99 -13.45
CA GLY C 8 7.52 -26.09 -13.36
C GLY C 8 7.98 -27.55 -13.24
N THR C 9 9.29 -27.76 -13.40
CA THR C 9 9.93 -29.07 -13.33
C THR C 9 11.11 -29.05 -12.38
N VAL C 10 11.50 -30.23 -11.91
CA VAL C 10 12.66 -30.36 -11.04
C VAL C 10 13.55 -31.49 -11.49
N HIS C 11 14.86 -31.29 -11.39
CA HIS C 11 15.84 -32.33 -11.65
C HIS C 11 16.80 -32.46 -10.47
N LEU C 12 17.16 -33.68 -10.14
CA LEU C 12 18.18 -33.91 -9.15
C LEU C 12 19.23 -34.84 -9.69
N LEU C 13 20.48 -34.46 -9.54
CA LEU C 13 21.56 -35.27 -10.04
C LEU C 13 22.54 -35.60 -8.92
N CYS C 14 23.09 -36.79 -8.96
CA CYS C 14 24.10 -37.16 -7.99
C CYS C 14 25.30 -37.75 -8.68
N LEU C 15 26.48 -37.34 -8.24
CA LEU C 15 27.72 -37.84 -8.81
C LEU C 15 28.70 -38.31 -7.74
N ALA C 16 29.54 -39.28 -8.09
CA ALA C 16 30.63 -39.66 -7.20
C ALA C 16 31.77 -38.68 -7.42
N ALA C 17 32.14 -37.95 -6.37
CA ALA C 17 33.13 -36.89 -6.46
C ALA C 17 34.51 -37.44 -6.78
N SER C 18 34.76 -38.68 -6.35
CA SER C 18 36.07 -39.28 -6.54
C SER C 18 36.35 -39.67 -7.99
N SER C 19 35.29 -39.89 -8.79
CA SER C 19 35.53 -40.27 -10.18
C SER C 19 34.93 -39.28 -11.17
N GLY C 20 33.98 -38.47 -10.71
CA GLY C 20 33.28 -37.53 -11.57
C GLY C 20 32.13 -38.20 -12.33
N VAL C 21 31.93 -39.49 -12.06
CA VAL C 21 30.91 -40.28 -12.75
C VAL C 21 29.53 -40.12 -12.10
N PRO C 22 28.50 -39.75 -12.86
CA PRO C 22 27.15 -39.60 -12.39
C PRO C 22 26.63 -40.90 -11.82
N LEU C 23 25.99 -40.80 -10.66
CA LEU C 23 25.38 -41.95 -10.02
C LEU C 23 23.91 -42.06 -10.36
N PHE C 24 23.23 -40.92 -10.47
CA PHE C 24 21.84 -40.93 -10.88
C PHE C 24 21.36 -39.59 -11.39
N CYS C 25 20.25 -39.61 -12.13
CA CYS C 25 19.48 -38.41 -12.41
C CYS C 25 18.00 -38.69 -12.24
N ARG C 26 17.33 -37.78 -11.54
CA ARG C 26 15.93 -37.93 -11.20
C ARG C 26 15.19 -36.67 -11.64
N SER C 27 13.91 -36.77 -11.93
CA SER C 27 13.18 -35.58 -12.31
C SER C 27 11.70 -35.65 -12.02
N SER C 28 11.06 -34.49 -12.05
CA SER C 28 9.63 -34.36 -11.85
C SER C 28 9.04 -33.23 -12.71
N ARG C 29 7.81 -33.43 -13.18
CA ARG C 29 7.08 -32.37 -13.87
C ARG C 29 5.68 -32.19 -13.31
N GLY C 30 5.39 -31.00 -12.80
CA GLY C 30 4.06 -30.71 -12.27
C GLY C 30 3.91 -31.33 -10.89
N GLY C 31 5.02 -31.83 -10.37
CA GLY C 31 5.09 -32.57 -9.12
C GLY C 31 4.99 -34.07 -9.39
N ALA C 32 4.63 -34.44 -10.62
CA ALA C 32 4.56 -35.83 -11.04
C ALA C 32 5.97 -36.36 -11.26
N PRO C 33 6.21 -37.66 -11.07
CA PRO C 33 7.45 -38.31 -11.44
C PRO C 33 7.67 -38.13 -12.94
N ALA C 34 8.91 -37.89 -13.34
CA ALA C 34 9.23 -37.68 -14.75
C ALA C 34 10.46 -38.47 -15.16
N ARG C 35 10.52 -38.82 -16.44
CA ARG C 35 11.61 -39.63 -16.96
C ARG C 35 12.67 -38.81 -17.69
N GLN C 36 12.49 -37.49 -17.72
CA GLN C 36 13.42 -36.62 -18.44
C GLN C 36 14.74 -36.50 -17.68
N GLN C 37 15.84 -36.61 -18.41
CA GLN C 37 17.17 -36.43 -17.84
C GLN C 37 17.96 -35.37 -18.60
N LEU C 38 18.92 -34.76 -17.92
CA LEU C 38 19.75 -33.74 -18.54
C LEU C 38 20.71 -34.37 -19.54
N PRO C 39 21.20 -33.60 -20.52
CA PRO C 39 22.22 -33.99 -21.48
C PRO C 39 23.48 -34.38 -20.76
N PHE C 40 24.18 -35.39 -21.26
CA PHE C 40 25.35 -35.89 -20.56
C PHE C 40 26.45 -34.85 -20.44
N SER C 41 26.68 -34.07 -21.49
CA SER C 41 27.76 -33.10 -21.45
C SER C 41 27.46 -32.00 -20.45
N VAL C 42 26.17 -31.73 -20.26
CA VAL C 42 25.72 -30.80 -19.24
C VAL C 42 25.98 -31.37 -17.86
N ILE C 43 25.72 -32.66 -17.71
CA ILE C 43 25.87 -33.28 -16.40
C ILE C 43 27.34 -33.31 -16.01
N GLY C 44 28.20 -33.64 -16.97
CA GLY C 44 29.62 -33.67 -16.71
C GLY C 44 30.14 -32.28 -16.38
N SER C 45 29.57 -31.26 -17.02
CA SER C 45 29.97 -29.88 -16.77
C SER C 45 29.45 -29.35 -15.44
N LEU C 46 28.29 -29.84 -15.01
CA LEU C 46 27.76 -29.45 -13.71
C LEU C 46 28.63 -29.96 -12.58
N ASN C 47 29.21 -31.13 -12.76
CA ASN C 47 30.09 -31.64 -11.72
C ASN C 47 31.53 -31.23 -11.96
N GLY C 48 31.91 -31.06 -13.21
CA GLY C 48 33.28 -30.69 -13.51
C GLY C 48 33.55 -29.29 -12.99
N VAL C 49 32.52 -28.45 -12.99
CA VAL C 49 32.65 -27.11 -12.48
C VAL C 49 32.73 -27.13 -10.96
N HIS C 50 32.00 -28.06 -10.35
CA HIS C 50 32.06 -28.24 -8.91
C HIS C 50 33.44 -28.75 -8.49
N MET C 51 33.99 -29.70 -9.23
CA MET C 51 35.28 -30.27 -8.89
C MET C 51 36.39 -29.27 -9.17
N PHE C 52 36.15 -28.40 -10.13
CA PHE C 52 37.08 -27.32 -10.43
C PHE C 52 37.19 -26.41 -9.23
N GLY C 53 36.04 -26.08 -8.64
CA GLY C 53 36.05 -25.32 -7.39
C GLY C 53 36.73 -26.08 -6.26
N GLN C 54 36.56 -27.41 -6.24
CA GLN C 54 37.15 -28.18 -5.14
C GLN C 54 38.66 -28.10 -5.16
N ASN C 55 39.22 -28.02 -6.35
CA ASN C 55 40.66 -28.03 -6.47
C ASN C 55 41.23 -26.63 -6.30
N LEU C 56 40.34 -25.66 -6.17
CA LEU C 56 40.70 -24.28 -5.96
C LEU C 56 40.19 -23.79 -4.61
N GLU C 57 39.91 -24.75 -3.72
CA GLU C 57 39.47 -24.46 -2.35
C GLU C 57 38.16 -23.68 -2.28
N VAL C 58 37.31 -23.86 -3.28
CA VAL C 58 36.00 -23.23 -3.27
C VAL C 58 34.89 -24.26 -3.33
N GLN C 59 33.94 -24.15 -2.43
CA GLN C 59 32.76 -25.00 -2.50
C GLN C 59 31.62 -24.29 -3.21
N LEU C 60 31.29 -24.76 -4.41
CA LEU C 60 30.11 -24.23 -5.07
C LEU C 60 28.89 -24.74 -4.32
N SER C 61 27.97 -23.85 -3.98
CA SER C 61 26.81 -24.25 -3.21
C SER C 61 25.49 -23.91 -3.88
N SER C 62 25.49 -22.90 -4.73
CA SER C 62 24.28 -22.63 -5.49
C SER C 62 24.52 -21.80 -6.72
N ALA C 63 23.54 -21.81 -7.60
CA ALA C 63 23.38 -20.86 -8.69
C ALA C 63 21.91 -20.76 -8.93
N ARG C 64 21.45 -19.68 -9.51
CA ARG C 64 20.05 -19.59 -9.87
C ARG C 64 19.83 -18.72 -11.09
N THR C 65 19.04 -19.23 -12.02
CA THR C 65 18.63 -18.48 -13.20
C THR C 65 17.30 -17.83 -12.89
N GLU C 66 16.86 -16.93 -13.75
CA GLU C 66 15.61 -16.24 -13.45
C GLU C 66 14.47 -17.23 -13.30
N ASN C 67 14.48 -18.30 -14.08
CA ASN C 67 13.46 -19.31 -13.97
C ASN C 67 13.71 -20.38 -12.91
N THR C 68 14.97 -20.56 -12.50
CA THR C 68 15.29 -21.75 -11.72
C THR C 68 16.26 -21.48 -10.59
N THR C 69 16.26 -22.38 -9.62
CA THR C 69 17.30 -22.37 -8.61
C THR C 69 18.08 -23.67 -8.62
N VAL C 70 19.39 -23.55 -8.58
CA VAL C 70 20.27 -24.70 -8.62
C VAL C 70 21.13 -24.79 -7.38
N VAL C 71 21.12 -25.94 -6.71
CA VAL C 71 21.93 -26.09 -5.51
C VAL C 71 22.92 -27.24 -5.55
N TRP C 72 24.14 -26.96 -5.16
CA TRP C 72 25.19 -27.96 -5.01
C TRP C 72 25.47 -28.23 -3.55
N LYS C 73 25.69 -29.49 -3.21
CA LYS C 73 26.24 -29.81 -1.91
C LYS C 73 27.36 -30.81 -2.03
N SER C 74 28.37 -30.67 -1.18
CA SER C 74 29.41 -31.67 -1.08
C SER C 74 29.33 -32.37 0.26
N PHE C 75 29.14 -33.67 0.23
CA PHE C 75 29.05 -34.45 1.45
C PHE C 75 30.30 -35.30 1.63
N HIS C 76 30.93 -35.15 2.78
CA HIS C 76 32.18 -35.82 3.05
C HIS C 76 33.14 -35.54 1.91
N ASP C 77 33.85 -36.56 1.44
CA ASP C 77 34.74 -36.40 0.32
C ASP C 77 34.20 -37.05 -0.94
N SER C 78 32.95 -37.51 -0.88
CA SER C 78 32.51 -38.44 -1.88
C SER C 78 31.27 -38.10 -2.70
N ILE C 79 30.39 -37.29 -2.16
CA ILE C 79 29.14 -37.09 -2.87
C ILE C 79 28.86 -35.65 -3.22
N THR C 80 28.53 -35.43 -4.49
CA THR C 80 28.05 -34.15 -4.91
C THR C 80 26.60 -34.28 -5.34
N LEU C 81 25.74 -33.48 -4.74
CA LEU C 81 24.34 -33.47 -5.15
C LEU C 81 24.03 -32.15 -5.79
N ILE C 82 23.46 -32.18 -6.98
CA ILE C 82 23.11 -30.97 -7.68
C ILE C 82 21.62 -30.98 -7.98
N VAL C 83 20.91 -29.96 -7.55
CA VAL C 83 19.49 -29.92 -7.81
C VAL C 83 19.07 -28.69 -8.58
N LEU C 84 18.28 -28.90 -9.61
CA LEU C 84 17.75 -27.83 -10.44
C LEU C 84 16.24 -27.75 -10.31
N SER C 85 15.72 -26.62 -9.88
CA SER C 85 14.27 -26.48 -9.73
C SER C 85 13.70 -25.26 -10.43
N SER C 86 12.90 -25.50 -11.46
CA SER C 86 12.30 -24.43 -12.24
C SER C 86 10.99 -23.96 -11.62
N GLU C 87 11.07 -23.40 -10.43
CA GLU C 87 9.86 -22.94 -9.75
C GLU C 87 10.08 -21.62 -9.02
N VAL C 88 9.03 -20.79 -9.02
CA VAL C 88 9.08 -19.47 -8.42
C VAL C 88 8.95 -19.53 -6.91
N GLY C 89 9.81 -18.78 -6.22
CA GLY C 89 9.80 -18.70 -4.77
C GLY C 89 10.66 -19.78 -4.11
N ILE C 90 11.31 -20.61 -4.92
CA ILE C 90 12.24 -21.60 -4.39
C ILE C 90 13.52 -20.93 -3.94
N SER C 91 14.04 -21.37 -2.79
CA SER C 91 15.24 -20.78 -2.23
C SER C 91 16.20 -21.84 -1.75
N GLU C 92 17.44 -21.42 -1.50
CA GLU C 92 18.49 -22.31 -1.06
C GLU C 92 18.19 -23.02 0.25
N LEU C 93 17.42 -22.40 1.14
CA LEU C 93 17.12 -23.08 2.39
C LEU C 93 16.27 -24.31 2.16
N ARG C 94 15.28 -24.21 1.29
CA ARG C 94 14.42 -25.34 1.02
C ARG C 94 15.20 -26.43 0.31
N LEU C 95 16.08 -26.01 -0.60
CA LEU C 95 16.85 -26.96 -1.37
C LEU C 95 17.96 -27.59 -0.54
N GLU C 96 18.54 -26.81 0.35
CA GLU C 96 19.59 -27.35 1.18
C GLU C 96 19.03 -28.38 2.13
N ARG C 97 17.85 -28.11 2.65
CA ARG C 97 17.22 -29.07 3.53
C ARG C 97 16.79 -30.30 2.75
N LEU C 98 16.42 -30.11 1.49
CA LEU C 98 16.08 -31.24 0.65
C LEU C 98 17.30 -32.11 0.40
N LEU C 99 18.45 -31.49 0.16
CA LEU C 99 19.65 -32.26 -0.11
C LEU C 99 20.19 -32.91 1.13
N GLN C 100 19.95 -32.31 2.28
CA GLN C 100 20.33 -32.97 3.51
C GLN C 100 19.44 -34.18 3.71
N MET C 101 18.17 -34.06 3.33
CA MET C 101 17.27 -35.19 3.40
C MET C 101 17.63 -36.27 2.40
N VAL C 102 18.06 -35.87 1.21
CA VAL C 102 18.41 -36.85 0.21
C VAL C 102 19.70 -37.54 0.55
N PHE C 103 20.69 -36.78 1.00
CA PHE C 103 21.93 -37.42 1.36
C PHE C 103 21.72 -38.31 2.54
N GLY C 104 20.95 -37.83 3.51
CA GLY C 104 20.70 -38.64 4.68
C GLY C 104 19.97 -39.91 4.27
N ALA C 105 19.13 -39.81 3.25
CA ALA C 105 18.47 -40.98 2.73
C ALA C 105 19.47 -41.94 2.08
N MET C 106 20.52 -41.39 1.48
CA MET C 106 21.54 -42.24 0.88
C MET C 106 22.31 -42.92 2.00
N VAL C 107 22.48 -42.20 3.10
CA VAL C 107 23.15 -42.76 4.26
C VAL C 107 22.30 -43.85 4.85
N LEU C 108 21.00 -43.65 4.90
CA LEU C 108 20.16 -44.67 5.51
C LEU C 108 20.11 -45.92 4.68
N LEU C 109 20.30 -45.80 3.36
CA LEU C 109 20.22 -46.99 2.53
C LEU C 109 21.54 -47.78 2.44
N VAL C 110 22.68 -47.09 2.37
CA VAL C 110 23.94 -47.82 2.29
C VAL C 110 24.91 -47.55 3.44
N GLY C 111 24.62 -46.54 4.25
CA GLY C 111 25.51 -46.14 5.33
C GLY C 111 26.58 -45.20 4.80
N LEU C 112 27.53 -44.84 5.66
CA LEU C 112 28.67 -44.07 5.17
C LEU C 112 29.71 -44.98 4.54
N GLU C 113 29.71 -46.24 4.94
CA GLU C 113 30.52 -47.22 4.24
C GLU C 113 29.98 -47.30 2.82
N GLU C 114 30.87 -47.40 1.84
CA GLU C 114 30.52 -47.37 0.42
C GLU C 114 30.17 -45.96 -0.07
N LEU C 115 29.36 -45.25 0.71
CA LEU C 115 28.89 -43.93 0.33
C LEU C 115 29.99 -42.88 0.44
N THR C 116 30.94 -43.08 1.35
CA THR C 116 32.06 -42.17 1.48
C THR C 116 33.30 -42.84 0.94
N ASN C 117 34.35 -42.07 0.65
CA ASN C 117 35.58 -42.67 0.15
C ASN C 117 35.29 -43.64 -1.00
N ILE C 118 34.52 -43.18 -1.98
CA ILE C 118 33.99 -44.08 -3.00
C ILE C 118 35.04 -44.62 -3.92
N ARG C 119 35.02 -45.94 -4.10
CA ARG C 119 35.91 -46.60 -5.03
C ARG C 119 35.11 -47.31 -6.13
N ASN C 120 34.09 -48.06 -5.73
CA ASN C 120 33.30 -48.82 -6.69
C ASN C 120 32.04 -48.06 -7.09
N VAL C 121 32.14 -47.33 -8.19
CA VAL C 121 31.04 -46.50 -8.66
C VAL C 121 29.90 -47.36 -9.17
N GLU C 122 30.23 -48.47 -9.81
CA GLU C 122 29.22 -49.33 -10.41
C GLU C 122 28.30 -49.91 -9.35
N ARG C 123 28.85 -50.22 -8.19
CA ARG C 123 28.03 -50.75 -7.11
C ARG C 123 27.01 -49.71 -6.66
N LEU C 124 27.43 -48.45 -6.59
CA LEU C 124 26.51 -47.40 -6.19
C LEU C 124 25.44 -47.20 -7.24
N LYS C 125 25.80 -47.38 -8.49
CA LYS C 125 24.82 -47.19 -9.56
C LYS C 125 23.67 -48.17 -9.40
N LYS C 126 23.98 -49.39 -8.98
CA LYS C 126 22.94 -50.38 -8.74
C LYS C 126 22.28 -50.24 -7.37
N ASP C 127 23.07 -49.84 -6.38
CA ASP C 127 22.60 -49.84 -4.99
C ASP C 127 21.67 -48.67 -4.69
N LEU C 128 21.82 -47.60 -5.45
CA LEU C 128 21.04 -46.40 -5.22
C LEU C 128 19.69 -46.44 -5.92
N ARG C 129 19.43 -47.49 -6.68
CA ARG C 129 18.19 -47.53 -7.46
C ARG C 129 16.96 -47.53 -6.57
N ALA C 130 17.06 -48.15 -5.41
CA ALA C 130 15.94 -48.22 -4.48
C ALA C 130 15.60 -46.83 -3.94
N SER C 131 16.61 -45.96 -3.94
CA SER C 131 16.48 -44.63 -3.40
C SER C 131 15.62 -43.75 -4.29
N TYR C 132 15.50 -44.14 -5.55
CA TYR C 132 14.87 -43.27 -6.52
C TYR C 132 13.39 -43.08 -6.20
N CYS C 133 12.76 -44.12 -5.65
CA CYS C 133 11.35 -44.03 -5.33
C CYS C 133 11.11 -43.00 -4.24
N LEU C 134 11.97 -43.02 -3.23
CA LEU C 134 11.87 -42.07 -2.14
C LEU C 134 12.28 -40.68 -2.56
N ILE C 135 13.27 -40.60 -3.43
CA ILE C 135 13.73 -39.31 -3.90
C ILE C 135 12.66 -38.62 -4.71
N ASP C 136 11.98 -39.38 -5.55
CA ASP C 136 10.92 -38.78 -6.35
C ASP C 136 9.79 -38.34 -5.45
N SER C 137 9.57 -39.09 -4.37
CA SER C 137 8.52 -38.73 -3.43
C SER C 137 8.86 -37.42 -2.73
N PHE C 138 10.14 -37.21 -2.46
CA PHE C 138 10.58 -35.94 -1.90
C PHE C 138 10.49 -34.81 -2.91
N LEU C 139 10.79 -35.09 -4.16
CA LEU C 139 10.80 -34.05 -5.17
C LEU C 139 9.38 -33.55 -5.46
N GLY C 140 8.42 -34.46 -5.44
CA GLY C 140 7.04 -34.11 -5.70
C GLY C 140 6.33 -33.65 -4.43
N ASP C 141 5.07 -33.25 -4.57
CA ASP C 141 4.29 -32.83 -3.41
C ASP C 141 3.82 -34.00 -2.57
N SER C 142 3.74 -33.79 -1.26
CA SER C 142 3.12 -34.72 -0.33
C SER C 142 2.61 -33.92 0.86
N GLU C 143 1.70 -34.49 1.65
CA GLU C 143 1.15 -33.74 2.78
C GLU C 143 2.05 -33.90 3.99
N LEU C 144 3.32 -33.54 3.81
CA LEU C 144 4.33 -33.62 4.85
C LEU C 144 5.19 -32.36 4.82
N ILE C 145 5.59 -31.89 5.98
CA ILE C 145 6.42 -30.70 6.08
C ILE C 145 7.76 -30.94 6.74
N GLY C 146 7.96 -32.13 7.27
CA GLY C 146 9.17 -32.43 8.03
C GLY C 146 10.41 -32.32 7.16
N ASP C 147 10.26 -32.54 5.86
CA ASP C 147 11.40 -32.47 4.96
C ASP C 147 11.85 -31.02 4.80
N LEU C 148 10.95 -30.10 5.09
CA LEU C 148 11.24 -28.68 4.97
C LEU C 148 11.55 -28.05 6.32
N THR C 149 10.91 -28.57 7.38
CA THR C 149 11.04 -27.96 8.70
C THR C 149 12.08 -28.63 9.58
N GLN C 150 12.45 -29.85 9.22
CA GLN C 150 13.34 -30.69 10.02
C GLN C 150 12.73 -30.99 11.39
N CYS C 151 11.41 -30.87 11.46
CA CYS C 151 10.62 -31.25 12.62
C CYS C 151 9.85 -32.50 12.28
N VAL C 152 9.56 -33.33 13.26
CA VAL C 152 8.82 -34.53 12.95
C VAL C 152 7.38 -34.15 12.66
N ASP C 153 6.87 -34.62 11.53
CA ASP C 153 5.49 -34.40 11.17
C ASP C 153 4.64 -35.11 12.18
N CYS C 154 3.55 -34.49 12.64
CA CYS C 154 2.80 -35.09 13.71
C CYS C 154 1.30 -34.87 13.67
N VAL C 155 0.59 -35.71 14.42
CA VAL C 155 -0.85 -35.68 14.63
C VAL C 155 -1.18 -35.66 16.11
N ILE C 156 -2.20 -34.91 16.49
CA ILE C 156 -2.71 -35.01 17.85
C ILE C 156 -3.93 -35.90 17.90
N PRO C 157 -3.86 -37.03 18.60
CA PRO C 157 -4.94 -37.96 18.82
C PRO C 157 -5.89 -37.36 19.84
N PRO C 158 -7.13 -37.82 19.88
CA PRO C 158 -8.11 -37.51 20.91
C PRO C 158 -7.74 -38.13 22.26
N GLU C 159 -6.90 -39.15 22.24
CA GLU C 159 -6.52 -39.88 23.45
C GLU C 159 -5.01 -40.05 23.54
N GLY C 160 -4.27 -38.94 23.63
CA GLY C 160 -2.83 -39.03 23.53
C GLY C 160 -2.20 -39.82 24.67
N SER C 161 -2.79 -39.76 25.85
CA SER C 161 -2.21 -40.46 26.98
C SER C 161 -2.42 -41.96 26.91
N LEU C 162 -3.51 -42.37 26.24
CA LEU C 162 -3.77 -43.80 26.13
C LEU C 162 -2.86 -44.44 25.10
N LEU C 163 -2.65 -43.74 23.99
CA LEU C 163 -1.81 -44.26 22.93
C LEU C 163 -0.36 -44.24 23.35
N GLN C 164 0.04 -43.18 24.06
CA GLN C 164 1.43 -43.01 24.43
C GLN C 164 1.88 -44.03 25.47
N GLU C 165 0.99 -44.38 26.39
CA GLU C 165 1.38 -45.34 27.42
C GLU C 165 1.50 -46.74 26.84
N ALA C 166 0.56 -47.10 25.96
CA ALA C 166 0.59 -48.42 25.36
C ALA C 166 1.71 -48.55 24.34
N LEU C 167 2.04 -47.44 23.69
CA LEU C 167 3.12 -47.42 22.72
C LEU C 167 4.46 -47.59 23.40
N SER C 168 4.64 -46.92 24.54
CA SER C 168 5.91 -46.97 25.25
C SER C 168 6.04 -48.25 26.06
N GLY C 169 4.91 -48.83 26.46
CA GLY C 169 4.92 -50.04 27.26
C GLY C 169 5.37 -51.23 26.43
N PHE C 170 5.25 -51.08 25.12
CA PHE C 170 5.62 -52.13 24.18
C PHE C 170 7.09 -52.04 23.78
N ALA C 171 7.74 -50.93 24.09
CA ALA C 171 9.06 -50.70 23.52
C ALA C 171 10.09 -51.72 23.98
N GLU C 172 10.03 -52.14 25.24
CA GLU C 172 10.97 -53.14 25.70
C GLU C 172 10.68 -54.49 25.07
N ALA C 173 9.40 -54.78 24.87
CA ALA C 173 8.96 -56.03 24.28
C ALA C 173 9.35 -56.09 22.81
N ALA C 174 9.50 -54.92 22.20
CA ALA C 174 9.88 -54.80 20.80
C ALA C 174 11.39 -54.93 20.63
N GLY C 175 12.13 -54.93 21.74
CA GLY C 175 13.58 -55.01 21.70
C GLY C 175 14.24 -53.66 21.48
N THR C 176 13.46 -52.59 21.52
CA THR C 176 14.00 -51.25 21.29
C THR C 176 13.40 -50.21 22.21
N THR C 177 14.13 -49.10 22.37
CA THR C 177 13.60 -47.98 23.12
C THR C 177 12.96 -46.96 22.18
N PHE C 178 13.07 -47.21 20.88
CA PHE C 178 12.56 -46.29 19.87
C PHE C 178 11.33 -46.85 19.16
N VAL C 179 10.16 -46.36 19.54
CA VAL C 179 8.90 -46.80 18.94
C VAL C 179 8.05 -45.60 18.55
N SER C 180 7.34 -45.72 17.42
CA SER C 180 6.41 -44.66 17.02
C SER C 180 5.18 -45.19 16.30
N LEU C 181 4.14 -44.37 16.30
CA LEU C 181 2.88 -44.64 15.63
C LEU C 181 2.67 -43.62 14.51
N VAL C 182 2.50 -44.10 13.28
CA VAL C 182 2.48 -43.20 12.13
C VAL C 182 1.22 -43.26 11.25
N VAL C 183 0.66 -42.08 10.96
CA VAL C 183 -0.40 -41.97 9.98
C VAL C 183 0.02 -41.12 8.80
N SER C 184 0.07 -41.72 7.62
CA SER C 184 0.42 -41.01 6.40
C SER C 184 1.73 -40.22 6.56
N GLY C 185 2.70 -40.81 7.24
CA GLY C 185 4.01 -40.17 7.43
C GLY C 185 4.04 -39.27 8.66
N ARG C 186 2.91 -39.11 9.32
CA ARG C 186 2.81 -38.26 10.49
C ARG C 186 2.96 -39.08 11.75
N VAL C 187 3.63 -38.56 12.76
CA VAL C 187 3.71 -39.27 14.03
C VAL C 187 2.60 -38.85 14.96
N VAL C 188 1.81 -39.83 15.38
CA VAL C 188 0.71 -39.61 16.30
C VAL C 188 1.23 -39.68 17.72
N ALA C 189 2.09 -40.66 17.94
CA ALA C 189 2.70 -40.88 19.26
C ALA C 189 4.06 -41.53 19.09
N ALA C 190 4.95 -41.31 20.05
CA ALA C 190 6.26 -41.96 19.99
C ALA C 190 6.92 -41.97 21.36
N THR C 191 7.87 -42.88 21.55
CA THR C 191 8.61 -42.99 22.80
C THR C 191 9.69 -41.92 22.94
N GLU C 192 10.17 -41.76 24.17
CA GLU C 192 11.24 -40.81 24.45
C GLU C 192 12.50 -41.15 23.68
N GLY C 193 12.76 -42.44 23.53
CA GLY C 193 13.90 -42.84 22.71
C GLY C 193 13.66 -42.43 21.27
N TRP C 194 12.45 -42.62 20.80
CA TRP C 194 12.15 -42.23 19.43
C TRP C 194 12.28 -40.72 19.22
N TRP C 195 11.92 -39.96 20.24
CA TRP C 195 11.94 -38.51 20.14
C TRP C 195 13.33 -37.92 20.23
N ARG C 196 14.33 -38.72 20.60
CA ARG C 196 15.68 -38.20 20.75
C ARG C 196 16.48 -38.47 19.49
N LEU C 197 15.80 -38.97 18.47
CA LEU C 197 16.39 -39.17 17.15
C LEU C 197 16.73 -37.81 16.59
N GLY C 198 17.82 -37.74 15.82
CA GLY C 198 18.33 -36.45 15.36
C GLY C 198 17.42 -35.87 14.28
N THR C 199 17.68 -34.63 13.91
CA THR C 199 16.73 -33.92 13.06
C THR C 199 16.40 -34.57 11.71
N PRO C 200 17.36 -34.82 10.80
CA PRO C 200 17.12 -35.51 9.55
C PRO C 200 16.73 -36.96 9.78
N GLU C 201 17.17 -37.50 10.90
CA GLU C 201 16.92 -38.89 11.19
C GLU C 201 15.47 -39.17 11.54
N ALA C 202 14.89 -38.30 12.35
CA ALA C 202 13.52 -38.47 12.81
C ALA C 202 12.52 -38.19 11.70
N VAL C 203 12.90 -37.31 10.78
CA VAL C 203 12.04 -36.98 9.66
C VAL C 203 12.12 -38.01 8.55
N LEU C 204 13.33 -38.45 8.23
CA LEU C 204 13.52 -39.36 7.13
C LEU C 204 12.90 -40.70 7.39
N LEU C 205 12.93 -41.15 8.63
CA LEU C 205 12.41 -42.47 8.91
C LEU C 205 10.92 -42.65 8.57
N PRO C 206 10.00 -41.78 9.04
CA PRO C 206 8.60 -41.81 8.66
C PRO C 206 8.36 -41.43 7.21
N TRP C 207 9.26 -40.65 6.61
CA TRP C 207 9.14 -40.37 5.19
C TRP C 207 9.35 -41.61 4.34
N LEU C 208 10.34 -42.40 4.73
CA LEU C 208 10.62 -43.65 4.05
C LEU C 208 9.45 -44.59 4.19
N VAL C 209 8.90 -44.61 5.38
CA VAL C 209 7.79 -45.46 5.69
C VAL C 209 6.55 -45.07 4.92
N GLY C 210 6.30 -43.77 4.80
CA GLY C 210 5.15 -43.30 4.06
C GLY C 210 5.32 -43.41 2.54
N SER C 211 6.56 -43.36 2.06
CA SER C 211 6.78 -43.39 0.61
C SER C 211 6.80 -44.80 0.05
N LEU C 212 7.16 -45.76 0.89
CA LEU C 212 7.19 -47.16 0.48
C LEU C 212 5.77 -47.70 0.30
N PRO C 213 5.56 -48.66 -0.60
CA PRO C 213 4.34 -49.43 -0.73
C PRO C 213 4.11 -50.16 0.58
N PRO C 214 2.85 -50.30 1.01
CA PRO C 214 2.42 -50.86 2.29
C PRO C 214 2.73 -52.34 2.41
N GLN C 215 3.10 -52.75 3.62
CA GLN C 215 3.34 -54.14 3.98
C GLN C 215 2.87 -54.42 5.40
N THR C 216 2.51 -55.67 5.69
CA THR C 216 2.14 -56.03 7.04
C THR C 216 3.37 -56.19 7.93
N ALA C 217 4.53 -56.39 7.31
CA ALA C 217 5.80 -56.50 8.03
C ALA C 217 6.99 -56.08 7.17
N ARG C 218 7.27 -54.78 7.10
CA ARG C 218 8.45 -54.32 6.36
C ARG C 218 9.72 -54.60 7.16
N ASP C 219 10.82 -54.80 6.44
CA ASP C 219 12.15 -54.68 7.03
C ASP C 219 13.09 -54.00 6.05
N TYR C 220 13.29 -52.69 6.24
CA TYR C 220 14.09 -51.88 5.35
C TYR C 220 15.29 -51.31 6.12
N PRO C 221 16.52 -51.70 5.79
CA PRO C 221 17.71 -51.36 6.54
C PRO C 221 17.91 -49.85 6.61
N VAL C 222 18.27 -49.37 7.79
CA VAL C 222 18.56 -47.96 8.03
C VAL C 222 19.87 -47.74 8.79
N TYR C 223 20.86 -47.24 8.11
CA TYR C 223 22.11 -46.93 8.80
C TYR C 223 22.00 -45.57 9.43
N LEU C 224 21.52 -45.55 10.67
CA LEU C 224 21.15 -44.33 11.34
C LEU C 224 22.36 -43.40 11.55
N PRO C 225 22.34 -42.19 10.96
CA PRO C 225 23.42 -41.22 10.96
C PRO C 225 23.89 -40.81 12.36
N HIS C 226 22.98 -40.79 13.34
CA HIS C 226 23.39 -40.33 14.64
C HIS C 226 23.89 -41.45 15.53
N GLY C 227 25.20 -41.64 15.48
CA GLY C 227 25.92 -42.60 16.31
C GLY C 227 26.07 -43.98 15.67
N SER C 228 25.28 -44.27 14.64
CA SER C 228 25.36 -45.56 13.98
C SER C 228 25.45 -45.51 12.45
N PRO C 229 26.23 -44.58 11.85
CA PRO C 229 26.30 -44.33 10.42
C PRO C 229 26.91 -45.48 9.62
N THR C 230 27.63 -46.36 10.30
CA THR C 230 28.28 -47.50 9.64
C THR C 230 27.69 -48.83 10.09
N VAL C 231 26.65 -48.76 10.90
CA VAL C 231 26.06 -49.95 11.50
C VAL C 231 24.68 -50.20 10.88
N PRO C 232 24.39 -51.42 10.42
CA PRO C 232 23.17 -51.80 9.74
C PRO C 232 22.01 -51.99 10.71
N HIS C 233 21.59 -50.87 11.27
CA HIS C 233 20.31 -50.79 11.96
C HIS C 233 19.22 -50.92 10.91
N ARG C 234 18.05 -51.36 11.35
CA ARG C 234 16.97 -51.69 10.43
C ARG C 234 15.60 -51.22 10.94
N LEU C 235 14.73 -50.84 10.00
CA LEU C 235 13.43 -50.29 10.36
C LEU C 235 12.31 -51.28 10.06
N LEU C 236 11.55 -51.62 11.09
CA LEU C 236 10.48 -52.59 10.95
C LEU C 236 9.12 -51.90 11.08
N THR C 237 8.24 -52.07 10.10
CA THR C 237 6.92 -51.44 10.26
C THR C 237 5.75 -52.37 10.00
N LEU C 238 4.64 -52.07 10.65
CA LEU C 238 3.47 -52.93 10.65
C LEU C 238 2.21 -52.17 10.25
N THR C 239 1.64 -52.48 9.08
CA THR C 239 0.42 -51.77 8.70
C THR C 239 -0.81 -52.44 9.29
N LEU C 240 -1.58 -51.69 10.06
CA LEU C 240 -2.79 -52.22 10.65
C LEU C 240 -4.06 -51.71 9.97
N LEU C 241 -4.01 -50.46 9.50
CA LEU C 241 -5.08 -49.86 8.72
C LEU C 241 -4.40 -49.10 7.59
N PRO C 242 -5.07 -48.81 6.47
CA PRO C 242 -4.50 -48.08 5.37
C PRO C 242 -3.98 -46.74 5.86
N SER C 243 -2.76 -46.42 5.45
CA SER C 243 -2.03 -45.21 5.84
C SER C 243 -1.72 -45.17 7.34
N LEU C 244 -2.00 -46.25 8.06
CA LEU C 244 -1.67 -46.33 9.48
C LEU C 244 -0.76 -47.50 9.78
N GLU C 245 0.42 -47.21 10.29
CA GLU C 245 1.35 -48.27 10.63
C GLU C 245 2.16 -47.99 11.87
N LEU C 246 2.58 -49.05 12.52
CA LEU C 246 3.49 -48.94 13.66
C LEU C 246 4.90 -48.94 13.13
N CYS C 247 5.80 -48.23 13.80
CA CYS C 247 7.20 -48.37 13.48
C CYS C 247 8.01 -48.75 14.69
N LEU C 248 8.84 -49.77 14.53
CA LEU C 248 9.80 -50.17 15.55
C LEU C 248 11.19 -49.96 14.99
N LEU C 249 11.98 -49.12 15.63
CA LEU C 249 13.30 -48.83 15.08
C LEU C 249 14.32 -49.67 15.81
N CYS C 250 15.01 -50.52 15.05
CA CYS C 250 15.76 -51.61 15.65
C CYS C 250 17.22 -51.61 15.24
N GLY C 251 18.07 -52.11 16.14
CA GLY C 251 19.41 -52.47 15.74
C GLY C 251 19.30 -53.79 15.02
N PRO C 252 20.42 -54.40 14.64
CA PRO C 252 20.48 -55.72 14.06
C PRO C 252 20.11 -56.84 15.05
N SER C 253 20.19 -56.56 16.34
CA SER C 253 19.94 -57.57 17.37
C SER C 253 18.50 -58.07 17.60
N PRO C 254 17.45 -57.22 17.52
CA PRO C 254 16.04 -57.57 17.71
C PRO C 254 15.54 -58.57 16.65
N PRO C 255 14.92 -59.68 17.07
CA PRO C 255 14.35 -60.73 16.26
C PRO C 255 13.13 -60.26 15.47
N LEU C 256 12.87 -60.93 14.35
CA LEU C 256 11.66 -60.68 13.57
C LEU C 256 10.43 -61.23 14.28
N SER C 257 10.67 -62.02 15.33
CA SER C 257 9.62 -62.58 16.16
C SER C 257 8.95 -61.48 16.98
N GLN C 258 9.61 -60.33 17.07
CA GLN C 258 9.10 -59.18 17.81
C GLN C 258 7.92 -58.56 17.06
N LEU C 259 7.78 -58.91 15.78
CA LEU C 259 6.70 -58.42 14.93
C LEU C 259 5.50 -59.36 14.92
N TYR C 260 5.56 -60.46 15.68
CA TYR C 260 4.46 -61.42 15.67
C TYR C 260 3.18 -60.83 16.30
N PRO C 261 2.00 -61.12 15.73
CA PRO C 261 0.68 -60.70 16.20
C PRO C 261 0.39 -61.22 17.60
N GLN C 262 1.06 -62.30 17.97
CA GLN C 262 0.85 -62.91 19.27
C GLN C 262 1.42 -62.04 20.37
N LEU C 263 2.36 -61.17 20.02
CA LEU C 263 2.89 -60.21 20.97
C LEU C 263 2.22 -58.86 20.82
N LEU C 264 1.90 -58.49 19.58
CA LEU C 264 1.40 -57.15 19.25
C LEU C 264 -0.03 -56.86 19.71
N GLU C 265 -0.89 -57.86 19.66
CA GLU C 265 -2.32 -57.60 19.83
C GLU C 265 -2.67 -57.01 21.18
N ARG C 266 -1.93 -57.37 22.21
CA ARG C 266 -2.27 -56.89 23.54
C ARG C 266 -1.80 -55.46 23.77
N TRP C 267 -0.94 -54.96 22.89
CA TRP C 267 -0.48 -53.58 23.03
C TRP C 267 -1.28 -52.63 22.15
N TRP C 268 -1.89 -53.16 21.10
CA TRP C 268 -2.52 -52.29 20.11
C TRP C 268 -4.03 -52.46 19.96
N GLN C 269 -4.56 -53.64 20.27
CA GLN C 269 -6.01 -53.86 20.14
C GLN C 269 -6.85 -52.89 21.00
N PRO C 270 -6.43 -52.60 22.24
CA PRO C 270 -7.13 -51.71 23.17
C PRO C 270 -7.15 -50.28 22.67
N LEU C 271 -6.28 -49.99 21.71
CA LEU C 271 -6.11 -48.64 21.19
C LEU C 271 -6.89 -48.44 19.91
N LEU C 272 -7.68 -49.42 19.52
CA LEU C 272 -8.30 -49.36 18.21
C LEU C 272 -9.16 -48.12 18.04
N ASP C 273 -9.90 -47.73 19.06
CA ASP C 273 -10.77 -46.58 18.91
C ASP C 273 -10.05 -45.27 18.56
N PRO C 274 -9.03 -44.82 19.32
CA PRO C 274 -8.23 -43.65 19.00
C PRO C 274 -7.34 -43.84 17.77
N LEU C 275 -7.01 -45.09 17.45
CA LEU C 275 -6.24 -45.34 16.23
C LEU C 275 -7.11 -45.11 15.02
N ARG C 276 -8.36 -45.53 15.12
CA ARG C 276 -9.31 -45.32 14.05
C ARG C 276 -9.66 -43.86 13.97
N ALA C 277 -9.70 -43.20 15.12
CA ALA C 277 -10.04 -41.78 15.18
C ALA C 277 -9.00 -40.93 14.48
N CYS C 278 -7.74 -41.36 14.52
CA CYS C 278 -6.67 -40.61 13.86
C CYS C 278 -6.61 -40.87 12.35
N LEU C 279 -7.13 -42.01 11.91
CA LEU C 279 -7.05 -42.36 10.49
C LEU C 279 -7.70 -41.36 9.51
N PRO C 280 -8.94 -40.88 9.73
CA PRO C 280 -9.71 -40.04 8.83
C PRO C 280 -9.15 -38.64 8.77
N LEU C 281 -8.20 -38.34 9.66
CA LEU C 281 -7.65 -37.00 9.67
C LEU C 281 -6.94 -36.74 8.35
N GLY C 282 -6.31 -37.76 7.79
CA GLY C 282 -5.69 -37.56 6.49
C GLY C 282 -4.76 -36.33 6.55
N PRO C 283 -5.01 -35.32 5.71
CA PRO C 283 -4.24 -34.10 5.59
C PRO C 283 -4.29 -33.22 6.85
N ARG C 284 -5.31 -33.41 7.70
CA ARG C 284 -5.38 -32.65 8.94
C ARG C 284 -4.67 -33.36 10.10
N ALA C 285 -4.26 -32.58 11.09
CA ALA C 285 -3.55 -33.11 12.25
C ALA C 285 -4.32 -33.01 13.55
N LEU C 286 -5.43 -32.28 13.56
CA LEU C 286 -6.19 -32.13 14.78
C LEU C 286 -7.32 -33.13 14.86
N PRO C 287 -7.71 -33.55 16.06
CA PRO C 287 -8.76 -34.49 16.36
C PRO C 287 -10.10 -33.92 15.97
N SER C 288 -11.03 -34.79 15.61
CA SER C 288 -12.32 -34.34 15.15
C SER C 288 -13.01 -33.54 16.24
N GLY C 289 -13.63 -32.45 15.84
CA GLY C 289 -14.37 -31.61 16.77
C GLY C 289 -13.50 -30.60 17.51
N PHE C 290 -12.23 -30.48 17.12
CA PHE C 290 -11.37 -29.50 17.78
C PHE C 290 -11.97 -28.11 17.54
N PRO C 291 -12.01 -27.23 18.55
CA PRO C 291 -12.60 -25.90 18.51
C PRO C 291 -11.75 -24.88 17.81
N LEU C 292 -11.57 -25.07 16.52
CA LEU C 292 -10.89 -24.10 15.66
C LEU C 292 -11.81 -22.95 15.31
N HIS C 293 -11.21 -21.80 15.09
CA HIS C 293 -11.92 -20.67 14.52
C HIS C 293 -12.31 -21.01 13.10
N THR C 294 -13.46 -20.54 12.67
CA THR C 294 -14.05 -20.96 11.40
C THR C 294 -13.34 -20.39 10.19
N ASP C 295 -12.49 -19.39 10.39
CA ASP C 295 -11.75 -18.83 9.28
C ASP C 295 -10.47 -19.61 8.99
N ILE C 296 -10.18 -20.63 9.77
CA ILE C 296 -8.94 -21.35 9.55
C ILE C 296 -9.06 -22.34 8.40
N LEU C 297 -8.15 -22.21 7.43
CA LEU C 297 -8.07 -23.08 6.28
C LEU C 297 -7.06 -24.18 6.51
N GLY C 298 -6.13 -23.93 7.43
CA GLY C 298 -5.12 -24.91 7.81
C GLY C 298 -4.13 -24.33 8.81
N LEU C 299 -3.34 -25.21 9.41
CA LEU C 299 -2.35 -24.84 10.42
C LEU C 299 -1.03 -25.53 10.18
N LEU C 300 0.03 -24.87 10.55
CA LEU C 300 1.29 -25.58 10.73
C LEU C 300 1.79 -25.27 12.15
N LEU C 301 1.70 -26.24 13.05
CA LEU C 301 2.09 -25.99 14.43
C LEU C 301 3.43 -26.60 14.75
N LEU C 302 4.40 -25.75 15.05
CA LEU C 302 5.73 -26.22 15.42
C LEU C 302 5.89 -26.20 16.93
N HIS C 303 6.57 -27.19 17.48
CA HIS C 303 7.11 -27.01 18.81
C HIS C 303 8.61 -26.98 18.67
N LEU C 304 9.20 -25.86 19.04
CA LEU C 304 10.59 -25.58 18.70
C LEU C 304 11.55 -26.30 19.62
N GLU C 305 11.12 -26.59 20.85
CA GLU C 305 11.98 -27.28 21.79
C GLU C 305 11.84 -28.78 21.59
N LEU C 306 10.62 -29.20 21.25
CA LEU C 306 10.32 -30.62 21.13
C LEU C 306 10.58 -31.18 19.73
N LYS C 307 10.84 -30.28 18.78
CA LYS C 307 11.18 -30.66 17.41
C LYS C 307 10.12 -31.54 16.78
N ARG C 308 8.87 -31.21 17.03
CA ARG C 308 7.75 -31.92 16.44
C ARG C 308 6.68 -30.93 16.03
N CYS C 309 5.97 -31.24 14.95
CA CYS C 309 5.01 -30.30 14.40
C CYS C 309 3.75 -30.93 13.84
N LEU C 310 2.62 -30.24 13.99
CA LEU C 310 1.39 -30.68 13.38
C LEU C 310 1.19 -30.00 12.04
N PHE C 311 0.75 -30.75 11.05
CA PHE C 311 0.41 -30.14 9.78
C PHE C 311 -1.02 -30.41 9.40
N THR C 312 -1.79 -29.36 9.19
CA THR C 312 -3.15 -29.57 8.74
C THR C 312 -3.58 -28.68 7.60
N VAL C 313 -4.31 -29.28 6.69
CA VAL C 313 -5.14 -28.51 5.78
C VAL C 313 -6.59 -28.89 6.06
N GLU C 314 -7.39 -27.90 6.41
CA GLU C 314 -8.77 -28.13 6.75
C GLU C 314 -9.57 -28.42 5.47
N PRO C 315 -10.39 -29.48 5.45
CA PRO C 315 -11.19 -29.89 4.30
C PRO C 315 -12.44 -29.04 4.12
N LEU C 316 -12.24 -27.76 3.84
CA LEU C 316 -13.34 -26.87 3.51
C LEU C 316 -13.79 -27.12 2.10
N GLY C 317 -15.08 -26.94 1.84
CA GLY C 317 -15.65 -27.22 0.53
C GLY C 317 -15.58 -26.04 -0.44
N ASP C 318 -15.00 -24.92 0.02
CA ASP C 318 -14.94 -23.72 -0.82
C ASP C 318 -13.88 -23.88 -1.89
N LYS C 319 -12.86 -24.66 -1.58
CA LYS C 319 -11.83 -25.10 -2.53
C LYS C 319 -11.03 -23.92 -3.07
N GLU C 320 -11.05 -22.81 -2.36
CA GLU C 320 -10.36 -21.60 -2.76
C GLU C 320 -9.49 -21.07 -1.64
N PRO C 321 -8.19 -21.38 -1.66
CA PRO C 321 -7.40 -22.19 -2.58
C PRO C 321 -7.72 -23.67 -2.47
N SER C 322 -7.36 -24.42 -3.50
CA SER C 322 -7.52 -25.86 -3.46
C SER C 322 -6.54 -26.42 -2.44
N PRO C 323 -6.77 -27.63 -1.90
CA PRO C 323 -5.92 -28.29 -0.93
C PRO C 323 -4.50 -28.43 -1.44
N GLU C 324 -4.34 -28.59 -2.75
CA GLU C 324 -3.00 -28.70 -3.31
C GLU C 324 -2.28 -27.37 -3.15
N GLN C 325 -3.04 -26.29 -3.34
CA GLN C 325 -2.49 -24.96 -3.20
C GLN C 325 -2.28 -24.62 -1.74
N ARG C 326 -3.12 -25.16 -0.87
CA ARG C 326 -3.00 -24.86 0.55
C ARG C 326 -1.74 -25.50 1.11
N ARG C 327 -1.40 -26.68 0.62
CA ARG C 327 -0.19 -27.35 1.05
C ARG C 327 1.01 -26.55 0.60
N ARG C 328 0.91 -26.03 -0.62
CA ARG C 328 1.98 -25.22 -1.17
C ARG C 328 2.14 -23.92 -0.40
N LEU C 329 1.01 -23.33 -0.01
CA LEU C 329 1.04 -22.05 0.67
C LEU C 329 1.64 -22.16 2.06
N LEU C 330 1.33 -23.23 2.77
CA LEU C 330 1.91 -23.39 4.09
C LEU C 330 3.39 -23.70 4.01
N ARG C 331 3.79 -24.47 2.99
CA ARG C 331 5.20 -24.78 2.86
C ARG C 331 6.00 -23.54 2.48
N ASN C 332 5.42 -22.70 1.64
CA ASN C 332 6.11 -21.50 1.22
C ASN C 332 6.15 -20.46 2.33
N PHE C 333 5.10 -20.44 3.15
CA PHE C 333 5.06 -19.49 4.23
C PHE C 333 6.09 -19.86 5.27
N TYR C 334 6.24 -21.15 5.54
CA TYR C 334 7.23 -21.59 6.51
C TYR C 334 8.62 -21.15 6.10
N THR C 335 8.92 -21.25 4.83
CA THR C 335 10.24 -20.88 4.36
C THR C 335 10.47 -19.40 4.60
N LEU C 336 9.42 -18.61 4.46
CA LEU C 336 9.52 -17.18 4.76
C LEU C 336 9.63 -16.92 6.26
N VAL C 337 8.95 -17.73 7.05
CA VAL C 337 8.97 -17.56 8.50
C VAL C 337 10.35 -17.81 9.06
N THR C 338 11.10 -18.70 8.43
CA THR C 338 12.41 -19.03 8.92
C THR C 338 13.46 -18.00 8.55
N SER C 339 13.09 -17.03 7.71
CA SER C 339 14.01 -15.94 7.44
C SER C 339 13.72 -14.75 8.34
N THR C 340 12.70 -14.87 9.19
CA THR C 340 12.38 -13.80 10.13
C THR C 340 12.35 -14.28 11.58
N HIS C 341 11.49 -15.25 11.88
CA HIS C 341 11.36 -15.75 13.25
C HIS C 341 12.48 -16.66 13.69
N PHE C 342 12.94 -17.53 12.80
CA PHE C 342 13.91 -18.52 13.20
C PHE C 342 15.28 -17.88 13.52
N PRO C 343 15.98 -18.29 14.62
CA PRO C 343 17.32 -17.85 14.98
C PRO C 343 18.36 -18.52 14.08
N PRO C 362 6.50 -14.18 21.71
CA PRO C 362 6.71 -12.74 21.71
C PRO C 362 6.89 -12.12 20.30
N ARG C 363 6.63 -12.89 19.23
CA ARG C 363 6.65 -12.35 17.87
C ARG C 363 5.57 -12.96 16.97
N ALA C 364 5.20 -12.23 15.92
CA ALA C 364 4.17 -12.68 15.01
C ALA C 364 4.43 -12.21 13.58
N CYS C 365 3.84 -12.92 12.62
CA CYS C 365 3.97 -12.60 11.20
C CYS C 365 2.66 -12.83 10.47
N TYR C 366 2.35 -11.99 9.49
CA TYR C 366 1.21 -12.30 8.65
C TYR C 366 1.39 -11.85 7.20
N LEU C 367 0.67 -12.52 6.30
CA LEU C 367 0.56 -12.14 4.90
C LEU C 367 -0.89 -11.97 4.48
N VAL C 368 -1.14 -11.10 3.51
CA VAL C 368 -2.41 -11.12 2.82
C VAL C 368 -2.17 -11.29 1.34
N LEU C 369 -2.80 -12.29 0.76
CA LEU C 369 -2.65 -12.56 -0.67
C LEU C 369 -3.85 -12.06 -1.46
N GLY C 370 -3.67 -11.86 -2.76
CA GLY C 370 -4.79 -11.56 -3.65
C GLY C 370 -4.83 -10.13 -4.18
N THR C 371 -5.73 -9.92 -5.13
CA THR C 371 -5.98 -8.66 -5.82
C THR C 371 -6.79 -7.72 -4.94
N GLU C 372 -7.01 -6.49 -5.41
CA GLU C 372 -7.53 -5.40 -4.60
C GLU C 372 -8.89 -5.73 -3.97
N GLU C 373 -9.74 -6.45 -4.68
CA GLU C 373 -11.05 -6.82 -4.16
C GLU C 373 -10.90 -7.86 -3.04
N PRO C 374 -11.83 -7.92 -2.09
CA PRO C 374 -11.93 -8.94 -1.06
C PRO C 374 -12.33 -10.26 -1.69
N GLY C 375 -11.92 -11.37 -1.07
CA GLY C 375 -12.29 -12.69 -1.58
C GLY C 375 -11.32 -13.17 -2.64
N THR C 376 -10.24 -12.42 -2.81
CA THR C 376 -9.25 -12.67 -3.86
C THR C 376 -8.06 -13.51 -3.41
N GLY C 377 -7.91 -13.71 -2.10
CA GLY C 377 -6.78 -14.50 -1.62
C GLY C 377 -6.80 -14.68 -0.12
N VAL C 378 -5.96 -15.58 0.35
CA VAL C 378 -5.86 -15.97 1.74
C VAL C 378 -5.08 -15.03 2.63
N ARG C 379 -5.42 -15.07 3.90
CA ARG C 379 -4.63 -14.44 4.94
C ARG C 379 -3.70 -15.50 5.53
N LEU C 380 -2.49 -15.14 5.90
CA LEU C 380 -1.64 -16.08 6.62
C LEU C 380 -1.10 -15.43 7.88
N VAL C 381 -1.00 -16.18 8.96
CA VAL C 381 -0.47 -15.62 10.20
C VAL C 381 0.53 -16.58 10.85
N ALA C 382 1.42 -16.05 11.67
CA ALA C 382 2.25 -16.90 12.50
C ALA C 382 2.54 -16.22 13.81
N LEU C 383 2.68 -17.00 14.87
CA LEU C 383 3.14 -16.44 16.13
C LEU C 383 4.06 -17.39 16.87
N GLN C 384 5.08 -16.85 17.52
CA GLN C 384 5.90 -17.65 18.40
C GLN C 384 5.67 -17.28 19.83
N LEU C 385 5.28 -18.26 20.64
CA LEU C 385 5.07 -18.07 22.06
C LEU C 385 5.41 -19.35 22.84
N GLY C 386 6.24 -19.25 23.87
CA GLY C 386 6.44 -20.40 24.76
C GLY C 386 7.25 -21.53 24.10
N LEU C 387 8.11 -21.17 23.17
CA LEU C 387 8.91 -22.13 22.41
C LEU C 387 8.07 -23.03 21.53
N ARG C 388 6.88 -22.58 21.19
CA ARG C 388 6.14 -23.21 20.12
C ARG C 388 5.72 -22.12 19.15
N ARG C 389 5.69 -22.43 17.87
CA ARG C 389 5.33 -21.44 16.89
C ARG C 389 4.24 -21.96 15.99
N LEU C 390 3.16 -21.22 15.88
CA LEU C 390 2.04 -21.64 15.05
C LEU C 390 1.94 -20.80 13.80
N LEU C 391 1.75 -21.48 12.67
CA LEU C 391 1.45 -20.86 11.39
C LEU C 391 0.00 -21.11 11.04
N LEU C 392 -0.61 -20.13 10.41
CA LEU C 392 -2.03 -20.13 10.13
C LEU C 392 -2.34 -19.79 8.69
N LEU C 393 -3.18 -20.60 8.06
CA LEU C 393 -3.74 -20.25 6.78
C LEU C 393 -5.20 -19.88 7.04
N LEU C 394 -5.59 -18.69 6.62
CA LEU C 394 -6.90 -18.12 6.95
C LEU C 394 -7.73 -17.76 5.74
N SER C 395 -9.05 -17.79 5.93
CA SER C 395 -10.02 -17.45 4.93
C SER C 395 -9.83 -15.99 4.52
N PRO C 396 -10.24 -15.64 3.30
CA PRO C 396 -10.19 -14.30 2.73
C PRO C 396 -11.10 -13.33 3.46
N GLN C 397 -12.04 -13.86 4.24
CA GLN C 397 -12.94 -13.03 5.00
C GLN C 397 -12.33 -12.53 6.29
N SER C 398 -11.20 -13.09 6.70
CA SER C 398 -10.62 -12.74 7.99
C SER C 398 -10.21 -11.27 8.05
N PRO C 399 -10.53 -10.57 9.16
CA PRO C 399 -10.16 -9.20 9.43
C PRO C 399 -8.66 -9.12 9.60
N THR C 400 -8.03 -8.09 9.06
CA THR C 400 -6.59 -8.03 9.12
C THR C 400 -6.07 -7.43 10.42
N HIS C 401 -6.91 -6.67 11.11
CA HIS C 401 -6.53 -6.10 12.40
C HIS C 401 -6.73 -7.09 13.54
N GLY C 402 -7.56 -8.08 13.31
CA GLY C 402 -7.94 -9.04 14.34
C GLY C 402 -7.02 -10.23 14.37
N LEU C 403 -6.00 -10.22 13.53
CA LEU C 403 -5.19 -11.40 13.32
C LEU C 403 -4.40 -11.79 14.56
N ARG C 404 -3.92 -10.81 15.31
CA ARG C 404 -3.08 -11.19 16.44
C ARG C 404 -3.86 -11.85 17.55
N SER C 405 -5.07 -11.34 17.81
CA SER C 405 -5.83 -11.90 18.92
C SER C 405 -6.38 -13.25 18.51
N LEU C 406 -6.60 -13.41 17.21
CA LEU C 406 -7.04 -14.69 16.70
C LEU C 406 -5.93 -15.69 16.85
N ALA C 407 -4.72 -15.25 16.54
CA ALA C 407 -3.57 -16.11 16.63
C ALA C 407 -3.28 -16.48 18.08
N THR C 408 -3.54 -15.56 18.98
CA THR C 408 -3.30 -15.78 20.39
C THR C 408 -4.24 -16.81 20.96
N HIS C 409 -5.52 -16.72 20.57
CA HIS C 409 -6.50 -17.66 21.08
C HIS C 409 -6.27 -19.04 20.49
N THR C 410 -5.85 -19.08 19.23
CA THR C 410 -5.64 -20.35 18.59
C THR C 410 -4.46 -21.06 19.23
N LEU C 411 -3.42 -20.31 19.58
CA LEU C 411 -2.27 -20.92 20.21
C LEU C 411 -2.64 -21.46 21.57
N HIS C 412 -3.49 -20.73 22.29
CA HIS C 412 -3.85 -21.18 23.63
C HIS C 412 -4.61 -22.48 23.57
N ALA C 413 -5.44 -22.64 22.55
CA ALA C 413 -6.18 -23.87 22.37
C ALA C 413 -5.24 -25.03 22.05
N LEU C 414 -4.15 -24.71 21.36
CA LEU C 414 -3.18 -25.73 20.94
C LEU C 414 -2.05 -25.91 21.95
N THR C 415 -1.92 -24.98 22.87
CA THR C 415 -0.91 -25.03 23.91
C THR C 415 -0.87 -26.35 24.68
N PRO C 416 -2.01 -26.91 25.12
CA PRO C 416 -2.08 -28.16 25.86
C PRO C 416 -1.75 -29.38 25.01
N LEU C 417 -1.72 -29.21 23.68
CA LEU C 417 -1.50 -30.38 22.82
C LEU C 417 -0.02 -30.69 22.61
N LEU C 418 0.82 -29.65 22.49
CA LEU C 418 2.29 -29.79 22.38
C LEU C 418 2.99 -29.07 23.54
#